data_4HDV
# 
_entry.id   4HDV 
# 
_audit_conform.dict_name       mmcif_pdbx.dic 
_audit_conform.dict_version    5.379 
_audit_conform.dict_location   http://mmcif.pdb.org/dictionaries/ascii/mmcif_pdbx.dic 
# 
loop_
_database_2.database_id 
_database_2.database_code 
_database_2.pdbx_database_accession 
_database_2.pdbx_DOI 
PDB   4HDV         pdb_00004hdv 10.2210/pdb4hdv/pdb 
NDB   NA2047       ?            ?                   
RCSB  RCSB075342   ?            ?                   
WWPDB D_1000075342 ?            ?                   
# 
_pdbx_database_related.db_name        PDB 
_pdbx_database_related.db_id          4HDU 
_pdbx_database_related.details        . 
_pdbx_database_related.content_type   unspecified 
# 
_pdbx_database_status.status_code                     REL 
_pdbx_database_status.entry_id                        4HDV 
_pdbx_database_status.recvd_initial_deposition_date   2012-10-02 
_pdbx_database_status.deposit_site                    RCSB 
_pdbx_database_status.process_site                    RCSB 
_pdbx_database_status.status_code_sf                  REL 
_pdbx_database_status.status_code_mr                  ? 
_pdbx_database_status.SG_entry                        ? 
_pdbx_database_status.status_code_cs                  ? 
_pdbx_database_status.methods_development_category    ? 
_pdbx_database_status.pdb_format_compatible           Y 
_pdbx_database_status.status_code_nmr_data            ? 
# 
loop_
_audit_author.name 
_audit_author.pdbx_ordinal 
'Tubbs, J.L.'  1 
'Tainer, J.A.' 2 
# 
_citation.id                        primary 
_citation.title                     
'Alkyltransferase-like protein (Atl1) distinguishes alkylated guanines for DNA repair using cation-{pi} interactions.' 
_citation.journal_abbrev            Proc.Natl.Acad.Sci.USA 
_citation.journal_volume            109 
_citation.page_first                18755 
_citation.page_last                 18760 
_citation.year                      2012 
_citation.journal_id_ASTM           PNASA6 
_citation.country                   US 
_citation.journal_id_ISSN           0027-8424 
_citation.journal_id_CSD            0040 
_citation.book_publisher            ? 
_citation.pdbx_database_id_PubMed   23112169 
_citation.pdbx_database_id_DOI      10.1073/pnas.1209451109 
# 
loop_
_citation_author.citation_id 
_citation_author.name 
_citation_author.ordinal 
_citation_author.identifier_ORCID 
primary 'Wilkinson, O.J.'  1  ? 
primary 'Latypov, V.'      2  ? 
primary 'Tubbs, J.L.'      3  ? 
primary 'Millington, C.L.' 4  ? 
primary 'Morita, R.'       5  ? 
primary 'Blackburn, H.'    6  ? 
primary 'Marriott, A.'     7  ? 
primary 'McGown, G.'       8  ? 
primary 'Thorncroft, M.'   9  ? 
primary 'Watson, A.J.'     10 ? 
primary 'Connolly, B.A.'   11 ? 
primary 'Grasby, J.A.'     12 ? 
primary 'Masui, R.'        13 ? 
primary 'Hunter, C.A.'     14 ? 
primary 'Tainer, J.A.'     15 ? 
primary 'Margison, G.P.'   16 ? 
primary 'Williams, D.M.'   17 ? 
# 
_cell.entry_id           4HDV 
_cell.length_a           59.505 
_cell.length_b           59.505 
_cell.length_c           237.350 
_cell.angle_alpha        90.00 
_cell.angle_beta         90.00 
_cell.angle_gamma        120.00 
_cell.Z_PDB              12 
_cell.pdbx_unique_axis   ? 
_cell.length_a_esd       ? 
_cell.length_b_esd       ? 
_cell.length_c_esd       ? 
_cell.angle_alpha_esd    ? 
_cell.angle_beta_esd     ? 
_cell.angle_gamma_esd    ? 
# 
_symmetry.entry_id                         4HDV 
_symmetry.space_group_name_H-M             'P 61 2 2' 
_symmetry.pdbx_full_space_group_name_H-M   ? 
_symmetry.cell_setting                     ? 
_symmetry.Int_Tables_number                178 
_symmetry.space_group_name_Hall            ? 
# 
loop_
_entity.id 
_entity.type 
_entity.src_method 
_entity.pdbx_description 
_entity.formula_weight 
_entity.pdbx_number_of_molecules 
_entity.pdbx_ec 
_entity.pdbx_mutation 
_entity.pdbx_fragment 
_entity.details 
1 polymer man 'Alkyltransferase-like protein 1'                     13662.412 1 ? ? ? ? 
2 polymer syn "5'-D(*GP*CP*CP*AP*TP*GP*(1AP)P*CP*TP*AP*GP*TP*A)-3'" 3990.625  1 ? ? ? ? 
3 polymer syn "5'-D(*CP*TP*AP*CP*TP*AP*GP*CP*CP*AP*TP*GP*G)-3'"     3951.586  1 ? ? ? ? 
4 water   nat water                                                 18.015    1 ? ? ? ? 
# 
_entity_name_com.entity_id   1 
_entity_name_com.name        ATL1 
# 
loop_
_entity_poly.entity_id 
_entity_poly.type 
_entity_poly.nstd_linkage 
_entity_poly.nstd_monomer 
_entity_poly.pdbx_seq_one_letter_code 
_entity_poly.pdbx_seq_one_letter_code_can 
_entity_poly.pdbx_strand_id 
_entity_poly.pdbx_target_identifier 
1 'polypeptide(L)'        no no  
;MRMDEFYTKVYDAVCEIPYGKVSTYGEIARYVGMPSYARQVGQAMKHLHPETHVPWHRVINSRGTISKRDISAGEQRQKD
RLEEEGVEIYQTSLGEYKLNLPEYMWKPGSHHHHHH
;
;MRMDEFYTKVYDAVCEIPYGKVSTYGEIARYVGMPSYARQVGQAMKHLHPETHVPWHRVINSRGTISKRDISAGEQRQKD
RLEEEGVEIYQTSLGEYKLNLPEYMWKPGSHHHHHH
;
A ? 
2 polydeoxyribonucleotide no yes '(DG)(DC)(DC)(DA)(DT)(DG)(1AP)(DC)(DT)(DA)(DG)(DT)(DA)' GCCATGACTAGTA B ? 
3 polydeoxyribonucleotide no no  '(DC)(DT)(DA)(DC)(DT)(DA)(DG)(DC)(DC)(DA)(DT)(DG)(DG)' CTACTAGCCATGG C ? 
# 
loop_
_entity_poly_seq.entity_id 
_entity_poly_seq.num 
_entity_poly_seq.mon_id 
_entity_poly_seq.hetero 
1 1   MET n 
1 2   ARG n 
1 3   MET n 
1 4   ASP n 
1 5   GLU n 
1 6   PHE n 
1 7   TYR n 
1 8   THR n 
1 9   LYS n 
1 10  VAL n 
1 11  TYR n 
1 12  ASP n 
1 13  ALA n 
1 14  VAL n 
1 15  CYS n 
1 16  GLU n 
1 17  ILE n 
1 18  PRO n 
1 19  TYR n 
1 20  GLY n 
1 21  LYS n 
1 22  VAL n 
1 23  SER n 
1 24  THR n 
1 25  TYR n 
1 26  GLY n 
1 27  GLU n 
1 28  ILE n 
1 29  ALA n 
1 30  ARG n 
1 31  TYR n 
1 32  VAL n 
1 33  GLY n 
1 34  MET n 
1 35  PRO n 
1 36  SER n 
1 37  TYR n 
1 38  ALA n 
1 39  ARG n 
1 40  GLN n 
1 41  VAL n 
1 42  GLY n 
1 43  GLN n 
1 44  ALA n 
1 45  MET n 
1 46  LYS n 
1 47  HIS n 
1 48  LEU n 
1 49  HIS n 
1 50  PRO n 
1 51  GLU n 
1 52  THR n 
1 53  HIS n 
1 54  VAL n 
1 55  PRO n 
1 56  TRP n 
1 57  HIS n 
1 58  ARG n 
1 59  VAL n 
1 60  ILE n 
1 61  ASN n 
1 62  SER n 
1 63  ARG n 
1 64  GLY n 
1 65  THR n 
1 66  ILE n 
1 67  SER n 
1 68  LYS n 
1 69  ARG n 
1 70  ASP n 
1 71  ILE n 
1 72  SER n 
1 73  ALA n 
1 74  GLY n 
1 75  GLU n 
1 76  GLN n 
1 77  ARG n 
1 78  GLN n 
1 79  LYS n 
1 80  ASP n 
1 81  ARG n 
1 82  LEU n 
1 83  GLU n 
1 84  GLU n 
1 85  GLU n 
1 86  GLY n 
1 87  VAL n 
1 88  GLU n 
1 89  ILE n 
1 90  TYR n 
1 91  GLN n 
1 92  THR n 
1 93  SER n 
1 94  LEU n 
1 95  GLY n 
1 96  GLU n 
1 97  TYR n 
1 98  LYS n 
1 99  LEU n 
1 100 ASN n 
1 101 LEU n 
1 102 PRO n 
1 103 GLU n 
1 104 TYR n 
1 105 MET n 
1 106 TRP n 
1 107 LYS n 
1 108 PRO n 
1 109 GLY n 
1 110 SER n 
1 111 HIS n 
1 112 HIS n 
1 113 HIS n 
1 114 HIS n 
1 115 HIS n 
1 116 HIS n 
2 1   DG  n 
2 2   DC  n 
2 3   DC  n 
2 4   DA  n 
2 5   DT  n 
2 6   DG  n 
2 7   1AP n 
2 8   DC  n 
2 9   DT  n 
2 10  DA  n 
2 11  DG  n 
2 12  DT  n 
2 13  DA  n 
3 1   DC  n 
3 2   DT  n 
3 3   DA  n 
3 4   DC  n 
3 5   DT  n 
3 6   DA  n 
3 7   DG  n 
3 8   DC  n 
3 9   DC  n 
3 10  DA  n 
3 11  DT  n 
3 12  DG  n 
3 13  DG  n 
# 
_entity_src_gen.entity_id                          1 
_entity_src_gen.pdbx_src_id                        1 
_entity_src_gen.pdbx_alt_source_flag               sample 
_entity_src_gen.pdbx_seq_type                      ? 
_entity_src_gen.pdbx_beg_seq_num                   ? 
_entity_src_gen.pdbx_end_seq_num                   ? 
_entity_src_gen.gene_src_common_name               'Fission yeast' 
_entity_src_gen.gene_src_genus                     ? 
_entity_src_gen.pdbx_gene_src_gene                 'atl1, SPAC1250.04c' 
_entity_src_gen.gene_src_species                   ? 
_entity_src_gen.gene_src_strain                    ? 
_entity_src_gen.gene_src_tissue                    ? 
_entity_src_gen.gene_src_tissue_fraction           ? 
_entity_src_gen.gene_src_details                   ? 
_entity_src_gen.pdbx_gene_src_fragment             ? 
_entity_src_gen.pdbx_gene_src_scientific_name      'Schizosaccharomyces pombe' 
_entity_src_gen.pdbx_gene_src_ncbi_taxonomy_id     4896 
_entity_src_gen.pdbx_gene_src_variant              ? 
_entity_src_gen.pdbx_gene_src_cell_line            ? 
_entity_src_gen.pdbx_gene_src_atcc                 ? 
_entity_src_gen.pdbx_gene_src_organ                ? 
_entity_src_gen.pdbx_gene_src_organelle            ? 
_entity_src_gen.pdbx_gene_src_cell                 ? 
_entity_src_gen.pdbx_gene_src_cellular_location    ? 
_entity_src_gen.host_org_common_name               ? 
_entity_src_gen.pdbx_host_org_scientific_name      'Escherichia coli' 
_entity_src_gen.pdbx_host_org_ncbi_taxonomy_id     562 
_entity_src_gen.host_org_genus                     ? 
_entity_src_gen.pdbx_host_org_gene                 ? 
_entity_src_gen.pdbx_host_org_organ                ? 
_entity_src_gen.host_org_species                   ? 
_entity_src_gen.pdbx_host_org_tissue               ? 
_entity_src_gen.pdbx_host_org_tissue_fraction      ? 
_entity_src_gen.pdbx_host_org_strain               ? 
_entity_src_gen.pdbx_host_org_variant              ? 
_entity_src_gen.pdbx_host_org_cell_line            ? 
_entity_src_gen.pdbx_host_org_atcc                 ? 
_entity_src_gen.pdbx_host_org_culture_collection   ? 
_entity_src_gen.pdbx_host_org_cell                 ? 
_entity_src_gen.pdbx_host_org_organelle            ? 
_entity_src_gen.pdbx_host_org_cellular_location    ? 
_entity_src_gen.pdbx_host_org_vector_type          ? 
_entity_src_gen.pdbx_host_org_vector               ? 
_entity_src_gen.host_org_details                   ? 
_entity_src_gen.expression_system_id               ? 
_entity_src_gen.plasmid_name                       ? 
_entity_src_gen.plasmid_details                    ? 
_entity_src_gen.pdbx_description                   ? 
# 
loop_
_struct_ref.id 
_struct_ref.db_name 
_struct_ref.db_code 
_struct_ref.pdbx_db_accession 
_struct_ref.entity_id 
_struct_ref.pdbx_seq_one_letter_code 
_struct_ref.pdbx_align_begin 
_struct_ref.pdbx_db_isoform 
1 UNP ATL1_SCHPO Q9UTN9 1 
;MRMDEFYTKVYDAVCEIPYGKVSTYGEIARYVGMPSYARQVGQAMKHLHPETHVPWHRVINSRGTISKRDISAGEQRQKD
RLEEEGVEIYQTSLGEYKLNLPEYMWKP
;
1 ? 
2 PDB 4HDV       4HDV   2 'GCCATG(1AP)CTAGTA' 2 ? 
3 PDB 4HDV       4HDV   3 CTACTAGCCATGG 3 ? 
# 
loop_
_struct_ref_seq.align_id 
_struct_ref_seq.ref_id 
_struct_ref_seq.pdbx_PDB_id_code 
_struct_ref_seq.pdbx_strand_id 
_struct_ref_seq.seq_align_beg 
_struct_ref_seq.pdbx_seq_align_beg_ins_code 
_struct_ref_seq.seq_align_end 
_struct_ref_seq.pdbx_seq_align_end_ins_code 
_struct_ref_seq.pdbx_db_accession 
_struct_ref_seq.db_align_beg 
_struct_ref_seq.pdbx_db_align_beg_ins_code 
_struct_ref_seq.db_align_end 
_struct_ref_seq.pdbx_db_align_end_ins_code 
_struct_ref_seq.pdbx_auth_seq_align_beg 
_struct_ref_seq.pdbx_auth_seq_align_end 
1 1 4HDV A 1 ? 108 ? Q9UTN9 1  ? 108 ? 1  108 
2 2 4HDV B 1 ? 13  ? 4HDV   1  ? 13  ? 1  13  
3 3 4HDV C 1 ? 13  ? 4HDV   14 ? 26  ? 14 26  
# 
loop_
_struct_ref_seq_dif.align_id 
_struct_ref_seq_dif.pdbx_pdb_id_code 
_struct_ref_seq_dif.mon_id 
_struct_ref_seq_dif.pdbx_pdb_strand_id 
_struct_ref_seq_dif.seq_num 
_struct_ref_seq_dif.pdbx_pdb_ins_code 
_struct_ref_seq_dif.pdbx_seq_db_name 
_struct_ref_seq_dif.pdbx_seq_db_accession_code 
_struct_ref_seq_dif.db_mon_id 
_struct_ref_seq_dif.pdbx_seq_db_seq_num 
_struct_ref_seq_dif.details 
_struct_ref_seq_dif.pdbx_auth_seq_num 
_struct_ref_seq_dif.pdbx_ordinal 
1 4HDV GLY A 109 ? UNP Q9UTN9 ? ? 'expression tag' 109 1 
1 4HDV SER A 110 ? UNP Q9UTN9 ? ? 'expression tag' 110 2 
1 4HDV HIS A 111 ? UNP Q9UTN9 ? ? 'expression tag' 111 3 
1 4HDV HIS A 112 ? UNP Q9UTN9 ? ? 'expression tag' 112 4 
1 4HDV HIS A 113 ? UNP Q9UTN9 ? ? 'expression tag' 113 5 
1 4HDV HIS A 114 ? UNP Q9UTN9 ? ? 'expression tag' 114 6 
1 4HDV HIS A 115 ? UNP Q9UTN9 ? ? 'expression tag' 115 7 
1 4HDV HIS A 116 ? UNP Q9UTN9 ? ? 'expression tag' 116 8 
# 
loop_
_chem_comp.id 
_chem_comp.type 
_chem_comp.mon_nstd_flag 
_chem_comp.name 
_chem_comp.pdbx_synonyms 
_chem_comp.formula 
_chem_comp.formula_weight 
1AP 'DNA linking'       n '2,6-DIAMINOPURINE NUCLEOTIDE'       ? 'C10 H15 N6 O6 P' 346.236 
ALA 'L-peptide linking' y ALANINE                              ? 'C3 H7 N O2'      89.093  
ARG 'L-peptide linking' y ARGININE                             ? 'C6 H15 N4 O2 1'  175.209 
ASN 'L-peptide linking' y ASPARAGINE                           ? 'C4 H8 N2 O3'     132.118 
ASP 'L-peptide linking' y 'ASPARTIC ACID'                      ? 'C4 H7 N O4'      133.103 
CYS 'L-peptide linking' y CYSTEINE                             ? 'C3 H7 N O2 S'    121.158 
DA  'DNA linking'       y "2'-DEOXYADENOSINE-5'-MONOPHOSPHATE" ? 'C10 H14 N5 O6 P' 331.222 
DC  'DNA linking'       y "2'-DEOXYCYTIDINE-5'-MONOPHOSPHATE"  ? 'C9 H14 N3 O7 P'  307.197 
DG  'DNA linking'       y "2'-DEOXYGUANOSINE-5'-MONOPHOSPHATE" ? 'C10 H14 N5 O7 P' 347.221 
DT  'DNA linking'       y "THYMIDINE-5'-MONOPHOSPHATE"         ? 'C10 H15 N2 O8 P' 322.208 
GLN 'L-peptide linking' y GLUTAMINE                            ? 'C5 H10 N2 O3'    146.144 
GLU 'L-peptide linking' y 'GLUTAMIC ACID'                      ? 'C5 H9 N O4'      147.129 
GLY 'peptide linking'   y GLYCINE                              ? 'C2 H5 N O2'      75.067  
HIS 'L-peptide linking' y HISTIDINE                            ? 'C6 H10 N3 O2 1'  156.162 
HOH non-polymer         . WATER                                ? 'H2 O'            18.015  
ILE 'L-peptide linking' y ISOLEUCINE                           ? 'C6 H13 N O2'     131.173 
LEU 'L-peptide linking' y LEUCINE                              ? 'C6 H13 N O2'     131.173 
LYS 'L-peptide linking' y LYSINE                               ? 'C6 H15 N2 O2 1'  147.195 
MET 'L-peptide linking' y METHIONINE                           ? 'C5 H11 N O2 S'   149.211 
PHE 'L-peptide linking' y PHENYLALANINE                        ? 'C9 H11 N O2'     165.189 
PRO 'L-peptide linking' y PROLINE                              ? 'C5 H9 N O2'      115.130 
SER 'L-peptide linking' y SERINE                               ? 'C3 H7 N O3'      105.093 
THR 'L-peptide linking' y THREONINE                            ? 'C4 H9 N O3'      119.119 
TRP 'L-peptide linking' y TRYPTOPHAN                           ? 'C11 H12 N2 O2'   204.225 
TYR 'L-peptide linking' y TYROSINE                             ? 'C9 H11 N O3'     181.189 
VAL 'L-peptide linking' y VALINE                               ? 'C5 H11 N O2'     117.146 
# 
_exptl.entry_id          4HDV 
_exptl.method            'X-RAY DIFFRACTION' 
_exptl.crystals_number   1 
# 
_exptl_crystal.id                    1 
_exptl_crystal.density_meas          ? 
_exptl_crystal.density_Matthews      2.81 
_exptl_crystal.density_percent_sol   56.19 
_exptl_crystal.description           ? 
_exptl_crystal.F_000                 ? 
_exptl_crystal.preparation           ? 
# 
_exptl_crystal_grow.crystal_id      1 
_exptl_crystal_grow.method          'VAPOR DIFFUSION, HANGING DROP' 
_exptl_crystal_grow.temp            288 
_exptl_crystal_grow.temp_details    ? 
_exptl_crystal_grow.pH              5.4 
_exptl_crystal_grow.pdbx_details    
'20% mPEG2000, 0.5 M sodium formate, 200 mM imidazole-malate, 30% xylose, pH 5.4, VAPOR DIFFUSION, HANGING DROP, temperature 288K' 
_exptl_crystal_grow.pdbx_pH_range   ? 
# 
_diffrn.id                     1 
_diffrn.ambient_temp           100 
_diffrn.ambient_temp_details   ? 
_diffrn.crystal_id             1 
# 
_diffrn_detector.diffrn_id              1 
_diffrn_detector.detector               CCD 
_diffrn_detector.type                   'MARMOSAIC 325 mm CCD' 
_diffrn_detector.pdbx_collection_date   2011-05-21 
_diffrn_detector.details                ? 
# 
_diffrn_radiation.diffrn_id                        1 
_diffrn_radiation.wavelength_id                    1 
_diffrn_radiation.pdbx_monochromatic_or_laue_m_l   M 
_diffrn_radiation.monochromator                    'Side scattering bent cube-root I-beam single crystal' 
_diffrn_radiation.pdbx_diffrn_protocol             'SINGLE WAVELENGTH' 
_diffrn_radiation.pdbx_scattering_type             x-ray 
# 
_diffrn_radiation_wavelength.id           1 
_diffrn_radiation_wavelength.wavelength   0.97945 
_diffrn_radiation_wavelength.wt           1.0 
# 
_diffrn_source.diffrn_id                   1 
_diffrn_source.source                      SYNCHROTRON 
_diffrn_source.type                        'SSRL BEAMLINE BL11-1' 
_diffrn_source.pdbx_synchrotron_site       SSRL 
_diffrn_source.pdbx_synchrotron_beamline   BL11-1 
_diffrn_source.pdbx_wavelength             ? 
_diffrn_source.pdbx_wavelength_list        0.97945 
# 
_reflns.entry_id                     4HDV 
_reflns.observed_criterion_sigma_I   -3 
_reflns.observed_criterion_sigma_F   0 
_reflns.d_resolution_low             50.0 
_reflns.d_resolution_high            2.7 
_reflns.number_obs                   7480 
_reflns.number_all                   7486 
_reflns.percent_possible_obs         99.9 
_reflns.pdbx_Rmerge_I_obs            0.056 
_reflns.pdbx_Rsym_value              ? 
_reflns.pdbx_netI_over_sigmaI        74.4 
_reflns.B_iso_Wilson_estimate        ? 
_reflns.pdbx_redundancy              26.2 
_reflns.R_free_details               ? 
_reflns.limit_h_max                  ? 
_reflns.limit_h_min                  ? 
_reflns.limit_k_max                  ? 
_reflns.limit_k_min                  ? 
_reflns.limit_l_max                  ? 
_reflns.limit_l_min                  ? 
_reflns.observed_criterion_F_max     ? 
_reflns.observed_criterion_F_min     ? 
_reflns.pdbx_chi_squared             ? 
_reflns.pdbx_scaling_rejects         ? 
_reflns.pdbx_ordinal                 1 
_reflns.pdbx_diffrn_id               1 
# 
_reflns_shell.d_res_high             2.7 
_reflns_shell.d_res_low              2.8 
_reflns_shell.percent_possible_all   100 
_reflns_shell.Rmerge_I_obs           0.405 
_reflns_shell.pdbx_Rsym_value        ? 
_reflns_shell.meanI_over_sigI_obs    9.6 
_reflns_shell.pdbx_redundancy        27.6 
_reflns_shell.percent_possible_obs   ? 
_reflns_shell.number_unique_all      ? 
_reflns_shell.number_measured_all    ? 
_reflns_shell.number_measured_obs    ? 
_reflns_shell.number_unique_obs      ? 
_reflns_shell.pdbx_chi_squared       ? 
_reflns_shell.pdbx_ordinal           1 
_reflns_shell.pdbx_diffrn_id         1 
# 
_refine.entry_id                                 4HDV 
_refine.ls_number_reflns_obs                     7353 
_refine.ls_number_reflns_all                     7353 
_refine.pdbx_ls_sigma_I                          ? 
_refine.pdbx_ls_sigma_F                          0.15 
_refine.pdbx_data_cutoff_high_absF               ? 
_refine.pdbx_data_cutoff_low_absF                ? 
_refine.pdbx_data_cutoff_high_rms_absF           ? 
_refine.ls_d_res_low                             43.181 
_refine.ls_d_res_high                            2.702 
_refine.ls_percent_reflns_obs                    98.26 
_refine.ls_R_factor_obs                          0.2180 
_refine.ls_R_factor_all                          ? 
_refine.ls_R_factor_R_work                       0.2162 
_refine.ls_R_factor_R_free                       0.2519 
_refine.ls_R_factor_R_free_error                 ? 
_refine.ls_R_factor_R_free_error_details         ? 
_refine.ls_percent_reflns_R_free                 5.02 
_refine.ls_number_reflns_R_free                  369 
_refine.ls_number_parameters                     ? 
_refine.ls_number_restraints                     ? 
_refine.occupancy_min                            ? 
_refine.occupancy_max                            ? 
_refine.correlation_coeff_Fo_to_Fc               ? 
_refine.correlation_coeff_Fo_to_Fc_free          ? 
_refine.B_iso_mean                               ? 
_refine.aniso_B[1][1]                            6.7522 
_refine.aniso_B[2][2]                            6.7522 
_refine.aniso_B[3][3]                            -13.5044 
_refine.aniso_B[1][2]                            -0.0000 
_refine.aniso_B[1][3]                            -0.0000 
_refine.aniso_B[2][3]                            -0.0000 
_refine.solvent_model_details                    'FLAT BULK SOLVENT MODEL' 
_refine.solvent_model_param_ksol                 0.385 
_refine.solvent_model_param_bsol                 42.850 
_refine.pdbx_solvent_vdw_probe_radii             1.11 
_refine.pdbx_solvent_ion_probe_radii             ? 
_refine.pdbx_solvent_shrinkage_radii             0.90 
_refine.pdbx_ls_cross_valid_method               ? 
_refine.details                                  ? 
_refine.pdbx_starting_model                      'PDB ENTRY 3GVA' 
_refine.pdbx_method_to_determine_struct          'MOLECULAR REPLACEMENT' 
_refine.pdbx_isotropic_thermal_model             ? 
_refine.pdbx_stereochemistry_target_values       ML 
_refine.pdbx_stereochem_target_val_spec_case     ? 
_refine.pdbx_R_Free_selection_details            RANDOM 
_refine.pdbx_overall_ESU_R                       ? 
_refine.pdbx_overall_ESU_R_Free                  ? 
_refine.overall_SU_ML                            0.30 
_refine.pdbx_overall_phase_error                 25.56 
_refine.overall_SU_B                             ? 
_refine.overall_SU_R_Cruickshank_DPI             ? 
_refine.ls_redundancy_reflns_obs                 ? 
_refine.B_iso_min                                ? 
_refine.B_iso_max                                ? 
_refine.overall_SU_R_free                        ? 
_refine.ls_wR_factor_R_free                      ? 
_refine.ls_wR_factor_R_work                      ? 
_refine.overall_FOM_free_R_set                   ? 
_refine.overall_FOM_work_R_set                   ? 
_refine.pdbx_diffrn_id                           1 
_refine.pdbx_refine_id                           'X-RAY DIFFRACTION' 
_refine.pdbx_TLS_residual_ADP_flag               ? 
_refine.pdbx_overall_SU_R_free_Cruickshank_DPI   ? 
_refine.pdbx_overall_SU_R_Blow_DPI               ? 
_refine.pdbx_overall_SU_R_free_Blow_DPI          ? 
# 
_refine_hist.pdbx_refine_id                   'X-RAY DIFFRACTION' 
_refine_hist.cycle_id                         LAST 
_refine_hist.pdbx_number_atoms_protein        890 
_refine_hist.pdbx_number_atoms_nucleic_acid   527 
_refine_hist.pdbx_number_atoms_ligand         0 
_refine_hist.number_atoms_solvent             1 
_refine_hist.number_atoms_total               1418 
_refine_hist.d_res_high                       2.702 
_refine_hist.d_res_low                        43.181 
# 
loop_
_refine_ls_restr.type 
_refine_ls_restr.dev_ideal 
_refine_ls_restr.dev_ideal_target 
_refine_ls_restr.weight 
_refine_ls_restr.number 
_refine_ls_restr.pdbx_restraint_function 
_refine_ls_restr.pdbx_refine_id 
f_bond_d           0.004  ? ? 1539 ? 'X-RAY DIFFRACTION' 
f_angle_d          0.632  ? ? 2151 ? 'X-RAY DIFFRACTION' 
f_dihedral_angle_d 22.836 ? ? 616  ? 'X-RAY DIFFRACTION' 
f_chiral_restr     0.033  ? ? 227  ? 'X-RAY DIFFRACTION' 
f_plane_restr      0.002  ? ? 187  ? 'X-RAY DIFFRACTION' 
# 
loop_
_refine_ls_shell.pdbx_total_number_of_bins_used 
_refine_ls_shell.d_res_high 
_refine_ls_shell.d_res_low 
_refine_ls_shell.number_reflns_R_work 
_refine_ls_shell.R_factor_R_work 
_refine_ls_shell.percent_reflns_obs 
_refine_ls_shell.R_factor_R_free 
_refine_ls_shell.R_factor_R_free_error 
_refine_ls_shell.percent_reflns_R_free 
_refine_ls_shell.number_reflns_R_free 
_refine_ls_shell.number_reflns_all 
_refine_ls_shell.R_factor_all 
_refine_ls_shell.number_reflns_obs 
_refine_ls_shell.redundancy_reflns_obs 
_refine_ls_shell.pdbx_refine_id 
. 2.7020 3.0929  2183 0.2754 96.0 0.3605 . . 115 . . . . 'X-RAY DIFFRACTION' 
. 3.0929 3.8963  2300 0.1937 99.0 0.2355 . . 123 . . . . 'X-RAY DIFFRACTION' 
. 3.8963 43.1862 2501 0.2076 99.0 0.2275 . . 131 . . . . 'X-RAY DIFFRACTION' 
# 
_struct.entry_id                  4HDV 
_struct.title                     'Crystal structure of S. pombe ATL1 in complex with damaged DNA containing 2,6-diaminopurine' 
_struct.pdbx_model_details        ? 
_struct.pdbx_CASP_flag            ? 
_struct.pdbx_model_type_details   ? 
# 
_struct_keywords.entry_id        4HDV 
_struct_keywords.pdbx_keywords   'DNA BINDING PROTEIN/DNA' 
_struct_keywords.text            
;alkyltransferase, DNA repair, nucleotide excision repair, NER, base repair, DNA damage, guanine, alkylation, DNA BINDING PROTEIN-DNA complex
;
# 
loop_
_struct_asym.id 
_struct_asym.pdbx_blank_PDB_chainid_flag 
_struct_asym.pdbx_modified 
_struct_asym.entity_id 
_struct_asym.details 
A N N 1 ? 
B N N 2 ? 
C N N 3 ? 
D N N 4 ? 
# 
_struct_biol.id        1 
_struct_biol.details   ? 
# 
loop_
_struct_conf.conf_type_id 
_struct_conf.id 
_struct_conf.pdbx_PDB_helix_id 
_struct_conf.beg_label_comp_id 
_struct_conf.beg_label_asym_id 
_struct_conf.beg_label_seq_id 
_struct_conf.pdbx_beg_PDB_ins_code 
_struct_conf.end_label_comp_id 
_struct_conf.end_label_asym_id 
_struct_conf.end_label_seq_id 
_struct_conf.pdbx_end_PDB_ins_code 
_struct_conf.beg_auth_comp_id 
_struct_conf.beg_auth_asym_id 
_struct_conf.beg_auth_seq_id 
_struct_conf.end_auth_comp_id 
_struct_conf.end_auth_asym_id 
_struct_conf.end_auth_seq_id 
_struct_conf.pdbx_PDB_helix_class 
_struct_conf.details 
_struct_conf.pdbx_PDB_helix_length 
HELX_P HELX_P1 1 ARG A 2   ? ILE A 17  ? ARG A 2   ILE A 17  1 ? 16 
HELX_P HELX_P2 2 TYR A 25  ? VAL A 32  ? TYR A 25  VAL A 32  1 ? 8  
HELX_P HELX_P3 3 TYR A 37  ? HIS A 47  ? TYR A 37  HIS A 47  1 ? 11 
HELX_P HELX_P4 4 PRO A 55  ? HIS A 57  ? PRO A 55  HIS A 57  5 ? 3  
HELX_P HELX_P5 5 SER A 72  ? GLU A 84  ? SER A 72  GLU A 84  1 ? 13 
HELX_P HELX_P6 6 ASN A 100 ? MET A 105 ? ASN A 100 MET A 105 1 ? 6  
# 
_struct_conf_type.id          HELX_P 
_struct_conf_type.criteria    ? 
_struct_conf_type.reference   ? 
# 
loop_
_struct_conn.id 
_struct_conn.conn_type_id 
_struct_conn.pdbx_leaving_atom_flag 
_struct_conn.pdbx_PDB_id 
_struct_conn.ptnr1_label_asym_id 
_struct_conn.ptnr1_label_comp_id 
_struct_conn.ptnr1_label_seq_id 
_struct_conn.ptnr1_label_atom_id 
_struct_conn.pdbx_ptnr1_label_alt_id 
_struct_conn.pdbx_ptnr1_PDB_ins_code 
_struct_conn.pdbx_ptnr1_standard_comp_id 
_struct_conn.ptnr1_symmetry 
_struct_conn.ptnr2_label_asym_id 
_struct_conn.ptnr2_label_comp_id 
_struct_conn.ptnr2_label_seq_id 
_struct_conn.ptnr2_label_atom_id 
_struct_conn.pdbx_ptnr2_label_alt_id 
_struct_conn.pdbx_ptnr2_PDB_ins_code 
_struct_conn.ptnr1_auth_asym_id 
_struct_conn.ptnr1_auth_comp_id 
_struct_conn.ptnr1_auth_seq_id 
_struct_conn.ptnr2_auth_asym_id 
_struct_conn.ptnr2_auth_comp_id 
_struct_conn.ptnr2_auth_seq_id 
_struct_conn.ptnr2_symmetry 
_struct_conn.pdbx_ptnr3_label_atom_id 
_struct_conn.pdbx_ptnr3_label_seq_id 
_struct_conn.pdbx_ptnr3_label_comp_id 
_struct_conn.pdbx_ptnr3_label_asym_id 
_struct_conn.pdbx_ptnr3_label_alt_id 
_struct_conn.pdbx_ptnr3_PDB_ins_code 
_struct_conn.details 
_struct_conn.pdbx_dist_value 
_struct_conn.pdbx_value_order 
_struct_conn.pdbx_role 
covale1  covale both ? B DG 6  "O3'" ? ? ? 1_555 B 1AP 7  P  ? ? B DG 6  B 1AP 7  1_555 ? ? ? ? ? ? ?            1.606 ? ? 
hydrog1  hydrog ?    ? B DC 2  N3    ? ? ? 1_555 C DG  13 N1 ? ? B DC 2  C DG  26 1_555 ? ? ? ? ? ? WATSON-CRICK ?     ? ? 
hydrog2  hydrog ?    ? B DC 2  N4    ? ? ? 1_555 C DG  13 O6 ? ? B DC 2  C DG  26 1_555 ? ? ? ? ? ? WATSON-CRICK ?     ? ? 
hydrog3  hydrog ?    ? B DC 2  O2    ? ? ? 1_555 C DG  13 N2 ? ? B DC 2  C DG  26 1_555 ? ? ? ? ? ? WATSON-CRICK ?     ? ? 
hydrog4  hydrog ?    ? B DC 3  N3    ? ? ? 1_555 C DG  12 N1 ? ? B DC 3  C DG  25 1_555 ? ? ? ? ? ? WATSON-CRICK ?     ? ? 
hydrog5  hydrog ?    ? B DC 3  N4    ? ? ? 1_555 C DG  12 O6 ? ? B DC 3  C DG  25 1_555 ? ? ? ? ? ? WATSON-CRICK ?     ? ? 
hydrog6  hydrog ?    ? B DC 3  O2    ? ? ? 1_555 C DG  12 N2 ? ? B DC 3  C DG  25 1_555 ? ? ? ? ? ? WATSON-CRICK ?     ? ? 
hydrog7  hydrog ?    ? B DA 4  N1    ? ? ? 1_555 C DT  11 N3 ? ? B DA 4  C DT  24 1_555 ? ? ? ? ? ? WATSON-CRICK ?     ? ? 
hydrog8  hydrog ?    ? B DA 4  N6    ? ? ? 1_555 C DT  11 O4 ? ? B DA 4  C DT  24 1_555 ? ? ? ? ? ? WATSON-CRICK ?     ? ? 
hydrog9  hydrog ?    ? B DT 5  N3    ? ? ? 1_555 C DA  10 N1 ? ? B DT 5  C DA  23 1_555 ? ? ? ? ? ? WATSON-CRICK ?     ? ? 
hydrog10 hydrog ?    ? B DT 5  O4    ? ? ? 1_555 C DA  10 N6 ? ? B DT 5  C DA  23 1_555 ? ? ? ? ? ? WATSON-CRICK ?     ? ? 
hydrog11 hydrog ?    ? B DG 6  N1    ? ? ? 1_555 C DC  9  N3 ? ? B DG 6  C DC  22 1_555 ? ? ? ? ? ? WATSON-CRICK ?     ? ? 
hydrog12 hydrog ?    ? B DG 6  N2    ? ? ? 1_555 C DC  9  O2 ? ? B DG 6  C DC  22 1_555 ? ? ? ? ? ? WATSON-CRICK ?     ? ? 
hydrog13 hydrog ?    ? B DG 6  O6    ? ? ? 1_555 C DC  9  N4 ? ? B DG 6  C DC  22 1_555 ? ? ? ? ? ? WATSON-CRICK ?     ? ? 
hydrog14 hydrog ?    ? B DC 8  N3    ? ? ? 1_555 C DG  7  N1 ? ? B DC 8  C DG  20 1_555 ? ? ? ? ? ? WATSON-CRICK ?     ? ? 
hydrog15 hydrog ?    ? B DC 8  N4    ? ? ? 1_555 C DG  7  O6 ? ? B DC 8  C DG  20 1_555 ? ? ? ? ? ? WATSON-CRICK ?     ? ? 
hydrog16 hydrog ?    ? B DC 8  O2    ? ? ? 1_555 C DG  7  N2 ? ? B DC 8  C DG  20 1_555 ? ? ? ? ? ? WATSON-CRICK ?     ? ? 
hydrog17 hydrog ?    ? B DT 9  N3    ? ? ? 1_555 C DA  6  N1 ? ? B DT 9  C DA  19 1_555 ? ? ? ? ? ? WATSON-CRICK ?     ? ? 
hydrog18 hydrog ?    ? B DT 9  O4    ? ? ? 1_555 C DA  6  N6 ? ? B DT 9  C DA  19 1_555 ? ? ? ? ? ? WATSON-CRICK ?     ? ? 
hydrog19 hydrog ?    ? B DA 10 N1    ? ? ? 1_555 C DT  5  N3 ? ? B DA 10 C DT  18 1_555 ? ? ? ? ? ? WATSON-CRICK ?     ? ? 
hydrog20 hydrog ?    ? B DA 10 N6    ? ? ? 1_555 C DT  5  O4 ? ? B DA 10 C DT  18 1_555 ? ? ? ? ? ? WATSON-CRICK ?     ? ? 
hydrog21 hydrog ?    ? B DG 11 N1    ? ? ? 1_555 C DC  4  N3 ? ? B DG 11 C DC  17 1_555 ? ? ? ? ? ? WATSON-CRICK ?     ? ? 
hydrog22 hydrog ?    ? B DG 11 N2    ? ? ? 1_555 C DC  4  O2 ? ? B DG 11 C DC  17 1_555 ? ? ? ? ? ? WATSON-CRICK ?     ? ? 
hydrog23 hydrog ?    ? B DG 11 O6    ? ? ? 1_555 C DC  4  N4 ? ? B DG 11 C DC  17 1_555 ? ? ? ? ? ? WATSON-CRICK ?     ? ? 
hydrog24 hydrog ?    ? B DT 12 N3    ? ? ? 1_555 C DA  3  N1 ? ? B DT 12 C DA  16 1_555 ? ? ? ? ? ? WATSON-CRICK ?     ? ? 
hydrog25 hydrog ?    ? B DT 12 O4    ? ? ? 1_555 C DA  3  N6 ? ? B DT 12 C DA  16 1_555 ? ? ? ? ? ? WATSON-CRICK ?     ? ? 
hydrog26 hydrog ?    ? B DA 13 N1    ? ? ? 1_555 C DT  2  N3 ? ? B DA 13 C DT  15 1_555 ? ? ? ? ? ? WATSON-CRICK ?     ? ? 
hydrog27 hydrog ?    ? B DA 13 N6    ? ? ? 1_555 C DT  2  O4 ? ? B DA 13 C DT  15 1_555 ? ? ? ? ? ? WATSON-CRICK ?     ? ? 
# 
loop_
_struct_conn_type.id 
_struct_conn_type.criteria 
_struct_conn_type.reference 
covale ? ? 
hydrog ? ? 
# 
_struct_sheet.id               A 
_struct_sheet.type             ? 
_struct_sheet.number_strands   2 
_struct_sheet.details          ? 
# 
_struct_sheet_order.sheet_id     A 
_struct_sheet_order.range_id_1   1 
_struct_sheet_order.range_id_2   2 
_struct_sheet_order.offset       ? 
_struct_sheet_order.sense        parallel 
# 
loop_
_struct_sheet_range.sheet_id 
_struct_sheet_range.id 
_struct_sheet_range.beg_label_comp_id 
_struct_sheet_range.beg_label_asym_id 
_struct_sheet_range.beg_label_seq_id 
_struct_sheet_range.pdbx_beg_PDB_ins_code 
_struct_sheet_range.end_label_comp_id 
_struct_sheet_range.end_label_asym_id 
_struct_sheet_range.end_label_seq_id 
_struct_sheet_range.pdbx_end_PDB_ins_code 
_struct_sheet_range.beg_auth_comp_id 
_struct_sheet_range.beg_auth_asym_id 
_struct_sheet_range.beg_auth_seq_id 
_struct_sheet_range.end_auth_comp_id 
_struct_sheet_range.end_auth_asym_id 
_struct_sheet_range.end_auth_seq_id 
A 1 SER A 23 ? THR A 24 ? SER A 23 THR A 24 
A 2 VAL A 59 ? ILE A 60 ? VAL A 59 ILE A 60 
# 
_pdbx_struct_sheet_hbond.sheet_id                A 
_pdbx_struct_sheet_hbond.range_id_1              1 
_pdbx_struct_sheet_hbond.range_id_2              2 
_pdbx_struct_sheet_hbond.range_1_label_atom_id   N 
_pdbx_struct_sheet_hbond.range_1_label_comp_id   SER 
_pdbx_struct_sheet_hbond.range_1_label_asym_id   A 
_pdbx_struct_sheet_hbond.range_1_label_seq_id    23 
_pdbx_struct_sheet_hbond.range_1_PDB_ins_code    ? 
_pdbx_struct_sheet_hbond.range_1_auth_atom_id    N 
_pdbx_struct_sheet_hbond.range_1_auth_comp_id    SER 
_pdbx_struct_sheet_hbond.range_1_auth_asym_id    A 
_pdbx_struct_sheet_hbond.range_1_auth_seq_id     23 
_pdbx_struct_sheet_hbond.range_2_label_atom_id   O 
_pdbx_struct_sheet_hbond.range_2_label_comp_id   ILE 
_pdbx_struct_sheet_hbond.range_2_label_asym_id   A 
_pdbx_struct_sheet_hbond.range_2_label_seq_id    60 
_pdbx_struct_sheet_hbond.range_2_PDB_ins_code    ? 
_pdbx_struct_sheet_hbond.range_2_auth_atom_id    O 
_pdbx_struct_sheet_hbond.range_2_auth_comp_id    ILE 
_pdbx_struct_sheet_hbond.range_2_auth_asym_id    A 
_pdbx_struct_sheet_hbond.range_2_auth_seq_id     60 
# 
_atom_sites.entry_id                    4HDV 
_atom_sites.fract_transf_matrix[1][1]   0.00156290 
_atom_sites.fract_transf_matrix[1][2]   -0.01930979 
_atom_sites.fract_transf_matrix[1][3]   0.00111607 
_atom_sites.fract_transf_matrix[2][1]   0.01739018 
_atom_sites.fract_transf_matrix[2][2]   -0.00818970 
_atom_sites.fract_transf_matrix[2][3]   0.00265789 
_atom_sites.fract_transf_matrix[3][1]   -0.00054498 
_atom_sites.fract_transf_matrix[3][2]   0.00019708 
_atom_sites.fract_transf_matrix[3][3]   0.00417295 
_atom_sites.fract_transf_vector[1]      0.275705 
_atom_sites.fract_transf_vector[2]      -0.411390 
_atom_sites.fract_transf_vector[3]      0.007541 
# 
loop_
_atom_type.symbol 
C 
N 
O 
P 
S 
# 
loop_
_atom_site.group_PDB 
_atom_site.id 
_atom_site.type_symbol 
_atom_site.label_atom_id 
_atom_site.label_alt_id 
_atom_site.label_comp_id 
_atom_site.label_asym_id 
_atom_site.label_entity_id 
_atom_site.label_seq_id 
_atom_site.pdbx_PDB_ins_code 
_atom_site.Cartn_x 
_atom_site.Cartn_y 
_atom_site.Cartn_z 
_atom_site.occupancy 
_atom_site.B_iso_or_equiv 
_atom_site.pdbx_formal_charge 
_atom_site.auth_seq_id 
_atom_site.auth_comp_id 
_atom_site.auth_asym_id 
_atom_site.auth_atom_id 
_atom_site.pdbx_PDB_model_num 
ATOM   1    N N     . MET A 1 1   ? -10.562 -6.298  19.786  1.00 70.29  ? 1   MET A N     1 
ATOM   2    C CA    . MET A 1 1   ? -9.221  -6.033  19.278  1.00 62.79  ? 1   MET A CA    1 
ATOM   3    C C     . MET A 1 1   ? -8.880  -4.551  19.354  1.00 59.70  ? 1   MET A C     1 
ATOM   4    O O     . MET A 1 1   ? -9.472  -3.733  18.648  1.00 59.63  ? 1   MET A O     1 
ATOM   5    C CB    . MET A 1 1   ? -9.086  -6.511  17.832  1.00 44.96  ? 1   MET A CB    1 
ATOM   6    C CG    . MET A 1 1   ? -7.675  -6.388  17.270  1.00 45.43  ? 1   MET A CG    1 
ATOM   7    S SD    . MET A 1 1   ? -7.647  -6.422  15.469  1.00 68.58  ? 1   MET A SD    1 
ATOM   8    C CE    . MET A 1 1   ? -6.335  -7.598  15.168  1.00 48.36  ? 1   MET A CE    1 
ATOM   9    N N     . ARG A 1 2   ? -7.924  -4.212  20.212  1.00 57.15  ? 2   ARG A N     1 
ATOM   10   C CA    . ARG A 1 2   ? -7.458  -2.836  20.334  1.00 44.73  ? 2   ARG A CA    1 
ATOM   11   C C     . ARG A 1 2   ? -6.872  -2.343  19.015  1.00 49.45  ? 2   ARG A C     1 
ATOM   12   O O     . ARG A 1 2   ? -6.349  -3.132  18.226  1.00 45.57  ? 2   ARG A O     1 
ATOM   13   C CB    . ARG A 1 2   ? -6.422  -2.711  21.456  1.00 53.34  ? 2   ARG A CB    1 
ATOM   14   C CG    . ARG A 1 2   ? -7.009  -2.789  22.859  1.00 49.57  ? 2   ARG A CG    1 
ATOM   15   C CD    . ARG A 1 2   ? -5.955  -2.542  23.931  1.00 47.54  ? 2   ARG A CD    1 
ATOM   16   N NE    . ARG A 1 2   ? -5.334  -3.780  24.397  1.00 59.29  ? 2   ARG A NE    1 
ATOM   17   C CZ    . ARG A 1 2   ? -4.189  -4.268  23.930  1.00 51.49  ? 2   ARG A CZ    1 
ATOM   18   N NH1   . ARG A 1 2   ? -3.528  -3.627  22.979  1.00 45.33  ? 2   ARG A NH1   1 
ATOM   19   N NH2   . ARG A 1 2   ? -3.703  -5.400  24.419  1.00 50.21  ? 2   ARG A NH2   1 
ATOM   20   N N     . MET A 1 3   ? -6.963  -1.040  18.775  1.00 41.19  ? 3   MET A N     1 
ATOM   21   C CA    . MET A 1 3   ? -6.438  -0.463  17.541  1.00 42.92  ? 3   MET A CA    1 
ATOM   22   C C     . MET A 1 3   ? -4.916  -0.547  17.482  1.00 41.80  ? 3   MET A C     1 
ATOM   23   O O     . MET A 1 3   ? -4.337  -0.675  16.405  1.00 48.65  ? 3   MET A O     1 
ATOM   24   C CB    . MET A 1 3   ? -6.902  0.986   17.368  1.00 49.15  ? 3   MET A CB    1 
ATOM   25   C CG    . MET A 1 3   ? -8.354  1.119   16.937  1.00 52.67  ? 3   MET A CG    1 
ATOM   26   S SD    . MET A 1 3   ? -8.708  0.208   15.420  1.00 53.85  ? 3   MET A SD    1 
ATOM   27   C CE    . MET A 1 3   ? -7.518  0.935   14.296  1.00 36.69  ? 3   MET A CE    1 
ATOM   28   N N     . ASP A 1 4   ? -4.275  -0.477  18.644  1.00 33.16  ? 4   ASP A N     1 
ATOM   29   C CA    . ASP A 1 4   ? -2.823  -0.590  18.709  1.00 43.89  ? 4   ASP A CA    1 
ATOM   30   C C     . ASP A 1 4   ? -2.387  -1.989  18.290  1.00 44.71  ? 4   ASP A C     1 
ATOM   31   O O     . ASP A 1 4   ? -1.268  -2.183  17.818  1.00 39.60  ? 4   ASP A O     1 
ATOM   32   C CB    . ASP A 1 4   ? -2.311  -0.272  20.115  1.00 38.61  ? 4   ASP A CB    1 
ATOM   33   C CG    . ASP A 1 4   ? -2.660  -1.348  21.120  1.00 45.41  ? 4   ASP A CG    1 
ATOM   34   O OD1   . ASP A 1 4   ? -1.886  -2.323  21.238  1.00 45.39  ? 4   ASP A OD1   1 
ATOM   35   O OD2   . ASP A 1 4   ? -3.704  -1.218  21.792  1.00 46.83  ? 4   ASP A OD2   1 
ATOM   36   N N     . GLU A 1 5   ? -3.276  -2.961  18.470  1.00 36.72  ? 5   GLU A N     1 
ATOM   37   C CA    . GLU A 1 5   ? -3.021  -4.321  18.020  1.00 39.59  ? 5   GLU A CA    1 
ATOM   38   C C     . GLU A 1 5   ? -3.211  -4.396  16.510  1.00 49.56  ? 5   GLU A C     1 
ATOM   39   O O     . GLU A 1 5   ? -2.431  -5.038  15.806  1.00 52.67  ? 5   GLU A O     1 
ATOM   40   C CB    . GLU A 1 5   ? -3.967  -5.306  18.711  1.00 33.29  ? 5   GLU A CB    1 
ATOM   41   C CG    . GLU A 1 5   ? -4.050  -5.141  20.218  1.00 53.61  ? 5   GLU A CG    1 
ATOM   42   C CD    . GLU A 1 5   ? -4.744  -6.307  20.896  1.00 61.69  ? 5   GLU A CD    1 
ATOM   43   O OE1   . GLU A 1 5   ? -4.308  -7.461  20.694  1.00 62.90  ? 5   GLU A OE1   1 
ATOM   44   O OE2   . GLU A 1 5   ? -5.729  -6.070  21.628  1.00 55.68  ? 5   GLU A OE2   1 
ATOM   45   N N     . PHE A 1 6   ? -4.255  -3.731  16.022  1.00 38.72  ? 6   PHE A N     1 
ATOM   46   C CA    . PHE A 1 6   ? -4.547  -3.698  14.593  1.00 38.55  ? 6   PHE A CA    1 
ATOM   47   C C     . PHE A 1 6   ? -3.377  -3.115  13.806  1.00 45.18  ? 6   PHE A C     1 
ATOM   48   O O     . PHE A 1 6   ? -2.915  -3.711  12.833  1.00 47.22  ? 6   PHE A O     1 
ATOM   49   C CB    . PHE A 1 6   ? -5.823  -2.894  14.323  1.00 44.63  ? 6   PHE A CB    1 
ATOM   50   C CG    . PHE A 1 6   ? -6.123  -2.703  12.863  1.00 44.30  ? 6   PHE A CG    1 
ATOM   51   C CD1   . PHE A 1 6   ? -6.738  -3.705  12.132  1.00 48.67  ? 6   PHE A CD1   1 
ATOM   52   C CD2   . PHE A 1 6   ? -5.798  -1.518  12.225  1.00 47.65  ? 6   PHE A CD2   1 
ATOM   53   C CE1   . PHE A 1 6   ? -7.016  -3.531  10.794  1.00 41.56  ? 6   PHE A CE1   1 
ATOM   54   C CE2   . PHE A 1 6   ? -6.076  -1.339  10.886  1.00 49.28  ? 6   PHE A CE2   1 
ATOM   55   C CZ    . PHE A 1 6   ? -6.685  -2.347  10.171  1.00 41.36  ? 6   PHE A CZ    1 
ATOM   56   N N     . TYR A 1 7   ? -2.905  -1.951  14.239  1.00 40.26  ? 7   TYR A N     1 
ATOM   57   C CA    . TYR A 1 7   ? -1.763  -1.301  13.608  1.00 47.20  ? 7   TYR A CA    1 
ATOM   58   C C     . TYR A 1 7   ? -0.553  -2.229  13.564  1.00 49.72  ? 7   TYR A C     1 
ATOM   59   O O     . TYR A 1 7   ? 0.144   -2.307  12.553  1.00 42.47  ? 7   TYR A O     1 
ATOM   60   C CB    . TYR A 1 7   ? -1.415  -0.006  14.345  1.00 38.30  ? 7   TYR A CB    1 
ATOM   61   C CG    . TYR A 1 7   ? -2.299  1.166   13.974  1.00 58.33  ? 7   TYR A CG    1 
ATOM   62   C CD1   . TYR A 1 7   ? -3.658  1.157   14.261  1.00 58.29  ? 7   TYR A CD1   1 
ATOM   63   C CD2   . TYR A 1 7   ? -1.773  2.286   13.344  1.00 59.67  ? 7   TYR A CD2   1 
ATOM   64   C CE1   . TYR A 1 7   ? -4.469  2.225   13.925  1.00 52.87  ? 7   TYR A CE1   1 
ATOM   65   C CE2   . TYR A 1 7   ? -2.576  3.361   13.005  1.00 60.68  ? 7   TYR A CE2   1 
ATOM   66   C CZ    . TYR A 1 7   ? -3.924  3.324   13.299  1.00 62.98  ? 7   TYR A CZ    1 
ATOM   67   O OH    . TYR A 1 7   ? -4.731  4.389   12.965  1.00 59.29  ? 7   TYR A OH    1 
ATOM   68   N N     . THR A 1 8   ? -0.312  -2.939  14.662  1.00 43.48  ? 8   THR A N     1 
ATOM   69   C CA    . THR A 1 8   ? 0.832   -3.841  14.755  1.00 44.10  ? 8   THR A CA    1 
ATOM   70   C C     . THR A 1 8   ? 0.713   -5.012  13.785  1.00 47.22  ? 8   THR A C     1 
ATOM   71   O O     . THR A 1 8   ? 1.699   -5.419  13.171  1.00 51.44  ? 8   THR A O     1 
ATOM   72   C CB    . THR A 1 8   ? 1.011   -4.384  16.185  1.00 44.95  ? 8   THR A CB    1 
ATOM   73   O OG1   . THR A 1 8   ? 1.262   -3.296  17.082  1.00 48.32  ? 8   THR A OG1   1 
ATOM   74   C CG2   . THR A 1 8   ? 2.180   -5.355  16.243  1.00 40.81  ? 8   THR A CG2   1 
ATOM   75   N N     . LYS A 1 9   ? -0.494  -5.552  13.651  1.00 44.37  ? 9   LYS A N     1 
ATOM   76   C CA    . LYS A 1 9   ? -0.721  -6.671  12.741  1.00 40.98  ? 9   LYS A CA    1 
ATOM   77   C C     . LYS A 1 9   ? -0.659  -6.236  11.278  1.00 48.80  ? 9   LYS A C     1 
ATOM   78   O O     . LYS A 1 9   ? -0.148  -6.965  10.429  1.00 50.87  ? 9   LYS A O     1 
ATOM   79   C CB    . LYS A 1 9   ? -2.049  -7.367  13.045  1.00 36.85  ? 9   LYS A CB    1 
ATOM   80   C CG    . LYS A 1 9   ? -2.029  -8.190  14.324  1.00 50.75  ? 9   LYS A CG    1 
ATOM   81   C CD    . LYS A 1 9   ? -3.315  -8.979  14.502  1.00 54.95  ? 9   LYS A CD    1 
ATOM   82   C CE    . LYS A 1 9   ? -3.271  -9.826  15.766  1.00 71.82  ? 9   LYS A CE    1 
ATOM   83   N NZ    . LYS A 1 9   ? -4.548  -10.559 16.000  1.00 76.89  ? 9   LYS A NZ    1 
ATOM   84   N N     . VAL A 1 10  ? -1.176  -5.046  10.989  1.00 43.45  ? 10  VAL A N     1 
ATOM   85   C CA    . VAL A 1 10  ? -1.101  -4.496  9.641   1.00 32.42  ? 10  VAL A CA    1 
ATOM   86   C C     . VAL A 1 10  ? 0.355   -4.274  9.246   1.00 40.23  ? 10  VAL A C     1 
ATOM   87   O O     . VAL A 1 10  ? 0.768   -4.628  8.141   1.00 46.08  ? 10  VAL A O     1 
ATOM   88   C CB    . VAL A 1 10  ? -1.878  -3.172  9.522   1.00 34.90  ? 10  VAL A CB    1 
ATOM   89   C CG1   . VAL A 1 10  ? -1.602  -2.517  8.177   1.00 28.51  ? 10  VAL A CG1   1 
ATOM   90   C CG2   . VAL A 1 10  ? -3.367  -3.415  9.711   1.00 34.49  ? 10  VAL A CG2   1 
ATOM   91   N N     . TYR A 1 11  ? 1.125   -3.693  10.160  1.00 44.62  ? 11  TYR A N     1 
ATOM   92   C CA    . TYR A 1 11  ? 2.547   -3.455  9.937   1.00 41.96  ? 11  TYR A CA    1 
ATOM   93   C C     . TYR A 1 11  ? 3.297   -4.770  9.750   1.00 47.00  ? 11  TYR A C     1 
ATOM   94   O O     . TYR A 1 11  ? 4.182   -4.874  8.902   1.00 55.88  ? 11  TYR A O     1 
ATOM   95   C CB    . TYR A 1 11  ? 3.147   -2.655  11.096  1.00 44.72  ? 11  TYR A CB    1 
ATOM   96   C CG    . TYR A 1 11  ? 2.588   -1.254  11.228  1.00 41.12  ? 11  TYR A CG    1 
ATOM   97   C CD1   . TYR A 1 11  ? 2.614   -0.586  12.445  1.00 45.42  ? 11  TYR A CD1   1 
ATOM   98   C CD2   . TYR A 1 11  ? 2.035   -0.600  10.135  1.00 32.31  ? 11  TYR A CD2   1 
ATOM   99   C CE1   . TYR A 1 11  ? 2.104   0.694   12.570  1.00 39.54  ? 11  TYR A CE1   1 
ATOM   100  C CE2   . TYR A 1 11  ? 1.522   0.680   10.250  1.00 40.10  ? 11  TYR A CE2   1 
ATOM   101  C CZ    . TYR A 1 11  ? 1.560   1.322   11.471  1.00 45.02  ? 11  TYR A CZ    1 
ATOM   102  O OH    . TYR A 1 11  ? 1.053   2.594   11.596  1.00 51.73  ? 11  TYR A OH    1 
ATOM   103  N N     . ASP A 1 12  ? 2.938   -5.772  10.547  1.00 40.91  ? 12  ASP A N     1 
ATOM   104  C CA    . ASP A 1 12  ? 3.510   -7.105  10.400  1.00 41.82  ? 12  ASP A CA    1 
ATOM   105  C C     . ASP A 1 12  ? 3.271   -7.626  8.989   1.00 50.20  ? 12  ASP A C     1 
ATOM   106  O O     . ASP A 1 12  ? 4.198   -8.079  8.317   1.00 50.12  ? 12  ASP A O     1 
ATOM   107  C CB    . ASP A 1 12  ? 2.903   -8.075  11.419  1.00 54.27  ? 12  ASP A CB    1 
ATOM   108  C CG    . ASP A 1 12  ? 3.550   -7.971  12.787  1.00 63.12  ? 12  ASP A CG    1 
ATOM   109  O OD1   . ASP A 1 12  ? 2.844   -8.174  13.798  1.00 59.63  ? 12  ASP A OD1   1 
ATOM   110  O OD2   . ASP A 1 12  ? 4.767   -7.696  12.852  1.00 60.32  ? 12  ASP A OD2   1 
ATOM   111  N N     . ALA A 1 13  ? 2.020   -7.550  8.544   1.00 50.13  ? 13  ALA A N     1 
ATOM   112  C CA    . ALA A 1 13  ? 1.633   -8.043  7.226   1.00 41.51  ? 13  ALA A CA    1 
ATOM   113  C C     . ALA A 1 13  ? 2.343   -7.304  6.095   1.00 47.58  ? 13  ALA A C     1 
ATOM   114  O O     . ALA A 1 13  ? 2.834   -7.924  5.152   1.00 52.14  ? 13  ALA A O     1 
ATOM   115  C CB    . ALA A 1 13  ? 0.124   -7.955  7.054   1.00 37.53  ? 13  ALA A CB    1 
ATOM   116  N N     . VAL A 1 14  ? 2.388   -5.979  6.188   1.00 43.75  ? 14  VAL A N     1 
ATOM   117  C CA    . VAL A 1 14  ? 3.019   -5.161  5.156   1.00 42.99  ? 14  VAL A CA    1 
ATOM   118  C C     . VAL A 1 14  ? 4.507   -5.475  5.020   1.00 46.26  ? 14  VAL A C     1 
ATOM   119  O O     . VAL A 1 14  ? 5.046   -5.495  3.912   1.00 60.36  ? 14  VAL A O     1 
ATOM   120  C CB    . VAL A 1 14  ? 2.833   -3.656  5.428   1.00 46.23  ? 14  VAL A CB    1 
ATOM   121  C CG1   . VAL A 1 14  ? 3.609   -2.831  4.411   1.00 35.77  ? 14  VAL A CG1   1 
ATOM   122  C CG2   . VAL A 1 14  ? 1.356   -3.292  5.402   1.00 50.84  ? 14  VAL A CG2   1 
ATOM   123  N N     . CYS A 1 15  ? 5.166   -5.721  6.147   1.00 50.20  ? 15  CYS A N     1 
ATOM   124  C CA    . CYS A 1 15  ? 6.586   -6.061  6.144   1.00 48.59  ? 15  CYS A CA    1 
ATOM   125  C C     . CYS A 1 15  ? 6.849   -7.392  5.446   1.00 50.84  ? 15  CYS A C     1 
ATOM   126  O O     . CYS A 1 15  ? 7.984   -7.694  5.080   1.00 55.52  ? 15  CYS A O     1 
ATOM   127  C CB    . CYS A 1 15  ? 7.139   -6.103  7.570   1.00 43.86  ? 15  CYS A CB    1 
ATOM   128  S SG    . CYS A 1 15  ? 7.321   -4.486  8.353   1.00 60.70  ? 15  CYS A SG    1 
ATOM   129  N N     . GLU A 1 16  ? 5.796   -8.186  5.266   1.00 52.44  ? 16  GLU A N     1 
ATOM   130  C CA    . GLU A 1 16  ? 5.918   -9.483  4.608   1.00 53.69  ? 16  GLU A CA    1 
ATOM   131  C C     . GLU A 1 16  ? 5.892   -9.352  3.088   1.00 58.28  ? 16  GLU A C     1 
ATOM   132  O O     . GLU A 1 16  ? 6.435   -10.198 2.377   1.00 51.79  ? 16  GLU A O     1 
ATOM   133  C CB    . GLU A 1 16  ? 4.814   -10.436 5.072   1.00 56.91  ? 16  GLU A CB    1 
ATOM   134  C CG    . GLU A 1 16  ? 4.852   -10.772 6.555   1.00 58.68  ? 16  GLU A CG    1 
ATOM   135  C CD    . GLU A 1 16  ? 3.955   -11.945 6.908   1.00 76.22  ? 16  GLU A CD    1 
ATOM   136  O OE1   . GLU A 1 16  ? 3.048   -11.770 7.748   1.00 74.07  ? 16  GLU A OE1   1 
ATOM   137  O OE2   . GLU A 1 16  ? 4.161   -13.043 6.348   1.00 82.71  ? 16  GLU A OE2   1 
ATOM   138  N N     . ILE A 1 17  ? 5.255   -8.294  2.594   1.00 56.38  ? 17  ILE A N     1 
ATOM   139  C CA    . ILE A 1 17  ? 5.200   -8.042  1.157   1.00 53.39  ? 17  ILE A CA    1 
ATOM   140  C C     . ILE A 1 17  ? 6.610   -8.009  0.579   1.00 51.29  ? 17  ILE A C     1 
ATOM   141  O O     . ILE A 1 17  ? 7.402   -7.128  0.913   1.00 51.18  ? 17  ILE A O     1 
ATOM   142  C CB    . ILE A 1 17  ? 4.487   -6.715  0.834   1.00 50.22  ? 17  ILE A CB    1 
ATOM   143  C CG1   . ILE A 1 17  ? 3.127   -6.653  1.531   1.00 45.34  ? 17  ILE A CG1   1 
ATOM   144  C CG2   . ILE A 1 17  ? 4.324   -6.551  -0.671  1.00 40.85  ? 17  ILE A CG2   1 
ATOM   145  C CD1   . ILE A 1 17  ? 2.380   -5.358  1.298   1.00 40.74  ? 17  ILE A CD1   1 
ATOM   146  N N     . PRO A 1 18  ? 6.927   -8.977  -0.291  1.00 51.53  ? 18  PRO A N     1 
ATOM   147  C CA    . PRO A 1 18  ? 8.269   -9.139  -0.858  1.00 50.47  ? 18  PRO A CA    1 
ATOM   148  C C     . PRO A 1 18  ? 8.674   -7.986  -1.769  1.00 52.34  ? 18  PRO A C     1 
ATOM   149  O O     . PRO A 1 18  ? 7.857   -7.486  -2.541  1.00 52.23  ? 18  PRO A O     1 
ATOM   150  C CB    . PRO A 1 18  ? 8.149   -10.432 -1.670  1.00 42.63  ? 18  PRO A CB    1 
ATOM   151  C CG    . PRO A 1 18  ? 6.702   -10.528 -2.008  1.00 63.10  ? 18  PRO A CG    1 
ATOM   152  C CD    . PRO A 1 18  ? 5.985   -9.983  -0.809  1.00 52.93  ? 18  PRO A CD    1 
ATOM   153  N N     . TYR A 1 19  ? 9.933   -7.578  -1.663  1.00 64.13  ? 19  TYR A N     1 
ATOM   154  C CA    . TYR A 1 19  ? 10.505  -6.557  -2.530  1.00 61.82  ? 19  TYR A CA    1 
ATOM   155  C C     . TYR A 1 19  ? 10.123  -6.821  -3.984  1.00 57.64  ? 19  TYR A C     1 
ATOM   156  O O     . TYR A 1 19  ? 10.283  -7.933  -4.485  1.00 54.65  ? 19  TYR A O     1 
ATOM   157  C CB    . TYR A 1 19  ? 12.028  -6.551  -2.374  1.00 57.65  ? 19  TYR A CB    1 
ATOM   158  C CG    . TYR A 1 19  ? 12.760  -5.576  -3.267  1.00 63.55  ? 19  TYR A CG    1 
ATOM   159  C CD1   . TYR A 1 19  ? 12.932  -5.837  -4.621  1.00 62.34  ? 19  TYR A CD1   1 
ATOM   160  C CD2   . TYR A 1 19  ? 13.304  -4.406  -2.752  1.00 68.72  ? 19  TYR A CD2   1 
ATOM   161  C CE1   . TYR A 1 19  ? 13.607  -4.952  -5.439  1.00 68.44  ? 19  TYR A CE1   1 
ATOM   162  C CE2   . TYR A 1 19  ? 13.983  -3.516  -3.563  1.00 61.33  ? 19  TYR A CE2   1 
ATOM   163  C CZ    . TYR A 1 19  ? 14.132  -3.795  -4.906  1.00 72.25  ? 19  TYR A CZ    1 
ATOM   164  O OH    . TYR A 1 19  ? 14.807  -2.913  -5.718  1.00 77.25  ? 19  TYR A OH    1 
ATOM   165  N N     . GLY A 1 20  ? 9.607   -5.797  -4.655  1.00 63.45  ? 20  GLY A N     1 
ATOM   166  C CA    . GLY A 1 20  ? 9.226   -5.923  -6.050  1.00 56.21  ? 20  GLY A CA    1 
ATOM   167  C C     . GLY A 1 20  ? 7.765   -6.271  -6.258  1.00 50.93  ? 20  GLY A C     1 
ATOM   168  O O     . GLY A 1 20  ? 7.269   -6.248  -7.383  1.00 57.34  ? 20  GLY A O     1 
ATOM   169  N N     . LYS A 1 21  ? 7.072   -6.594  -5.171  1.00 60.96  ? 21  LYS A N     1 
ATOM   170  C CA    . LYS A 1 21  ? 5.648   -6.902  -5.240  1.00 59.12  ? 21  LYS A CA    1 
ATOM   171  C C     . LYS A 1 21  ? 4.809   -5.899  -4.454  1.00 52.30  ? 21  LYS A C     1 
ATOM   172  O O     . LYS A 1 21  ? 5.333   -5.135  -3.644  1.00 60.24  ? 21  LYS A O     1 
ATOM   173  C CB    . LYS A 1 21  ? 5.374   -8.318  -4.730  1.00 57.17  ? 21  LYS A CB    1 
ATOM   174  C CG    . LYS A 1 21  ? 5.090   -9.325  -5.828  1.00 63.92  ? 21  LYS A CG    1 
ATOM   175  C CD    . LYS A 1 21  ? 6.369   -9.855  -6.444  1.00 56.69  ? 21  LYS A CD    1 
ATOM   176  C CE    . LYS A 1 21  ? 6.097   -10.483 -7.802  1.00 78.93  ? 21  LYS A CE    1 
ATOM   177  N NZ    . LYS A 1 21  ? 4.875   -11.340 -7.795  1.00 80.54  ? 21  LYS A NZ    1 
ATOM   178  N N     . VAL A 1 22  ? 3.502   -5.909  -4.698  1.00 42.22  ? 22  VAL A N     1 
ATOM   179  C CA    . VAL A 1 22  ? 2.587   -5.013  -4.004  1.00 47.90  ? 22  VAL A CA    1 
ATOM   180  C C     . VAL A 1 22  ? 1.379   -5.773  -3.469  1.00 51.98  ? 22  VAL A C     1 
ATOM   181  O O     . VAL A 1 22  ? 1.121   -6.909  -3.867  1.00 51.04  ? 22  VAL A O     1 
ATOM   182  C CB    . VAL A 1 22  ? 2.089   -3.884  -4.927  1.00 42.39  ? 22  VAL A CB    1 
ATOM   183  C CG1   . VAL A 1 22  ? 3.265   -3.164  -5.570  1.00 48.34  ? 22  VAL A CG1   1 
ATOM   184  C CG2   . VAL A 1 22  ? 1.154   -4.441  -5.989  1.00 43.31  ? 22  VAL A CG2   1 
ATOM   185  N N     . SER A 1 23  ? 0.646   -5.140  -2.560  1.00 45.03  ? 23  SER A N     1 
ATOM   186  C CA    . SER A 1 23  ? -0.594  -5.708  -2.044  1.00 38.23  ? 23  SER A CA    1 
ATOM   187  C C     . SER A 1 23  ? -1.686  -4.647  -2.047  1.00 36.19  ? 23  SER A C     1 
ATOM   188  O O     . SER A 1 23  ? -1.498  -3.556  -2.582  1.00 39.89  ? 23  SER A O     1 
ATOM   189  C CB    . SER A 1 23  ? -0.397  -6.270  -0.637  1.00 45.56  ? 23  SER A CB    1 
ATOM   190  O OG    . SER A 1 23  ? -1.539  -6.996  -0.220  1.00 49.20  ? 23  SER A OG    1 
ATOM   191  N N     . THR A 1 24  ? -2.824  -4.970  -1.443  1.00 39.49  ? 24  THR A N     1 
ATOM   192  C CA    . THR A 1 24  ? -3.978  -4.079  -1.464  1.00 36.25  ? 24  THR A CA    1 
ATOM   193  C C     . THR A 1 24  ? -4.503  -3.800  -0.059  1.00 38.53  ? 24  THR A C     1 
ATOM   194  O O     . THR A 1 24  ? -4.480  -4.677  0.803   1.00 50.55  ? 24  THR A O     1 
ATOM   195  C CB    . THR A 1 24  ? -5.111  -4.671  -2.331  1.00 34.12  ? 24  THR A CB    1 
ATOM   196  O OG1   . THR A 1 24  ? -4.873  -4.365  -3.710  1.00 42.90  ? 24  THR A OG1   1 
ATOM   197  C CG2   . THR A 1 24  ? -6.458  -4.108  -1.920  1.00 46.19  ? 24  THR A CG2   1 
ATOM   198  N N     . TYR A 1 25  ? -4.968  -2.573  0.168   1.00 36.21  ? 25  TYR A N     1 
ATOM   199  C CA    . TYR A 1 25  ? -5.559  -2.205  1.450   1.00 31.57  ? 25  TYR A CA    1 
ATOM   200  C C     . TYR A 1 25  ? -6.565  -3.263  1.889   1.00 39.40  ? 25  TYR A C     1 
ATOM   201  O O     . TYR A 1 25  ? -6.530  -3.740  3.023   1.00 41.46  ? 25  TYR A O     1 
ATOM   202  C CB    . TYR A 1 25  ? -6.253  -0.842  1.360   1.00 31.39  ? 25  TYR A CB    1 
ATOM   203  C CG    . TYR A 1 25  ? -5.357  0.295   0.914   1.00 36.99  ? 25  TYR A CG    1 
ATOM   204  C CD1   . TYR A 1 25  ? -5.404  0.773   -0.390  1.00 43.21  ? 25  TYR A CD1   1 
ATOM   205  C CD2   . TYR A 1 25  ? -4.469  0.893   1.798   1.00 40.22  ? 25  TYR A CD2   1 
ATOM   206  C CE1   . TYR A 1 25  ? -4.591  1.812   -0.801  1.00 44.12  ? 25  TYR A CE1   1 
ATOM   207  C CE2   . TYR A 1 25  ? -3.650  1.934   1.396   1.00 38.01  ? 25  TYR A CE2   1 
ATOM   208  C CZ    . TYR A 1 25  ? -3.716  2.389   0.096   1.00 44.20  ? 25  TYR A CZ    1 
ATOM   209  O OH    . TYR A 1 25  ? -2.904  3.423   -0.310  1.00 45.70  ? 25  TYR A OH    1 
ATOM   210  N N     . GLY A 1 26  ? -7.460  -3.630  0.975   1.00 34.85  ? 26  GLY A N     1 
ATOM   211  C CA    . GLY A 1 26  ? -8.474  -4.631  1.248   1.00 36.14  ? 26  GLY A CA    1 
ATOM   212  C C     . GLY A 1 26  ? -7.886  -5.990  1.573   1.00 36.86  ? 26  GLY A C     1 
ATOM   213  O O     . GLY A 1 26  ? -8.369  -6.687  2.464   1.00 39.75  ? 26  GLY A O     1 
ATOM   214  N N     . GLU A 1 27  ? -6.840  -6.369  0.847   1.00 37.72  ? 27  GLU A N     1 
ATOM   215  C CA    . GLU A 1 27  ? -6.170  -7.642  1.085   1.00 38.05  ? 27  GLU A CA    1 
ATOM   216  C C     . GLU A 1 27  ? -5.552  -7.704  2.475   1.00 40.39  ? 27  GLU A C     1 
ATOM   217  O O     . GLU A 1 27  ? -5.810  -8.636  3.234   1.00 46.90  ? 27  GLU A O     1 
ATOM   218  C CB    . GLU A 1 27  ? -5.103  -7.900  0.023   1.00 40.52  ? 27  GLU A CB    1 
ATOM   219  C CG    . GLU A 1 27  ? -5.560  -8.835  -1.077  1.00 61.21  ? 27  GLU A CG    1 
ATOM   220  C CD    . GLU A 1 27  ? -5.943  -10.203 -0.548  1.00 67.96  ? 27  GLU A CD    1 
ATOM   221  O OE1   . GLU A 1 27  ? -5.058  -10.902 -0.006  1.00 57.67  ? 27  GLU A OE1   1 
ATOM   222  O OE2   . GLU A 1 27  ? -7.130  -10.574 -0.666  1.00 57.06  ? 27  GLU A OE2   1 
ATOM   223  N N     . ILE A 1 28  ? -4.732  -6.710  2.800   1.00 39.82  ? 28  ILE A N     1 
ATOM   224  C CA    . ILE A 1 28  ? -4.104  -6.632  4.114   1.00 39.94  ? 28  ILE A CA    1 
ATOM   225  C C     . ILE A 1 28  ? -5.158  -6.639  5.216   1.00 33.46  ? 28  ILE A C     1 
ATOM   226  O O     . ILE A 1 28  ? -4.959  -7.232  6.276   1.00 34.47  ? 28  ILE A O     1 
ATOM   227  C CB    . ILE A 1 28  ? -3.228  -5.371  4.246   1.00 38.48  ? 28  ILE A CB    1 
ATOM   228  C CG1   . ILE A 1 28  ? -2.095  -5.401  3.218   1.00 31.31  ? 28  ILE A CG1   1 
ATOM   229  C CG2   . ILE A 1 28  ? -2.667  -5.254  5.655   1.00 32.86  ? 28  ILE A CG2   1 
ATOM   230  C CD1   . ILE A 1 28  ? -1.130  -6.551  3.404   1.00 38.25  ? 28  ILE A CD1   1 
ATOM   231  N N     . ALA A 1 29  ? -6.283  -5.981  4.958   1.00 32.47  ? 29  ALA A N     1 
ATOM   232  C CA    . ALA A 1 29  ? -7.378  -5.942  5.919   1.00 30.57  ? 29  ALA A CA    1 
ATOM   233  C C     . ALA A 1 29  ? -7.969  -7.332  6.131   1.00 39.11  ? 29  ALA A C     1 
ATOM   234  O O     . ALA A 1 29  ? -8.285  -7.717  7.254   1.00 41.38  ? 29  ALA A O     1 
ATOM   235  C CB    . ALA A 1 29  ? -8.452  -4.967  5.462   1.00 31.90  ? 29  ALA A CB    1 
ATOM   236  N N     . ARG A 1 30  ? -8.118  -8.078  5.040   1.00 40.17  ? 30  ARG A N     1 
ATOM   237  C CA    . ARG A 1 30  ? -8.630  -9.443  5.102   1.00 34.23  ? 30  ARG A CA    1 
ATOM   238  C C     . ARG A 1 30  ? -7.581  -10.388 5.680   1.00 36.16  ? 30  ARG A C     1 
ATOM   239  O O     . ARG A 1 30  ? -7.904  -11.311 6.427   1.00 37.17  ? 30  ARG A O     1 
ATOM   240  C CB    . ARG A 1 30  ? -9.055  -9.918  3.711   1.00 30.47  ? 30  ARG A CB    1 
ATOM   241  C CG    . ARG A 1 30  ? -10.289 -9.215  3.161   1.00 41.28  ? 30  ARG A CG    1 
ATOM   242  C CD    . ARG A 1 30  ? -10.704 -9.778  1.808   1.00 32.77  ? 30  ARG A CD    1 
ATOM   243  N NE    . ARG A 1 30  ? -9.793  -9.387  0.735   1.00 50.17  ? 30  ARG A NE    1 
ATOM   244  C CZ    . ARG A 1 30  ? -9.989  -8.345  -0.067  1.00 54.50  ? 30  ARG A CZ    1 
ATOM   245  N NH1   . ARG A 1 30  ? -11.066 -7.586  0.079   1.00 36.73  ? 30  ARG A NH1   1 
ATOM   246  N NH2   . ARG A 1 30  ? -9.109  -8.062  -1.019  1.00 45.09  ? 30  ARG A NH2   1 
ATOM   247  N N     . TYR A 1 31  ? -6.324  -10.146 5.331   1.00 37.82  ? 31  TYR A N     1 
ATOM   248  C CA    . TYR A 1 31  ? -5.210  -10.970 5.788   1.00 40.13  ? 31  TYR A CA    1 
ATOM   249  C C     . TYR A 1 31  ? -5.095  -10.975 7.311   1.00 44.12  ? 31  TYR A C     1 
ATOM   250  O O     . TYR A 1 31  ? -4.727  -11.986 7.909   1.00 49.77  ? 31  TYR A O     1 
ATOM   251  C CB    . TYR A 1 31  ? -3.904  -10.473 5.163   1.00 46.91  ? 31  TYR A CB    1 
ATOM   252  C CG    . TYR A 1 31  ? -2.676  -11.281 5.526   1.00 50.30  ? 31  TYR A CG    1 
ATOM   253  C CD1   . TYR A 1 31  ? -2.199  -12.272 4.679   1.00 63.06  ? 31  TYR A CD1   1 
ATOM   254  C CD2   . TYR A 1 31  ? -1.986  -11.040 6.706   1.00 51.94  ? 31  TYR A CD2   1 
ATOM   255  C CE1   . TYR A 1 31  ? -1.074  -13.009 5.001   1.00 53.85  ? 31  TYR A CE1   1 
ATOM   256  C CE2   . TYR A 1 31  ? -0.861  -11.771 7.038   1.00 61.76  ? 31  TYR A CE2   1 
ATOM   257  C CZ    . TYR A 1 31  ? -0.408  -12.753 6.183   1.00 67.35  ? 31  TYR A CZ    1 
ATOM   258  O OH    . TYR A 1 31  ? 0.712   -13.481 6.511   1.00 70.24  ? 31  TYR A OH    1 
ATOM   259  N N     . VAL A 1 32  ? -5.409  -9.843  7.933   1.00 35.62  ? 32  VAL A N     1 
ATOM   260  C CA    . VAL A 1 32  ? -5.293  -9.715  9.383   1.00 36.88  ? 32  VAL A CA    1 
ATOM   261  C C     . VAL A 1 32  ? -6.614  -9.988  10.101  1.00 46.04  ? 32  VAL A C     1 
ATOM   262  O O     . VAL A 1 32  ? -6.718  -9.806  11.312  1.00 46.54  ? 32  VAL A O     1 
ATOM   263  C CB    . VAL A 1 32  ? -4.759  -8.326  9.793   1.00 34.16  ? 32  VAL A CB    1 
ATOM   264  C CG1   . VAL A 1 32  ? -3.434  -8.042  9.100   1.00 42.35  ? 32  VAL A CG1   1 
ATOM   265  C CG2   . VAL A 1 32  ? -5.778  -7.247  9.467   1.00 34.04  ? 32  VAL A CG2   1 
ATOM   266  N N     . GLY A 1 33  ? -7.621  -10.419 9.347   1.00 43.89  ? 33  GLY A N     1 
ATOM   267  C CA    . GLY A 1 33  ? -8.885  -10.840 9.926   1.00 32.40  ? 33  GLY A CA    1 
ATOM   268  C C     . GLY A 1 33  ? -9.914  -9.740  10.125  1.00 42.63  ? 33  GLY A C     1 
ATOM   269  O O     . GLY A 1 33  ? -10.851 -9.898  10.904  1.00 44.89  ? 33  GLY A O     1 
ATOM   270  N N     . MET A 1 34  ? -9.744  -8.627  9.418   1.00 44.90  ? 34  MET A N     1 
ATOM   271  C CA    . MET A 1 34  ? -10.673 -7.506  9.522   1.00 41.32  ? 34  MET A CA    1 
ATOM   272  C C     . MET A 1 34  ? -11.089 -7.017  8.137   1.00 44.08  ? 34  MET A C     1 
ATOM   273  O O     . MET A 1 34  ? -10.637 -5.965  7.684   1.00 44.88  ? 34  MET A O     1 
ATOM   274  C CB    . MET A 1 34  ? -10.040 -6.366  10.322  1.00 38.29  ? 34  MET A CB    1 
ATOM   275  C CG    . MET A 1 34  ? -9.471  -6.796  11.669  1.00 43.09  ? 34  MET A CG    1 
ATOM   276  S SD    . MET A 1 34  ? -10.539 -6.416  13.074  1.00 51.54  ? 34  MET A SD    1 
ATOM   277  C CE    . MET A 1 34  ? -12.066 -7.213  12.590  1.00 61.14  ? 34  MET A CE    1 
ATOM   278  N N     . PRO A 1 35  ? -11.962 -7.784  7.465   1.00 48.65  ? 35  PRO A N     1 
ATOM   279  C CA    . PRO A 1 35  ? -12.394 -7.557  6.079   1.00 46.63  ? 35  PRO A CA    1 
ATOM   280  C C     . PRO A 1 35  ? -12.936 -6.153  5.815   1.00 41.89  ? 35  PRO A C     1 
ATOM   281  O O     . PRO A 1 35  ? -12.818 -5.653  4.695   1.00 43.44  ? 35  PRO A O     1 
ATOM   282  C CB    . PRO A 1 35  ? -13.515 -8.585  5.893   1.00 42.95  ? 35  PRO A CB    1 
ATOM   283  C CG    . PRO A 1 35  ? -13.189 -9.670  6.856   1.00 43.08  ? 35  PRO A CG    1 
ATOM   284  C CD    . PRO A 1 35  ? -12.600 -8.978  8.049   1.00 35.72  ? 35  PRO A CD    1 
ATOM   285  N N     . SER A 1 36  ? -13.523 -5.527  6.828   1.00 36.30  ? 36  SER A N     1 
ATOM   286  C CA    . SER A 1 36  ? -14.176 -4.234  6.650   1.00 42.72  ? 36  SER A CA    1 
ATOM   287  C C     . SER A 1 36  ? -13.257 -3.053  6.953   1.00 38.53  ? 36  SER A C     1 
ATOM   288  O O     . SER A 1 36  ? -13.687 -1.900  6.912   1.00 37.10  ? 36  SER A O     1 
ATOM   289  C CB    . SER A 1 36  ? -15.427 -4.152  7.526   1.00 41.64  ? 36  SER A CB    1 
ATOM   290  O OG    . SER A 1 36  ? -15.102 -4.371  8.890   1.00 48.74  ? 36  SER A OG    1 
ATOM   291  N N     . TYR A 1 37  ? -11.994 -3.338  7.248   1.00 33.53  ? 37  TYR A N     1 
ATOM   292  C CA    . TYR A 1 37  ? -11.065 -2.299  7.684   1.00 36.66  ? 37  TYR A CA    1 
ATOM   293  C C     . TYR A 1 37  ? -10.058 -1.866  6.622   1.00 37.25  ? 37  TYR A C     1 
ATOM   294  O O     . TYR A 1 37  ? -8.884  -1.654  6.924   1.00 41.03  ? 37  TYR A O     1 
ATOM   295  C CB    . TYR A 1 37  ? -10.337 -2.736  8.957   1.00 39.15  ? 37  TYR A CB    1 
ATOM   296  C CG    . TYR A 1 37  ? -11.176 -2.604  10.206  1.00 42.58  ? 37  TYR A CG    1 
ATOM   297  C CD1   . TYR A 1 37  ? -10.798 -1.749  11.232  1.00 46.59  ? 37  TYR A CD1   1 
ATOM   298  C CD2   . TYR A 1 37  ? -12.355 -3.324  10.354  1.00 45.38  ? 37  TYR A CD2   1 
ATOM   299  C CE1   . TYR A 1 37  ? -11.563 -1.622  12.375  1.00 50.52  ? 37  TYR A CE1   1 
ATOM   300  C CE2   . TYR A 1 37  ? -13.127 -3.203  11.491  1.00 46.58  ? 37  TYR A CE2   1 
ATOM   301  C CZ    . TYR A 1 37  ? -12.727 -2.351  12.499  1.00 51.87  ? 37  TYR A CZ    1 
ATOM   302  O OH    . TYR A 1 37  ? -13.492 -2.227  13.634  1.00 54.23  ? 37  TYR A OH    1 
ATOM   303  N N     . ALA A 1 38  ? -10.520 -1.722  5.385   1.00 38.43  ? 38  ALA A N     1 
ATOM   304  C CA    . ALA A 1 38  ? -9.657  -1.261  4.303   1.00 30.88  ? 38  ALA A CA    1 
ATOM   305  C C     . ALA A 1 38  ? -9.181  0.169   4.546   1.00 38.93  ? 38  ALA A C     1 
ATOM   306  O O     . ALA A 1 38  ? -8.001  0.476   4.383   1.00 36.03  ? 38  ALA A O     1 
ATOM   307  C CB    . ALA A 1 38  ? -10.376 -1.363  2.967   1.00 40.20  ? 38  ALA A CB    1 
ATOM   308  N N     . ARG A 1 39  ? -10.106 1.040   4.937   1.00 37.11  ? 39  ARG A N     1 
ATOM   309  C CA    . ARG A 1 39  ? -9.784  2.444   5.172   1.00 29.61  ? 39  ARG A CA    1 
ATOM   310  C C     . ARG A 1 39  ? -8.808  2.589   6.336   1.00 37.12  ? 39  ARG A C     1 
ATOM   311  O O     . ARG A 1 39  ? -7.878  3.394   6.284   1.00 43.62  ? 39  ARG A O     1 
ATOM   312  C CB    . ARG A 1 39  ? -11.055 3.253   5.444   1.00 32.36  ? 39  ARG A CB    1 
ATOM   313  C CG    . ARG A 1 39  ? -12.205 2.942   4.495   1.00 40.64  ? 39  ARG A CG    1 
ATOM   314  C CD    . ARG A 1 39  ? -13.344 3.947   4.624   1.00 38.61  ? 39  ARG A CD    1 
ATOM   315  N NE    . ARG A 1 39  ? -13.001 5.243   4.043   1.00 39.22  ? 39  ARG A NE    1 
ATOM   316  C CZ    . ARG A 1 39  ? -13.883 6.196   3.761   1.00 46.62  ? 39  ARG A CZ    1 
ATOM   317  N NH1   . ARG A 1 39  ? -13.478 7.342   3.232   1.00 39.34  ? 39  ARG A NH1   1 
ATOM   318  N NH2   . ARG A 1 39  ? -15.173 6.003   4.005   1.00 40.01  ? 39  ARG A NH2   1 
ATOM   319  N N     . GLN A 1 40  ? -9.027  1.801   7.383   1.00 35.08  ? 40  GLN A N     1 
ATOM   320  C CA    . GLN A 1 40  ? -8.172  1.826   8.564   1.00 36.04  ? 40  GLN A CA    1 
ATOM   321  C C     . GLN A 1 40  ? -6.749  1.385   8.232   1.00 37.57  ? 40  GLN A C     1 
ATOM   322  O O     . GLN A 1 40  ? -5.787  1.862   8.834   1.00 30.21  ? 40  GLN A O     1 
ATOM   323  C CB    . GLN A 1 40  ? -8.761  0.951   9.674   1.00 34.36  ? 40  GLN A CB    1 
ATOM   324  C CG    . GLN A 1 40  ? -10.005 1.538   10.338  1.00 30.97  ? 40  GLN A CG    1 
ATOM   325  C CD    . GLN A 1 40  ? -11.191 1.646   9.394   1.00 34.24  ? 40  GLN A CD    1 
ATOM   326  O OE1   . GLN A 1 40  ? -12.025 2.543   9.525   1.00 42.34  ? 40  GLN A OE1   1 
ATOM   327  N NE2   . GLN A 1 40  ? -11.278 0.724   8.445   1.00 43.06  ? 40  GLN A NE2   1 
ATOM   328  N N     . VAL A 1 41  ? -6.622  0.473   7.273   1.00 35.37  ? 41  VAL A N     1 
ATOM   329  C CA    . VAL A 1 41  ? -5.310  0.065   6.790   1.00 38.57  ? 41  VAL A CA    1 
ATOM   330  C C     . VAL A 1 41  ? -4.622  1.259   6.144   1.00 31.23  ? 41  VAL A C     1 
ATOM   331  O O     . VAL A 1 41  ? -3.408  1.432   6.261   1.00 36.02  ? 41  VAL A O     1 
ATOM   332  C CB    . VAL A 1 41  ? -5.408  -1.088  5.775   1.00 33.34  ? 41  VAL A CB    1 
ATOM   333  C CG1   . VAL A 1 41  ? -4.044  -1.373  5.161   1.00 24.30  ? 41  VAL A CG1   1 
ATOM   334  C CG2   . VAL A 1 41  ? -5.964  -2.333  6.444   1.00 23.03  ? 41  VAL A CG2   1 
ATOM   335  N N     . GLY A 1 42  ? -5.411  2.086   5.465   1.00 35.03  ? 42  GLY A N     1 
ATOM   336  C CA    . GLY A 1 42  ? -4.906  3.317   4.891   1.00 30.72  ? 42  GLY A CA    1 
ATOM   337  C C     . GLY A 1 42  ? -4.409  4.247   5.980   1.00 35.28  ? 42  GLY A C     1 
ATOM   338  O O     . GLY A 1 42  ? -3.338  4.837   5.863   1.00 39.82  ? 42  GLY A O     1 
ATOM   339  N N     . GLN A 1 43  ? -5.194  4.370   7.047   1.00 39.22  ? 43  GLN A N     1 
ATOM   340  C CA    . GLN A 1 43  ? -4.806  5.178   8.197   1.00 35.98  ? 43  GLN A CA    1 
ATOM   341  C C     . GLN A 1 43  ? -3.467  4.712   8.751   1.00 43.50  ? 43  GLN A C     1 
ATOM   342  O O     . GLN A 1 43  ? -2.569  5.517   8.995   1.00 53.31  ? 43  GLN A O     1 
ATOM   343  C CB    . GLN A 1 43  ? -5.867  5.097   9.296   1.00 44.14  ? 43  GLN A CB    1 
ATOM   344  C CG    . GLN A 1 43  ? -7.221  5.667   8.916   1.00 47.93  ? 43  GLN A CG    1 
ATOM   345  C CD    . GLN A 1 43  ? -8.249  5.505   10.021  1.00 63.65  ? 43  GLN A CD    1 
ATOM   346  O OE1   . GLN A 1 43  ? -8.035  4.762   10.979  1.00 63.67  ? 43  GLN A OE1   1 
ATOM   347  N NE2   . GLN A 1 43  ? -9.371  6.204   9.893   1.00 51.59  ? 43  GLN A NE2   1 
ATOM   348  N N     . ALA A 1 44  ? -3.342  3.402   8.939   1.00 38.02  ? 44  ALA A N     1 
ATOM   349  C CA    . ALA A 1 44  ? -2.128  2.808   9.486   1.00 36.85  ? 44  ALA A CA    1 
ATOM   350  C C     . ALA A 1 44  ? -0.881  3.254   8.728   1.00 43.06  ? 44  ALA A C     1 
ATOM   351  O O     . ALA A 1 44  ? 0.152   3.539   9.330   1.00 43.61  ? 44  ALA A O     1 
ATOM   352  C CB    . ALA A 1 44  ? -2.235  1.289   9.479   1.00 34.09  ? 44  ALA A CB    1 
ATOM   353  N N     . MET A 1 45  ? -0.984  3.309   7.406   1.00 35.55  ? 45  MET A N     1 
ATOM   354  C CA    . MET A 1 45  ? 0.132   3.730   6.571   1.00 42.95  ? 45  MET A CA    1 
ATOM   355  C C     . MET A 1 45  ? 0.446   5.198   6.824   1.00 45.17  ? 45  MET A C     1 
ATOM   356  O O     . MET A 1 45  ? 1.604   5.586   6.980   1.00 47.08  ? 45  MET A O     1 
ATOM   357  C CB    . MET A 1 45  ? -0.198  3.516   5.094   1.00 36.80  ? 45  MET A CB    1 
ATOM   358  C CG    . MET A 1 45  ? -0.538  2.080   4.723   1.00 35.91  ? 45  MET A CG    1 
ATOM   359  S SD    . MET A 1 45  ? 0.819   0.926   5.009   1.00 40.28  ? 45  MET A SD    1 
ATOM   360  C CE    . MET A 1 45  ? 0.444   0.344   6.662   1.00 31.31  ? 45  MET A CE    1 
ATOM   361  N N     . LYS A 1 46  ? -0.606  6.008   6.864   1.00 40.01  ? 46  LYS A N     1 
ATOM   362  C CA    . LYS A 1 46  ? -0.484  7.442   7.081   1.00 40.30  ? 46  LYS A CA    1 
ATOM   363  C C     . LYS A 1 46  ? 0.179   7.744   8.419   1.00 45.54  ? 46  LYS A C     1 
ATOM   364  O O     . LYS A 1 46  ? 1.071   8.587   8.512   1.00 50.13  ? 46  LYS A O     1 
ATOM   365  C CB    . LYS A 1 46  ? -1.873  8.078   7.049   1.00 34.86  ? 46  LYS A CB    1 
ATOM   366  C CG    . LYS A 1 46  ? -1.895  9.525   6.612   1.00 36.13  ? 46  LYS A CG    1 
ATOM   367  C CD    . LYS A 1 46  ? -3.305  10.088  6.684   1.00 47.72  ? 46  LYS A CD    1 
ATOM   368  C CE    . LYS A 1 46  ? -3.463  11.281  5.759   1.00 57.25  ? 46  LYS A CE    1 
ATOM   369  N NZ    . LYS A 1 46  ? -3.281  10.882  4.333   1.00 64.47  ? 46  LYS A NZ    1 
ATOM   370  N N     . HIS A 1 47  ? -0.264  7.035   9.452   1.00 48.09  ? 47  HIS A N     1 
ATOM   371  C CA    A HIS A 1 47  ? 0.211   7.302   10.806  0.50 46.77  ? 47  HIS A CA    1 
ATOM   372  C CA    B HIS A 1 47  ? 0.188   7.241   10.824  0.50 46.81  ? 47  HIS A CA    1 
ATOM   373  C C     . HIS A 1 47  ? 1.652   6.844   11.026  1.00 46.22  ? 47  HIS A C     1 
ATOM   374  O O     . HIS A 1 47  ? 2.221   7.060   12.094  1.00 63.55  ? 47  HIS A O     1 
ATOM   375  C CB    A HIS A 1 47  ? -0.732  6.686   11.842  0.50 46.78  ? 47  HIS A CB    1 
ATOM   376  C CB    B HIS A 1 47  ? -0.711  6.443   11.778  0.50 46.58  ? 47  HIS A CB    1 
ATOM   377  C CG    A HIS A 1 47  ? -2.114  7.261   11.813  0.50 49.33  ? 47  HIS A CG    1 
ATOM   378  C CG    B HIS A 1 47  ? -0.487  6.742   13.226  0.50 52.82  ? 47  HIS A CG    1 
ATOM   379  N ND1   A HIS A 1 47  ? -2.564  8.067   10.785  0.50 45.85  ? 47  HIS A ND1   1 
ATOM   380  N ND1   B HIS A 1 47  ? 0.546   6.184   13.951  0.50 53.51  ? 47  HIS A ND1   1 
ATOM   381  C CD2   A HIS A 1 47  ? -3.144  7.155   12.681  0.50 50.91  ? 47  HIS A CD2   1 
ATOM   382  C CD2   B HIS A 1 47  ? -1.172  7.525   14.092  0.50 48.29  ? 47  HIS A CD2   1 
ATOM   383  C CE1   A HIS A 1 47  ? -3.807  8.424   11.022  0.50 41.04  ? 47  HIS A CE1   1 
ATOM   384  C CE1   B HIS A 1 47  ? 0.490   6.620   15.196  0.50 45.63  ? 47  HIS A CE1   1 
ATOM   385  N NE2   A HIS A 1 47  ? -4.190  7.887   12.169  0.50 53.31  ? 47  HIS A NE2   1 
ATOM   386  N NE2   B HIS A 1 47  ? -0.543  7.434   15.308  0.50 44.62  ? 47  HIS A NE2   1 
ATOM   387  N N     . LEU A 1 48  ? 2.245   6.233   10.005  1.00 48.70  ? 48  LEU A N     1 
ATOM   388  C CA    . LEU A 1 48  ? 3.633   5.788   10.082  1.00 54.55  ? 48  LEU A CA    1 
ATOM   389  C C     . LEU A 1 48  ? 4.612   6.957   10.092  1.00 72.32  ? 48  LEU A C     1 
ATOM   390  O O     . LEU A 1 48  ? 4.387   7.972   9.434   1.00 67.25  ? 48  LEU A O     1 
ATOM   391  C CB    . LEU A 1 48  ? 3.962   4.856   8.915   1.00 51.61  ? 48  LEU A CB    1 
ATOM   392  C CG    . LEU A 1 48  ? 3.567   3.387   9.055   1.00 61.65  ? 48  LEU A CG    1 
ATOM   393  C CD1   . LEU A 1 48  ? 3.757   2.649   7.739   1.00 43.97  ? 48  LEU A CD1   1 
ATOM   394  C CD2   . LEU A 1 48  ? 4.372   2.728   10.165  1.00 43.19  ? 48  LEU A CD2   1 
ATOM   395  N N     . HIS A 1 49  ? 5.701   6.804   10.841  1.00 69.55  ? 49  HIS A N     1 
ATOM   396  C CA    . HIS A 1 49  ? 6.780   7.785   10.833  1.00 75.25  ? 49  HIS A CA    1 
ATOM   397  C C     . HIS A 1 49  ? 7.588   7.659   9.545   1.00 68.25  ? 49  HIS A C     1 
ATOM   398  O O     . HIS A 1 49  ? 7.824   6.553   9.064   1.00 75.27  ? 49  HIS A O     1 
ATOM   399  C CB    . HIS A 1 49  ? 7.691   7.602   12.049  1.00 77.89  ? 49  HIS A CB    1 
ATOM   400  C CG    . HIS A 1 49  ? 7.115   8.135   13.325  1.00 99.22  ? 49  HIS A CG    1 
ATOM   401  N ND1   . HIS A 1 49  ? 7.448   7.626   14.561  1.00 95.91  ? 49  HIS A ND1   1 
ATOM   402  C CD2   . HIS A 1 49  ? 6.235   9.137   13.556  1.00 87.45  ? 49  HIS A CD2   1 
ATOM   403  C CE1   . HIS A 1 49  ? 6.796   8.287   15.499  1.00 86.27  ? 49  HIS A CE1   1 
ATOM   404  N NE2   . HIS A 1 49  ? 6.052   9.211   14.916  1.00 98.17  ? 49  HIS A NE2   1 
ATOM   405  N N     . PRO A 1 50  ? 8.012   8.799   8.982   1.00 70.85  ? 50  PRO A N     1 
ATOM   406  C CA    . PRO A 1 50  ? 8.725   8.843   7.698   1.00 70.42  ? 50  PRO A CA    1 
ATOM   407  C C     . PRO A 1 50  ? 9.992   7.989   7.673   1.00 60.40  ? 50  PRO A C     1 
ATOM   408  O O     . PRO A 1 50  ? 10.401  7.542   6.600   1.00 81.93  ? 50  PRO A O     1 
ATOM   409  C CB    . PRO A 1 50  ? 9.086   10.325  7.553   1.00 67.42  ? 50  PRO A CB    1 
ATOM   410  C CG    . PRO A 1 50  ? 8.066   11.039  8.361   1.00 82.17  ? 50  PRO A CG    1 
ATOM   411  C CD    . PRO A 1 50  ? 7.786   10.146  9.532   1.00 77.60  ? 50  PRO A CD    1 
ATOM   412  N N     . GLU A 1 51  ? 10.601  7.764   8.832   1.00 59.67  ? 51  GLU A N     1 
ATOM   413  C CA    . GLU A 1 51  ? 11.846  7.004   8.900   1.00 61.11  ? 51  GLU A CA    1 
ATOM   414  C C     . GLU A 1 51  ? 11.591  5.512   9.082   1.00 67.30  ? 51  GLU A C     1 
ATOM   415  O O     . GLU A 1 51  ? 12.507  4.754   9.401   1.00 65.95  ? 51  GLU A O     1 
ATOM   416  C CB    . GLU A 1 51  ? 12.733  7.517   10.036  1.00 69.09  ? 51  GLU A CB    1 
ATOM   417  C CG    . GLU A 1 51  ? 12.487  8.965   10.415  1.00 73.70  ? 51  GLU A CG    1 
ATOM   418  C CD    . GLU A 1 51  ? 11.391  9.120   11.454  1.00 89.93  ? 51  GLU A CD    1 
ATOM   419  O OE1   . GLU A 1 51  ? 10.482  9.951   11.243  1.00 79.08  ? 51  GLU A OE1   1 
ATOM   420  O OE2   . GLU A 1 51  ? 11.442  8.416   12.484  1.00 94.67  ? 51  GLU A OE2   1 
ATOM   421  N N     . THR A 1 52  ? 10.346  5.096   8.873   1.00 64.85  ? 52  THR A N     1 
ATOM   422  C CA    . THR A 1 52  ? 9.956   3.705   9.080   1.00 57.93  ? 52  THR A CA    1 
ATOM   423  C C     . THR A 1 52  ? 10.586  2.770   8.054   1.00 55.65  ? 52  THR A C     1 
ATOM   424  O O     . THR A 1 52  ? 10.900  3.177   6.934   1.00 59.91  ? 52  THR A O     1 
ATOM   425  C CB    . THR A 1 52  ? 8.424   3.532   9.025   1.00 56.45  ? 52  THR A CB    1 
ATOM   426  O OG1   . THR A 1 52  ? 8.079   2.176   9.334   1.00 55.97  ? 52  THR A OG1   1 
ATOM   427  C CG2   . THR A 1 52  ? 7.900   3.884   7.643   1.00 54.49  ? 52  THR A CG2   1 
ATOM   428  N N     . HIS A 1 53  ? 10.767  1.513   8.448   1.00 64.11  ? 53  HIS A N     1 
ATOM   429  C CA    . HIS A 1 53  ? 11.265  0.488   7.542   1.00 57.57  ? 53  HIS A CA    1 
ATOM   430  C C     . HIS A 1 53  ? 10.116  -0.390  7.063   1.00 59.47  ? 53  HIS A C     1 
ATOM   431  O O     . HIS A 1 53  ? 10.330  -1.414  6.411   1.00 64.28  ? 53  HIS A O     1 
ATOM   432  C CB    . HIS A 1 53  ? 12.345  -0.356  8.220   1.00 63.94  ? 53  HIS A CB    1 
ATOM   433  C CG    . HIS A 1 53  ? 13.611  0.393   8.494   1.00 89.28  ? 53  HIS A CG    1 
ATOM   434  N ND1   . HIS A 1 53  ? 14.703  0.344   7.654   1.00 93.57  ? 53  HIS A ND1   1 
ATOM   435  C CD2   . HIS A 1 53  ? 13.958  1.215   9.513   1.00 86.32  ? 53  HIS A CD2   1 
ATOM   436  C CE1   . HIS A 1 53  ? 15.668  1.099   8.145   1.00 102.09 ? 53  HIS A CE1   1 
ATOM   437  N NE2   . HIS A 1 53  ? 15.242  1.640   9.272   1.00 99.41  ? 53  HIS A NE2   1 
ATOM   438  N N     . VAL A 1 54  ? 8.897   0.020   7.403   1.00 57.50  ? 54  VAL A N     1 
ATOM   439  C CA    . VAL A 1 54  ? 7.697   -0.633  6.901   1.00 54.52  ? 54  VAL A CA    1 
ATOM   440  C C     . VAL A 1 54  ? 7.437   -0.160  5.477   1.00 52.52  ? 54  VAL A C     1 
ATOM   441  O O     . VAL A 1 54  ? 7.271   1.038   5.239   1.00 49.82  ? 54  VAL A O     1 
ATOM   442  C CB    . VAL A 1 54  ? 6.470   -0.312  7.774   1.00 55.57  ? 54  VAL A CB    1 
ATOM   443  C CG1   . VAL A 1 54  ? 5.236   -1.018  7.231   1.00 43.44  ? 54  VAL A CG1   1 
ATOM   444  C CG2   . VAL A 1 54  ? 6.726   -0.712  9.218   1.00 40.15  ? 54  VAL A CG2   1 
ATOM   445  N N     . PRO A 1 55  ? 7.406   -1.105  4.524   1.00 47.04  ? 55  PRO A N     1 
ATOM   446  C CA    . PRO A 1 55  ? 7.258   -0.802  3.095   1.00 45.77  ? 55  PRO A CA    1 
ATOM   447  C C     . PRO A 1 55  ? 5.840   -0.375  2.727   1.00 46.74  ? 55  PRO A C     1 
ATOM   448  O O     . PRO A 1 55  ? 5.162   -1.067  1.969   1.00 46.40  ? 55  PRO A O     1 
ATOM   449  C CB    . PRO A 1 55  ? 7.595   -2.134  2.426   1.00 50.58  ? 55  PRO A CB    1 
ATOM   450  C CG    . PRO A 1 55  ? 7.191   -3.161  3.431   1.00 51.09  ? 55  PRO A CG    1 
ATOM   451  C CD    . PRO A 1 55  ? 7.501   -2.554  4.775   1.00 50.83  ? 55  PRO A CD    1 
ATOM   452  N N     . TRP A 1 56  ? 5.407   0.765   3.257   1.00 39.79  ? 56  TRP A N     1 
ATOM   453  C CA    . TRP A 1 56  ? 4.071   1.284   2.990   1.00 44.22  ? 56  TRP A CA    1 
ATOM   454  C C     . TRP A 1 56  ? 3.837   1.510   1.500   1.00 49.06  ? 56  TRP A C     1 
ATOM   455  O O     . TRP A 1 56  ? 2.702   1.457   1.026   1.00 41.31  ? 56  TRP A O     1 
ATOM   456  C CB    . TRP A 1 56  ? 3.848   2.590   3.755   1.00 42.89  ? 56  TRP A CB    1 
ATOM   457  C CG    . TRP A 1 56  ? 4.899   3.627   3.486   1.00 46.66  ? 56  TRP A CG    1 
ATOM   458  C CD1   . TRP A 1 56  ? 6.043   3.839   4.200   1.00 42.07  ? 56  TRP A CD1   1 
ATOM   459  C CD2   . TRP A 1 56  ? 4.902   4.591   2.427   1.00 45.95  ? 56  TRP A CD2   1 
ATOM   460  N NE1   . TRP A 1 56  ? 6.758   4.876   3.651   1.00 58.29  ? 56  TRP A NE1   1 
ATOM   461  C CE2   . TRP A 1 56  ? 6.080   5.355   2.561   1.00 54.34  ? 56  TRP A CE2   1 
ATOM   462  C CE3   . TRP A 1 56  ? 4.026   4.884   1.377   1.00 48.75  ? 56  TRP A CE3   1 
ATOM   463  C CZ2   . TRP A 1 56  ? 6.402   6.390   1.687   1.00 52.56  ? 56  TRP A CZ2   1 
ATOM   464  C CZ3   . TRP A 1 56  ? 4.349   5.913   0.510   1.00 49.54  ? 56  TRP A CZ3   1 
ATOM   465  C CH2   . TRP A 1 56  ? 5.526   6.654   0.671   1.00 53.21  ? 56  TRP A CH2   1 
ATOM   466  N N     . HIS A 1 57  ? 4.916   1.761   0.767   1.00 45.41  ? 57  HIS A N     1 
ATOM   467  C CA    . HIS A 1 57  ? 4.828   2.065   -0.657  1.00 48.33  ? 57  HIS A CA    1 
ATOM   468  C C     . HIS A 1 57  ? 4.349   0.873   -1.479  1.00 48.11  ? 57  HIS A C     1 
ATOM   469  O O     . HIS A 1 57  ? 4.030   1.011   -2.660  1.00 41.84  ? 57  HIS A O     1 
ATOM   470  C CB    . HIS A 1 57  ? 6.182   2.552   -1.181  1.00 41.02  ? 57  HIS A CB    1 
ATOM   471  C CG    . HIS A 1 57  ? 7.314   1.616   -0.891  1.00 41.23  ? 57  HIS A CG    1 
ATOM   472  N ND1   . HIS A 1 57  ? 7.918   1.540   0.345   1.00 47.43  ? 57  HIS A ND1   1 
ATOM   473  C CD2   . HIS A 1 57  ? 7.953   0.718   -1.678  1.00 46.18  ? 57  HIS A CD2   1 
ATOM   474  C CE1   . HIS A 1 57  ? 8.881   0.636   0.308   1.00 50.08  ? 57  HIS A CE1   1 
ATOM   475  N NE2   . HIS A 1 57  ? 8.922   0.122   -0.909  1.00 52.61  ? 57  HIS A NE2   1 
ATOM   476  N N     . ARG A 1 58  ? 4.293   -0.294  -0.849  1.00 45.09  ? 58  ARG A N     1 
ATOM   477  C CA    . ARG A 1 58  ? 3.907   -1.518  -1.541  1.00 42.02  ? 58  ARG A CA    1 
ATOM   478  C C     . ARG A 1 58  ? 2.423   -1.838  -1.368  1.00 40.65  ? 58  ARG A C     1 
ATOM   479  O O     . ARG A 1 58  ? 1.954   -2.897  -1.781  1.00 47.66  ? 58  ARG A O     1 
ATOM   480  C CB    . ARG A 1 58  ? 4.771   -2.687  -1.063  1.00 37.02  ? 58  ARG A CB    1 
ATOM   481  C CG    . ARG A 1 58  ? 6.268   -2.438  -1.207  1.00 40.75  ? 58  ARG A CG    1 
ATOM   482  C CD    . ARG A 1 58  ? 7.019   -3.706  -1.594  1.00 48.08  ? 58  ARG A CD    1 
ATOM   483  N NE    . ARG A 1 58  ? 7.592   -4.404  -0.446  1.00 48.50  ? 58  ARG A NE    1 
ATOM   484  C CZ    . ARG A 1 58  ? 8.857   -4.277  -0.054  1.00 53.42  ? 58  ARG A CZ    1 
ATOM   485  N NH1   . ARG A 1 58  ? 9.680   -3.479  -0.718  1.00 45.73  ? 58  ARG A NH1   1 
ATOM   486  N NH2   . ARG A 1 58  ? 9.300   -4.948  1.001   1.00 45.11  ? 58  ARG A NH2   1 
ATOM   487  N N     . VAL A 1 59  ? 1.688   -0.914  -0.759  1.00 34.16  ? 59  VAL A N     1 
ATOM   488  C CA    . VAL A 1 59  ? 0.252   -1.083  -0.566  1.00 33.63  ? 59  VAL A CA    1 
ATOM   489  C C     . VAL A 1 59  ? -0.541  -0.087  -1.410  1.00 39.50  ? 59  VAL A C     1 
ATOM   490  O O     . VAL A 1 59  ? -0.573  1.106   -1.108  1.00 44.87  ? 59  VAL A O     1 
ATOM   491  C CB    . VAL A 1 59  ? -0.141  -0.912  0.913   1.00 33.45  ? 59  VAL A CB    1 
ATOM   492  C CG1   . VAL A 1 59  ? -1.625  -1.184  1.100   1.00 34.61  ? 59  VAL A CG1   1 
ATOM   493  C CG2   . VAL A 1 59  ? 0.690   -1.834  1.791   1.00 36.30  ? 59  VAL A CG2   1 
ATOM   494  N N     . ILE A 1 60  ? -1.178  -0.581  -2.469  1.00 41.36  ? 60  ILE A N     1 
ATOM   495  C CA    . ILE A 1 60  ? -1.992  0.261   -3.340  1.00 31.87  ? 60  ILE A CA    1 
ATOM   496  C C     . ILE A 1 60  ? -3.463  -0.125  -3.232  1.00 45.04  ? 60  ILE A C     1 
ATOM   497  O O     . ILE A 1 60  ? -3.831  -0.947  -2.394  1.00 41.67  ? 60  ILE A O     1 
ATOM   498  C CB    . ILE A 1 60  ? -1.535  0.167   -4.807  1.00 40.62  ? 60  ILE A CB    1 
ATOM   499  C CG1   . ILE A 1 60  ? -1.843  -1.217  -5.379  1.00 47.74  ? 60  ILE A CG1   1 
ATOM   500  C CG2   . ILE A 1 60  ? -0.050  0.472   -4.919  1.00 33.33  ? 60  ILE A CG2   1 
ATOM   501  C CD1   . ILE A 1 60  ? -1.446  -1.376  -6.831  1.00 41.20  ? 60  ILE A CD1   1 
ATOM   502  N N     . ASN A 1 61  ? -4.304  0.468   -4.074  1.00 36.83  ? 61  ASN A N     1 
ATOM   503  C CA    . ASN A 1 61  ? -5.742  0.203   -4.027  1.00 37.52  ? 61  ASN A CA    1 
ATOM   504  C C     . ASN A 1 61  ? -6.162  -1.003  -4.867  1.00 41.30  ? 61  ASN A C     1 
ATOM   505  O O     . ASN A 1 61  ? -5.381  -1.509  -5.672  1.00 36.54  ? 61  ASN A O     1 
ATOM   506  C CB    . ASN A 1 61  ? -6.543  1.449   -4.429  1.00 39.03  ? 61  ASN A CB    1 
ATOM   507  C CG    . ASN A 1 61  ? -6.329  1.850   -5.881  1.00 54.70  ? 61  ASN A CG    1 
ATOM   508  O OD1   . ASN A 1 61  ? -6.117  1.004   -6.751  1.00 47.29  ? 61  ASN A OD1   1 
ATOM   509  N ND2   . ASN A 1 61  ? -6.384  3.151   -6.146  1.00 49.74  ? 61  ASN A ND2   1 
ATOM   510  N N     . SER A 1 62  ? -7.401  -1.451  -4.678  1.00 44.35  ? 62  SER A N     1 
ATOM   511  C CA    . SER A 1 62  ? -7.906  -2.639  -5.360  1.00 39.37  ? 62  SER A CA    1 
ATOM   512  C C     . SER A 1 62  ? -7.966  -2.473  -6.875  1.00 40.40  ? 62  SER A C     1 
ATOM   513  O O     . SER A 1 62  ? -8.060  -3.456  -7.609  1.00 57.44  ? 62  SER A O     1 
ATOM   514  C CB    . SER A 1 62  ? -9.294  -3.010  -4.832  1.00 44.10  ? 62  SER A CB    1 
ATOM   515  O OG    . SER A 1 62  ? -9.245  -3.366  -3.462  1.00 50.52  ? 62  SER A OG    1 
ATOM   516  N N     . ARG A 1 63  ? -7.919  -1.228  -7.335  1.00 43.74  ? 63  ARG A N     1 
ATOM   517  C CA    . ARG A 1 63  ? -7.986  -0.933  -8.762  1.00 40.09  ? 63  ARG A CA    1 
ATOM   518  C C     . ARG A 1 63  ? -6.606  -0.969  -9.412  1.00 38.19  ? 63  ARG A C     1 
ATOM   519  O O     . ARG A 1 63  ? -6.469  -0.727  -10.610 1.00 48.37  ? 63  ARG A O     1 
ATOM   520  C CB    . ARG A 1 63  ? -8.647  0.426   -8.994  1.00 39.88  ? 63  ARG A CB    1 
ATOM   521  C CG    . ARG A 1 63  ? -10.137 0.445   -8.704  1.00 41.10  ? 63  ARG A CG    1 
ATOM   522  C CD    . ARG A 1 63  ? -10.686 1.859   -8.728  1.00 60.61  ? 63  ARG A CD    1 
ATOM   523  N NE    . ARG A 1 63  ? -9.999  2.694   -9.709  1.00 60.81  ? 63  ARG A NE    1 
ATOM   524  C CZ    . ARG A 1 63  ? -9.092  3.614   -9.397  1.00 74.12  ? 63  ARG A CZ    1 
ATOM   525  N NH1   . ARG A 1 63  ? -8.771  3.828   -8.129  1.00 63.52  ? 63  ARG A NH1   1 
ATOM   526  N NH2   . ARG A 1 63  ? -8.512  4.324   -10.355 1.00 71.09  ? 63  ARG A NH2   1 
ATOM   527  N N     . GLY A 1 64  ? -5.587  -1.269  -8.614  1.00 45.83  ? 64  GLY A N     1 
ATOM   528  C CA    . GLY A 1 64  ? -4.232  -1.386  -9.120  1.00 44.31  ? 64  GLY A CA    1 
ATOM   529  C C     . GLY A 1 64  ? -3.561  -0.053  -9.393  1.00 47.13  ? 64  GLY A C     1 
ATOM   530  O O     . GLY A 1 64  ? -2.551  0.010   -10.093 1.00 46.20  ? 64  GLY A O     1 
ATOM   531  N N     . THR A 1 65  ? -4.124  1.017   -8.841  1.00 47.09  ? 65  THR A N     1 
ATOM   532  C CA    . THR A 1 65  ? -3.555  2.350   -9.009  1.00 45.01  ? 65  THR A CA    1 
ATOM   533  C C     . THR A 1 65  ? -3.126  2.930   -7.666  1.00 46.07  ? 65  THR A C     1 
ATOM   534  O O     . THR A 1 65  ? -3.520  2.435   -6.611  1.00 41.31  ? 65  THR A O     1 
ATOM   535  C CB    . THR A 1 65  ? -4.555  3.316   -9.668  1.00 48.43  ? 65  THR A CB    1 
ATOM   536  O OG1   . THR A 1 65  ? -5.500  3.774   -8.695  1.00 47.84  ? 65  THR A OG1   1 
ATOM   537  C CG2   . THR A 1 65  ? -5.290  2.627   -10.808 1.00 53.80  ? 65  THR A CG2   1 
ATOM   538  N N     . ILE A 1 66  ? -2.315  3.981   -7.710  1.00 50.68  ? 66  ILE A N     1 
ATOM   539  C CA    . ILE A 1 66  ? -1.878  4.657   -6.494  1.00 41.93  ? 66  ILE A CA    1 
ATOM   540  C C     . ILE A 1 66  ? -2.930  5.658   -6.026  1.00 39.68  ? 66  ILE A C     1 
ATOM   541  O O     . ILE A 1 66  ? -3.348  6.533   -6.784  1.00 47.32  ? 66  ILE A O     1 
ATOM   542  C CB    . ILE A 1 66  ? -0.531  5.375   -6.702  1.00 35.78  ? 66  ILE A CB    1 
ATOM   543  C CG1   . ILE A 1 66  ? 0.553   4.365   -7.087  1.00 33.93  ? 66  ILE A CG1   1 
ATOM   544  C CG2   . ILE A 1 66  ? -0.130  6.129   -5.446  1.00 40.90  ? 66  ILE A CG2   1 
ATOM   545  C CD1   . ILE A 1 66  ? 1.934   4.970   -7.227  1.00 43.41  ? 66  ILE A CD1   1 
ATOM   546  N N     . SER A 1 67  ? -3.355  5.520   -4.774  1.00 42.34  ? 67  SER A N     1 
ATOM   547  C CA    . SER A 1 67  ? -4.408  6.362   -4.220  1.00 41.97  ? 67  SER A CA    1 
ATOM   548  C C     . SER A 1 67  ? -3.955  7.814   -4.104  1.00 45.04  ? 67  SER A C     1 
ATOM   549  O O     . SER A 1 67  ? -2.778  8.086   -3.871  1.00 47.69  ? 67  SER A O     1 
ATOM   550  C CB    . SER A 1 67  ? -4.840  5.837   -2.851  1.00 51.15  ? 67  SER A CB    1 
ATOM   551  O OG    . SER A 1 67  ? -5.176  4.462   -2.919  1.00 49.32  ? 67  SER A OG    1 
ATOM   552  N N     . LYS A 1 68  ? -4.891  8.742   -4.265  1.00 52.59  ? 68  LYS A N     1 
ATOM   553  C CA    . LYS A 1 68  ? -4.571  10.164  -4.185  1.00 50.14  ? 68  LYS A CA    1 
ATOM   554  C C     . LYS A 1 68  ? -4.781  10.726  -2.784  1.00 47.60  ? 68  LYS A C     1 
ATOM   555  O O     . LYS A 1 68  ? -5.853  10.577  -2.196  1.00 56.79  ? 68  LYS A O     1 
ATOM   556  C CB    . LYS A 1 68  ? -5.386  10.963  -5.204  1.00 48.16  ? 68  LYS A CB    1 
ATOM   557  C CG    . LYS A 1 68  ? -4.779  10.991  -6.598  1.00 72.23  ? 68  LYS A CG    1 
ATOM   558  C CD    . LYS A 1 68  ? -5.633  11.796  -7.564  1.00 70.46  ? 68  LYS A CD    1 
ATOM   559  C CE    . LYS A 1 68  ? -4.856  12.138  -8.827  1.00 70.61  ? 68  LYS A CE    1 
ATOM   560  N NZ    . LYS A 1 68  ? -4.210  10.938  -9.430  1.00 65.10  ? 68  LYS A NZ    1 
ATOM   561  N N     . ARG A 1 69  ? -3.749  11.370  -2.253  1.00 54.56  ? 69  ARG A N     1 
ATOM   562  C CA    . ARG A 1 69  ? -3.836  12.015  -0.950  1.00 50.37  ? 69  ARG A CA    1 
ATOM   563  C C     . ARG A 1 69  ? -4.435  13.409  -1.100  1.00 57.14  ? 69  ARG A C     1 
ATOM   564  O O     . ARG A 1 69  ? -4.758  13.837  -2.208  1.00 68.24  ? 69  ARG A O     1 
ATOM   565  C CB    . ARG A 1 69  ? -2.454  12.109  -0.299  1.00 45.77  ? 69  ARG A CB    1 
ATOM   566  C CG    . ARG A 1 69  ? -1.894  10.792  0.231   1.00 42.13  ? 69  ARG A CG    1 
ATOM   567  C CD    . ARG A 1 69  ? -1.506  9.826   -0.881  1.00 35.55  ? 69  ARG A CD    1 
ATOM   568  N NE    . ARG A 1 69  ? -0.636  8.762   -0.387  1.00 38.54  ? 69  ARG A NE    1 
ATOM   569  C CZ    . ARG A 1 69  ? -0.289  7.687   -1.089  1.00 41.10  ? 69  ARG A CZ    1 
ATOM   570  N NH1   . ARG A 1 69  ? -0.746  7.517   -2.320  1.00 40.07  ? 69  ARG A NH1   1 
ATOM   571  N NH2   . ARG A 1 69  ? 0.511   6.773   -0.556  1.00 39.98  ? 69  ARG A NH2   1 
ATOM   572  N N     . ASP A 1 70  ? -4.594  14.109  0.018   1.00 70.99  ? 70  ASP A N     1 
ATOM   573  C CA    . ASP A 1 70  ? -5.039  15.497  -0.009  1.00 74.16  ? 70  ASP A CA    1 
ATOM   574  C C     . ASP A 1 70  ? -4.031  16.338  -0.788  1.00 74.99  ? 70  ASP A C     1 
ATOM   575  O O     . ASP A 1 70  ? -4.396  17.084  -1.698  1.00 58.51  ? 70  ASP A O     1 
ATOM   576  C CB    . ASP A 1 70  ? -5.212  16.035  1.414   1.00 75.04  ? 70  ASP A CB    1 
ATOM   577  C CG    . ASP A 1 70  ? -3.950  15.896  2.252   1.00 86.37  ? 70  ASP A CG    1 
ATOM   578  O OD1   . ASP A 1 70  ? -3.114  15.021  1.938   1.00 77.41  ? 70  ASP A OD1   1 
ATOM   579  O OD2   . ASP A 1 70  ? -3.797  16.659  3.229   1.00 75.58  ? 70  ASP A OD2   1 
ATOM   580  N N     . ILE A 1 71  ? -2.761  16.208  -0.416  1.00 76.79  ? 71  ILE A N     1 
ATOM   581  C CA    . ILE A 1 71  ? -1.661  16.796  -1.166  1.00 69.17  ? 71  ILE A CA    1 
ATOM   582  C C     . ILE A 1 71  ? -1.405  15.908  -2.386  1.00 79.26  ? 71  ILE A C     1 
ATOM   583  O O     . ILE A 1 71  ? -2.228  15.053  -2.717  1.00 80.25  ? 71  ILE A O     1 
ATOM   584  C CB    . ILE A 1 71  ? -0.390  16.900  -0.282  1.00 76.15  ? 71  ILE A CB    1 
ATOM   585  C CG1   . ILE A 1 71  ? 0.761   17.602  -1.014  1.00 69.04  ? 71  ILE A CG1   1 
ATOM   586  C CG2   . ILE A 1 71  ? 0.024   15.527  0.224   1.00 83.01  ? 71  ILE A CG2   1 
ATOM   587  C CD1   . ILE A 1 71  ? 0.841   19.089  -0.749  1.00 76.36  ? 71  ILE A CD1   1 
ATOM   588  N N     . SER A 1 72  ? -0.277  16.106  -3.059  1.00 69.01  ? 72  SER A N     1 
ATOM   589  C CA    . SER A 1 72  ? 0.079   15.270  -4.199  1.00 58.20  ? 72  SER A CA    1 
ATOM   590  C C     . SER A 1 72  ? 1.479   14.686  -4.036  1.00 54.83  ? 72  SER A C     1 
ATOM   591  O O     . SER A 1 72  ? 1.959   13.950  -4.897  1.00 55.62  ? 72  SER A O     1 
ATOM   592  C CB    . SER A 1 72  ? -0.017  16.066  -5.504  1.00 61.50  ? 72  SER A CB    1 
ATOM   593  O OG    . SER A 1 72  ? 0.228   15.235  -6.625  1.00 62.44  ? 72  SER A OG    1 
ATOM   594  N N     . ALA A 1 73  ? 2.124   15.011  -2.919  1.00 49.64  ? 73  ALA A N     1 
ATOM   595  C CA    . ALA A 1 73  ? 3.494   14.577  -2.662  1.00 54.92  ? 73  ALA A CA    1 
ATOM   596  C C     . ALA A 1 73  ? 3.591   13.091  -2.328  1.00 57.57  ? 73  ALA A C     1 
ATOM   597  O O     . ALA A 1 73  ? 4.428   12.378  -2.882  1.00 49.38  ? 73  ALA A O     1 
ATOM   598  C CB    . ALA A 1 73  ? 4.113   15.413  -1.553  1.00 49.23  ? 73  ALA A CB    1 
ATOM   599  N N     . GLY A 1 74  ? 2.744   12.630  -1.411  1.00 60.90  ? 74  GLY A N     1 
ATOM   600  C CA    . GLY A 1 74  ? 2.738   11.234  -1.015  1.00 55.33  ? 74  GLY A CA    1 
ATOM   601  C C     . GLY A 1 74  ? 2.563   10.313  -2.207  1.00 50.98  ? 74  GLY A C     1 
ATOM   602  O O     . GLY A 1 74  ? 3.325   9.364   -2.390  1.00 44.84  ? 74  GLY A O     1 
ATOM   603  N N     . GLU A 1 75  ? 1.549   10.600  -3.017  1.00 48.28  ? 75  GLU A N     1 
ATOM   604  C CA    . GLU A 1 75  ? 1.300   9.855   -4.246  1.00 42.49  ? 75  GLU A CA    1 
ATOM   605  C C     . GLU A 1 75  ? 2.576   9.717   -5.069  1.00 53.20  ? 75  GLU A C     1 
ATOM   606  O O     . GLU A 1 75  ? 2.981   8.614   -5.433  1.00 56.82  ? 75  GLU A O     1 
ATOM   607  C CB    . GLU A 1 75  ? 0.219   10.556  -5.072  1.00 55.06  ? 75  GLU A CB    1 
ATOM   608  C CG    . GLU A 1 75  ? 0.025   9.998   -6.472  1.00 53.53  ? 75  GLU A CG    1 
ATOM   609  C CD    . GLU A 1 75  ? -0.986  10.793  -7.277  1.00 56.23  ? 75  GLU A CD    1 
ATOM   610  O OE1   . GLU A 1 75  ? -1.321  10.366  -8.403  1.00 65.20  ? 75  GLU A OE1   1 
ATOM   611  O OE2   . GLU A 1 75  ? -1.445  11.845  -6.785  1.00 66.05  ? 75  GLU A OE2   1 
ATOM   612  N N     . GLN A 1 76  ? 3.208   10.850  -5.354  1.00 52.84  ? 76  GLN A N     1 
ATOM   613  C CA    . GLN A 1 76  ? 4.432   10.873  -6.144  1.00 51.15  ? 76  GLN A CA    1 
ATOM   614  C C     . GLN A 1 76  ? 5.554   10.115  -5.441  1.00 40.74  ? 76  GLN A C     1 
ATOM   615  O O     . GLN A 1 76  ? 6.370   9.456   -6.086  1.00 53.24  ? 76  GLN A O     1 
ATOM   616  C CB    . GLN A 1 76  ? 4.856   12.319  -6.412  1.00 46.05  ? 76  GLN A CB    1 
ATOM   617  C CG    . GLN A 1 76  ? 5.987   12.463  -7.414  1.00 39.48  ? 76  GLN A CG    1 
ATOM   618  C CD    . GLN A 1 76  ? 5.565   12.095  -8.822  1.00 55.30  ? 76  GLN A CD    1 
ATOM   619  O OE1   . GLN A 1 76  ? 6.323   11.472  -9.566  1.00 54.52  ? 76  GLN A OE1   1 
ATOM   620  N NE2   . GLN A 1 76  ? 4.352   12.484  -9.198  1.00 45.71  ? 76  GLN A NE2   1 
ATOM   621  N N     . ARG A 1 77  ? 5.586   10.206  -4.116  1.00 40.63  ? 77  ARG A N     1 
ATOM   622  C CA    . ARG A 1 77  ? 6.625   9.541   -3.336  1.00 56.62  ? 77  ARG A CA    1 
ATOM   623  C C     . ARG A 1 77  ? 6.507   8.023   -3.437  1.00 52.89  ? 77  ARG A C     1 
ATOM   624  O O     . ARG A 1 77  ? 7.505   7.306   -3.351  1.00 50.44  ? 77  ARG A O     1 
ATOM   625  C CB    . ARG A 1 77  ? 6.573   9.988   -1.872  1.00 60.27  ? 77  ARG A CB    1 
ATOM   626  C CG    . ARG A 1 77  ? 7.768   9.537   -1.046  1.00 65.87  ? 77  ARG A CG    1 
ATOM   627  C CD    . ARG A 1 77  ? 8.017   10.471  0.129   1.00 82.02  ? 77  ARG A CD    1 
ATOM   628  N NE    . ARG A 1 77  ? 7.116   10.224  1.249   1.00 85.09  ? 77  ARG A NE    1 
ATOM   629  C CZ    . ARG A 1 77  ? 7.475   9.616   2.375   1.00 86.14  ? 77  ARG A CZ    1 
ATOM   630  N NH1   . ARG A 1 77  ? 8.723   9.194   2.534   1.00 75.37  ? 77  ARG A NH1   1 
ATOM   631  N NH2   . ARG A 1 77  ? 6.591   9.434   3.345   1.00 74.48  ? 77  ARG A NH2   1 
ATOM   632  N N     . GLN A 1 78  ? 5.285   7.537   -3.632  1.00 46.26  ? 78  GLN A N     1 
ATOM   633  C CA    . GLN A 1 78  ? 5.046   6.103   -3.737  1.00 45.21  ? 78  GLN A CA    1 
ATOM   634  C C     . GLN A 1 78  ? 5.492   5.567   -5.095  1.00 56.13  ? 78  GLN A C     1 
ATOM   635  O O     . GLN A 1 78  ? 6.160   4.536   -5.177  1.00 43.66  ? 78  GLN A O     1 
ATOM   636  C CB    . GLN A 1 78  ? 3.569   5.785   -3.491  1.00 45.51  ? 78  GLN A CB    1 
ATOM   637  C CG    . GLN A 1 78  ? 3.275   4.302   -3.367  1.00 52.77  ? 78  GLN A CG    1 
ATOM   638  C CD    . GLN A 1 78  ? 1.905   4.021   -2.781  1.00 48.14  ? 78  GLN A CD    1 
ATOM   639  O OE1   . GLN A 1 78  ? 1.090   4.929   -2.611  1.00 41.79  ? 78  GLN A OE1   1 
ATOM   640  N NE2   . GLN A 1 78  ? 1.647   2.759   -2.462  1.00 34.80  ? 78  GLN A NE2   1 
ATOM   641  N N     . LYS A 1 79  ? 5.124   6.274   -6.159  1.00 46.06  ? 79  LYS A N     1 
ATOM   642  C CA    . LYS A 1 79  ? 5.526   5.886   -7.505  1.00 39.30  ? 79  LYS A CA    1 
ATOM   643  C C     . LYS A 1 79  ? 7.039   5.751   -7.603  1.00 49.90  ? 79  LYS A C     1 
ATOM   644  O O     . LYS A 1 79  ? 7.553   4.718   -8.031  1.00 58.27  ? 79  LYS A O     1 
ATOM   645  C CB    . LYS A 1 79  ? 5.044   6.912   -8.530  1.00 56.67  ? 79  LYS A CB    1 
ATOM   646  C CG    . LYS A 1 79  ? 5.672   6.735   -9.903  1.00 58.68  ? 79  LYS A CG    1 
ATOM   647  C CD    . LYS A 1 79  ? 5.885   8.073   -10.591 1.00 68.68  ? 79  LYS A CD    1 
ATOM   648  C CE    . LYS A 1 79  ? 6.762   7.922   -11.823 1.00 71.09  ? 79  LYS A CE    1 
ATOM   649  N NZ    . LYS A 1 79  ? 7.113   9.241   -12.419 1.00 75.56  ? 79  LYS A NZ    1 
ATOM   650  N N     . ASP A 1 80  ? 7.745   6.806   -7.208  1.00 53.48  ? 80  ASP A N     1 
ATOM   651  C CA    . ASP A 1 80  ? 9.203   6.821   -7.257  1.00 63.73  ? 80  ASP A CA    1 
ATOM   652  C C     . ASP A 1 80  ? 9.801   5.621   -6.532  1.00 61.56  ? 80  ASP A C     1 
ATOM   653  O O     . ASP A 1 80  ? 10.717  4.971   -7.037  1.00 63.71  ? 80  ASP A O     1 
ATOM   654  C CB    . ASP A 1 80  ? 9.746   8.122   -6.663  1.00 71.57  ? 80  ASP A CB    1 
ATOM   655  C CG    . ASP A 1 80  ? 9.297   9.348   -7.437  1.00 75.86  ? 80  ASP A CG    1 
ATOM   656  O OD1   . ASP A 1 80  ? 8.984   9.212   -8.640  1.00 74.84  ? 80  ASP A OD1   1 
ATOM   657  O OD2   . ASP A 1 80  ? 9.260   10.447  -6.844  1.00 80.17  ? 80  ASP A OD2   1 
ATOM   658  N N     . ARG A 1 81  ? 9.276   5.330   -5.346  1.00 66.24  ? 81  ARG A N     1 
ATOM   659  C CA    . ARG A 1 81  ? 9.738   4.189   -4.568  1.00 53.99  ? 81  ARG A CA    1 
ATOM   660  C C     . ARG A 1 81  ? 9.528   2.882   -5.323  1.00 56.81  ? 81  ARG A C     1 
ATOM   661  O O     . ARG A 1 81  ? 10.444  2.070   -5.439  1.00 68.46  ? 81  ARG A O     1 
ATOM   662  C CB    . ARG A 1 81  ? 9.018   4.132   -3.220  1.00 52.46  ? 81  ARG A CB    1 
ATOM   663  C CG    . ARG A 1 81  ? 9.497   5.150   -2.201  1.00 53.05  ? 81  ARG A CG    1 
ATOM   664  C CD    . ARG A 1 81  ? 9.834   4.458   -0.893  1.00 50.02  ? 81  ARG A CD    1 
ATOM   665  N NE    . ARG A 1 81  ? 9.979   5.393   0.218   1.00 67.18  ? 81  ARG A NE    1 
ATOM   666  C CZ    . ARG A 1 81  ? 9.969   5.034   1.496   1.00 72.94  ? 81  ARG A CZ    1 
ATOM   667  N NH1   . ARG A 1 81  ? 9.816   3.758   1.825   1.00 59.11  ? 81  ARG A NH1   1 
ATOM   668  N NH2   . ARG A 1 81  ? 10.105  5.948   2.447   1.00 79.39  ? 81  ARG A NH2   1 
ATOM   669  N N     . LEU A 1 82  ? 8.316   2.684   -5.833  1.00 57.54  ? 82  LEU A N     1 
ATOM   670  C CA    . LEU A 1 82  ? 7.980   1.464   -6.557  1.00 55.57  ? 82  LEU A CA    1 
ATOM   671  C C     . LEU A 1 82  ? 8.871   1.261   -7.779  1.00 59.39  ? 82  LEU A C     1 
ATOM   672  O O     . LEU A 1 82  ? 9.404   0.171   -7.993  1.00 63.87  ? 82  LEU A O     1 
ATOM   673  C CB    . LEU A 1 82  ? 6.504   1.468   -6.964  1.00 54.25  ? 82  LEU A CB    1 
ATOM   674  C CG    . LEU A 1 82  ? 5.503   1.255   -5.826  1.00 44.96  ? 82  LEU A CG    1 
ATOM   675  C CD1   . LEU A 1 82  ? 4.080   1.521   -6.291  1.00 33.97  ? 82  LEU A CD1   1 
ATOM   676  C CD2   . LEU A 1 82  ? 5.633   -0.153  -5.262  1.00 39.22  ? 82  LEU A CD2   1 
ATOM   677  N N     . GLU A 1 83  ? 9.031   2.313   -8.576  1.00 57.40  ? 83  GLU A N     1 
ATOM   678  C CA    . GLU A 1 83  ? 9.908   2.259   -9.741  1.00 50.95  ? 83  GLU A CA    1 
ATOM   679  C C     . GLU A 1 83  ? 11.323  1.866   -9.339  1.00 56.02  ? 83  GLU A C     1 
ATOM   680  O O     . GLU A 1 83  ? 12.027  1.189   -10.090 1.00 59.70  ? 83  GLU A O     1 
ATOM   681  C CB    . GLU A 1 83  ? 9.926   3.603   -10.475 1.00 46.05  ? 83  GLU A CB    1 
ATOM   682  C CG    . GLU A 1 83  ? 8.676   3.894   -11.290 1.00 63.96  ? 83  GLU A CG    1 
ATOM   683  C CD    . GLU A 1 83  ? 8.836   5.109   -12.186 1.00 79.56  ? 83  GLU A CD    1 
ATOM   684  O OE1   . GLU A 1 83  ? 8.057   5.240   -13.155 1.00 65.26  ? 83  GLU A OE1   1 
ATOM   685  O OE2   . GLU A 1 83  ? 9.739   5.930   -11.922 1.00 86.89  ? 83  GLU A OE2   1 
ATOM   686  N N     . GLU A 1 84  ? 11.736  2.289   -8.149  1.00 48.65  ? 84  GLU A N     1 
ATOM   687  C CA    . GLU A 1 84  ? 13.071  1.980   -7.652  1.00 59.55  ? 84  GLU A CA    1 
ATOM   688  C C     . GLU A 1 84  ? 13.217  0.495   -7.342  1.00 60.95  ? 84  GLU A C     1 
ATOM   689  O O     . GLU A 1 84  ? 14.328  -0.005  -7.169  1.00 65.99  ? 84  GLU A O     1 
ATOM   690  C CB    . GLU A 1 84  ? 13.394  2.822   -6.416  1.00 72.23  ? 84  GLU A CB    1 
ATOM   691  C CG    . GLU A 1 84  ? 14.632  3.690   -6.574  1.00 82.45  ? 84  GLU A CG    1 
ATOM   692  C CD    . GLU A 1 84  ? 14.571  4.953   -5.737  1.00 101.46 ? 84  GLU A CD    1 
ATOM   693  O OE1   . GLU A 1 84  ? 15.137  5.979   -6.170  1.00 101.23 ? 84  GLU A OE1   1 
ATOM   694  O OE2   . GLU A 1 84  ? 13.959  4.920   -4.650  1.00 98.49  ? 84  GLU A OE2   1 
ATOM   695  N N     . GLU A 1 85  ? 12.089  -0.204  -7.277  1.00 66.67  ? 85  GLU A N     1 
ATOM   696  C CA    . GLU A 1 85  ? 12.095  -1.639  -7.017  1.00 67.64  ? 85  GLU A CA    1 
ATOM   697  C C     . GLU A 1 85  ? 11.783  -2.435  -8.281  1.00 62.90  ? 85  GLU A C     1 
ATOM   698  O O     . GLU A 1 85  ? 11.599  -3.650  -8.231  1.00 61.16  ? 85  GLU A O     1 
ATOM   699  C CB    . GLU A 1 85  ? 11.108  -1.996  -5.905  1.00 67.34  ? 85  GLU A CB    1 
ATOM   700  C CG    . GLU A 1 85  ? 11.462  -1.395  -4.554  1.00 62.21  ? 85  GLU A CG    1 
ATOM   701  C CD    . GLU A 1 85  ? 10.568  -1.896  -3.438  1.00 70.44  ? 85  GLU A CD    1 
ATOM   702  O OE1   . GLU A 1 85  ? 9.725   -2.782  -3.697  1.00 59.16  ? 85  GLU A OE1   1 
ATOM   703  O OE2   . GLU A 1 85  ? 10.709  -1.402  -2.300  1.00 64.67  ? 85  GLU A OE2   1 
ATOM   704  N N     . GLY A 1 86  ? 11.725  -1.740  -9.412  1.00 60.24  ? 86  GLY A N     1 
ATOM   705  C CA    . GLY A 1 86  ? 11.528  -2.391  -10.694 1.00 65.65  ? 86  GLY A CA    1 
ATOM   706  C C     . GLY A 1 86  ? 10.083  -2.471  -11.147 1.00 67.79  ? 86  GLY A C     1 
ATOM   707  O O     . GLY A 1 86  ? 9.779   -3.105  -12.157 1.00 62.75  ? 86  GLY A O     1 
ATOM   708  N N     . VAL A 1 87  ? 9.187   -1.827  -10.405 1.00 63.56  ? 87  VAL A N     1 
ATOM   709  C CA    . VAL A 1 87  ? 7.770   -1.831  -10.757 1.00 61.25  ? 87  VAL A CA    1 
ATOM   710  C C     . VAL A 1 87  ? 7.471   -0.873  -11.907 1.00 59.41  ? 87  VAL A C     1 
ATOM   711  O O     . VAL A 1 87  ? 7.709   0.330   -11.802 1.00 64.12  ? 87  VAL A O     1 
ATOM   712  C CB    . VAL A 1 87  ? 6.880   -1.461  -9.555  1.00 53.16  ? 87  VAL A CB    1 
ATOM   713  C CG1   . VAL A 1 87  ? 5.432   -1.323  -9.996  1.00 43.01  ? 87  VAL A CG1   1 
ATOM   714  C CG2   . VAL A 1 87  ? 7.009   -2.505  -8.458  1.00 56.08  ? 87  VAL A CG2   1 
ATOM   715  N N     . GLU A 1 88  ? 6.946   -1.412  -13.003 1.00 48.11  ? 88  GLU A N     1 
ATOM   716  C CA    . GLU A 1 88  ? 6.620   -0.598  -14.166 1.00 60.07  ? 88  GLU A CA    1 
ATOM   717  C C     . GLU A 1 88  ? 5.307   0.153   -13.969 1.00 60.15  ? 88  GLU A C     1 
ATOM   718  O O     . GLU A 1 88  ? 4.228   -0.433  -14.049 1.00 65.94  ? 88  GLU A O     1 
ATOM   719  C CB    . GLU A 1 88  ? 6.554   -1.455  -15.433 1.00 64.73  ? 88  GLU A CB    1 
ATOM   720  C CG    . GLU A 1 88  ? 7.875   -2.104  -15.812 1.00 87.51  ? 88  GLU A CG    1 
ATOM   721  C CD    . GLU A 1 88  ? 7.851   -2.719  -17.200 1.00 102.35 ? 88  GLU A CD    1 
ATOM   722  O OE1   . GLU A 1 88  ? 7.991   -1.965  -18.187 1.00 103.53 ? 88  GLU A OE1   1 
ATOM   723  O OE2   . GLU A 1 88  ? 7.692   -3.953  -17.301 1.00 85.75  ? 88  GLU A OE2   1 
ATOM   724  N N     . ILE A 1 89  ? 5.410   1.452   -13.709 1.00 61.68  ? 89  ILE A N     1 
ATOM   725  C CA    . ILE A 1 89  ? 4.238   2.301   -13.542 1.00 47.74  ? 89  ILE A CA    1 
ATOM   726  C C     . ILE A 1 89  ? 3.957   3.069   -14.828 1.00 48.07  ? 89  ILE A C     1 
ATOM   727  O O     . ILE A 1 89  ? 4.878   3.576   -15.468 1.00 61.66  ? 89  ILE A O     1 
ATOM   728  C CB    . ILE A 1 89  ? 4.447   3.318   -12.403 1.00 55.04  ? 89  ILE A CB    1 
ATOM   729  C CG1   . ILE A 1 89  ? 4.933   2.612   -11.136 1.00 55.26  ? 89  ILE A CG1   1 
ATOM   730  C CG2   . ILE A 1 89  ? 3.164   4.096   -12.131 1.00 48.97  ? 89  ILE A CG2   1 
ATOM   731  C CD1   . ILE A 1 89  ? 3.877   1.772   -10.463 1.00 55.47  ? 89  ILE A CD1   1 
ATOM   732  N N     . TYR A 1 90  ? 2.687   3.146   -15.213 1.00 44.51  ? 90  TYR A N     1 
ATOM   733  C CA    . TYR A 1 90  ? 2.291   3.958   -16.358 1.00 53.15  ? 90  TYR A CA    1 
ATOM   734  C C     . TYR A 1 90  ? 1.166   4.913   -15.973 1.00 53.40  ? 90  TYR A C     1 
ATOM   735  O O     . TYR A 1 90  ? 0.325   4.589   -15.133 1.00 54.67  ? 90  TYR A O     1 
ATOM   736  C CB    . TYR A 1 90  ? 1.890   3.084   -17.552 1.00 52.36  ? 90  TYR A CB    1 
ATOM   737  C CG    . TYR A 1 90  ? 0.663   2.228   -17.332 1.00 61.79  ? 90  TYR A CG    1 
ATOM   738  C CD1   . TYR A 1 90  ? 0.769   0.949   -16.797 1.00 57.27  ? 90  TYR A CD1   1 
ATOM   739  C CD2   . TYR A 1 90  ? -0.601  2.692   -17.674 1.00 55.73  ? 90  TYR A CD2   1 
ATOM   740  C CE1   . TYR A 1 90  ? -0.350  0.162   -16.599 1.00 60.99  ? 90  TYR A CE1   1 
ATOM   741  C CE2   . TYR A 1 90  ? -1.727  1.910   -17.479 1.00 63.31  ? 90  TYR A CE2   1 
ATOM   742  C CZ    . TYR A 1 90  ? -1.594  0.646   -16.942 1.00 65.23  ? 90  TYR A CZ    1 
ATOM   743  O OH    . TYR A 1 90  ? -2.708  -0.137  -16.746 1.00 64.83  ? 90  TYR A OH    1 
ATOM   744  N N     . GLN A 1 91  ? 1.160   6.094   -16.581 1.00 56.31  ? 91  GLN A N     1 
ATOM   745  C CA    . GLN A 1 91  ? 0.186   7.124   -16.237 1.00 59.27  ? 91  GLN A CA    1 
ATOM   746  C C     . GLN A 1 91  ? -1.122  6.938   -17.006 1.00 58.18  ? 91  GLN A C     1 
ATOM   747  O O     . GLN A 1 91  ? -1.231  6.063   -17.863 1.00 59.65  ? 91  GLN A O     1 
ATOM   748  C CB    . GLN A 1 91  ? 0.774   8.518   -16.472 1.00 65.00  ? 91  GLN A CB    1 
ATOM   749  C CG    . GLN A 1 91  ? 0.003   9.643   -15.798 1.00 80.41  ? 91  GLN A CG    1 
ATOM   750  C CD    . GLN A 1 91  ? 0.791   10.936  -15.735 1.00 92.33  ? 91  GLN A CD    1 
ATOM   751  O OE1   . GLN A 1 91  ? 2.000   10.930  -15.496 1.00 88.20  ? 91  GLN A OE1   1 
ATOM   752  N NE2   . GLN A 1 91  ? 0.111   12.056  -15.951 1.00 92.00  ? 91  GLN A NE2   1 
ATOM   753  N N     . THR A 1 92  ? -2.110  7.766   -16.683 1.00 65.14  ? 92  THR A N     1 
ATOM   754  C CA    . THR A 1 92  ? -3.449  7.640   -17.240 1.00 62.66  ? 92  THR A CA    1 
ATOM   755  C C     . THR A 1 92  ? -3.882  8.945   -17.902 1.00 78.22  ? 92  THR A C     1 
ATOM   756  O O     . THR A 1 92  ? -3.316  10.003  -17.631 1.00 89.13  ? 92  THR A O     1 
ATOM   757  C CB    . THR A 1 92  ? -4.464  7.260   -16.133 1.00 57.60  ? 92  THR A CB    1 
ATOM   758  O OG1   . THR A 1 92  ? -4.175  5.942   -15.649 1.00 65.43  ? 92  THR A OG1   1 
ATOM   759  C CG2   . THR A 1 92  ? -5.894  7.299   -16.656 1.00 81.03  ? 92  THR A CG2   1 
ATOM   760  N N     . SER A 1 93  ? -4.874  8.857   -18.782 1.00 78.62  ? 93  SER A N     1 
ATOM   761  C CA    . SER A 1 93  ? -5.480  10.040  -19.379 1.00 82.54  ? 93  SER A CA    1 
ATOM   762  C C     . SER A 1 93  ? -5.973  10.987  -18.289 1.00 78.62  ? 93  SER A C     1 
ATOM   763  O O     . SER A 1 93  ? -6.045  12.199  -18.488 1.00 75.83  ? 93  SER A O     1 
ATOM   764  C CB    . SER A 1 93  ? -6.636  9.636   -20.298 1.00 85.12  ? 93  SER A CB    1 
ATOM   765  O OG    . SER A 1 93  ? -7.434  8.629   -19.698 1.00 83.49  ? 93  SER A OG    1 
ATOM   766  N N     . LEU A 1 94  ? -6.305  10.420  -17.134 1.00 70.00  ? 94  LEU A N     1 
ATOM   767  C CA    . LEU A 1 94  ? -6.774  11.199  -15.994 1.00 75.89  ? 94  LEU A CA    1 
ATOM   768  C C     . LEU A 1 94  ? -5.629  11.509  -15.035 1.00 74.83  ? 94  LEU A C     1 
ATOM   769  O O     . LEU A 1 94  ? -5.835  12.100  -13.975 1.00 77.91  ? 94  LEU A O     1 
ATOM   770  C CB    . LEU A 1 94  ? -7.889  10.455  -15.253 1.00 75.02  ? 94  LEU A CB    1 
ATOM   771  C CG    . LEU A 1 94  ? -9.242  10.305  -15.957 1.00 86.00  ? 94  LEU A CG    1 
ATOM   772  C CD1   . LEU A 1 94  ? -9.801  11.666  -16.347 1.00 81.88  ? 94  LEU A CD1   1 
ATOM   773  C CD2   . LEU A 1 94  ? -9.141  9.396   -17.174 1.00 85.24  ? 94  LEU A CD2   1 
ATOM   774  N N     . GLY A 1 95  ? -4.421  11.102  -15.413 1.00 64.84  ? 95  GLY A N     1 
ATOM   775  C CA    . GLY A 1 95  ? -3.244  11.353  -14.603 1.00 66.00  ? 95  GLY A CA    1 
ATOM   776  C C     . GLY A 1 95  ? -3.190  10.497  -13.352 1.00 70.78  ? 95  GLY A C     1 
ATOM   777  O O     . GLY A 1 95  ? -2.907  10.995  -12.262 1.00 69.83  ? 95  GLY A O     1 
ATOM   778  N N     . GLU A 1 96  ? -3.466  9.208   -13.508 1.00 73.82  ? 96  GLU A N     1 
ATOM   779  C CA    . GLU A 1 96  ? -3.389  8.270   -12.394 1.00 64.91  ? 96  GLU A CA    1 
ATOM   780  C C     . GLU A 1 96  ? -2.252  7.278   -12.593 1.00 51.16  ? 96  GLU A C     1 
ATOM   781  O O     . GLU A 1 96  ? -2.153  6.637   -13.638 1.00 60.21  ? 96  GLU A O     1 
ATOM   782  C CB    . GLU A 1 96  ? -4.707  7.510   -12.226 1.00 56.77  ? 96  GLU A CB    1 
ATOM   783  C CG    . GLU A 1 96  ? -5.628  8.070   -11.156 1.00 74.49  ? 96  GLU A CG    1 
ATOM   784  C CD    . GLU A 1 96  ? -6.911  7.271   -11.019 1.00 80.63  ? 96  GLU A CD    1 
ATOM   785  O OE1   . GLU A 1 96  ? -7.776  7.664   -10.207 1.00 81.25  ? 96  GLU A OE1   1 
ATOM   786  O OE2   . GLU A 1 96  ? -7.056  6.250   -11.724 1.00 69.70  ? 96  GLU A OE2   1 
ATOM   787  N N     . TYR A 1 97  ? -1.393  7.158   -11.587 1.00 40.16  ? 97  TYR A N     1 
ATOM   788  C CA    . TYR A 1 97  ? -0.326  6.169   -11.619 1.00 47.76  ? 97  TYR A CA    1 
ATOM   789  C C     . TYR A 1 97  ? -0.908  4.766   -11.485 1.00 50.69  ? 97  TYR A C     1 
ATOM   790  O O     . TYR A 1 97  ? -1.631  4.469   -10.534 1.00 50.98  ? 97  TYR A O     1 
ATOM   791  C CB    . TYR A 1 97  ? 0.697   6.451   -10.519 1.00 54.56  ? 97  TYR A CB    1 
ATOM   792  C CG    . TYR A 1 97  ? 1.527   7.684   -10.786 1.00 67.17  ? 97  TYR A CG    1 
ATOM   793  C CD1   . TYR A 1 97  ? 2.053   7.927   -12.049 1.00 64.74  ? 97  TYR A CD1   1 
ATOM   794  C CD2   . TYR A 1 97  ? 1.773   8.612   -9.784  1.00 60.58  ? 97  TYR A CD2   1 
ATOM   795  C CE1   . TYR A 1 97  ? 2.811   9.053   -12.303 1.00 62.09  ? 97  TYR A CE1   1 
ATOM   796  C CE2   . TYR A 1 97  ? 2.529   9.744   -10.029 1.00 62.08  ? 97  TYR A CE2   1 
ATOM   797  C CZ    . TYR A 1 97  ? 3.045   9.959   -11.291 1.00 67.11  ? 97  TYR A CZ    1 
ATOM   798  O OH    . TYR A 1 97  ? 3.799   11.082  -11.543 1.00 55.98  ? 97  TYR A OH    1 
ATOM   799  N N     . LYS A 1 98  ? -0.588  3.908   -12.448 1.00 49.72  ? 98  LYS A N     1 
ATOM   800  C CA    . LYS A 1 98  ? -1.236  2.608   -12.556 1.00 42.50  ? 98  LYS A CA    1 
ATOM   801  C C     . LYS A 1 98  ? -0.230  1.518   -12.902 1.00 49.25  ? 98  LYS A C     1 
ATOM   802  O O     . LYS A 1 98  ? 0.772   1.776   -13.568 1.00 53.72  ? 98  LYS A O     1 
ATOM   803  C CB    . LYS A 1 98  ? -2.328  2.676   -13.625 1.00 47.44  ? 98  LYS A CB    1 
ATOM   804  C CG    . LYS A 1 98  ? -3.271  1.490   -13.663 1.00 59.68  ? 98  LYS A CG    1 
ATOM   805  C CD    . LYS A 1 98  ? -4.450  1.782   -14.578 1.00 55.74  ? 98  LYS A CD    1 
ATOM   806  C CE    . LYS A 1 98  ? -5.511  0.699   -14.491 1.00 68.26  ? 98  LYS A CE    1 
ATOM   807  N NZ    . LYS A 1 98  ? -6.740  1.075   -15.244 1.00 70.67  ? 98  LYS A NZ    1 
ATOM   808  N N     . LEU A 1 99  ? -0.501  0.299   -12.445 1.00 50.07  ? 99  LEU A N     1 
ATOM   809  C CA    . LEU A 1 99  ? 0.350   -0.845  -12.759 1.00 59.79  ? 99  LEU A CA    1 
ATOM   810  C C     . LEU A 1 99  ? -0.476  -2.087  -13.089 1.00 55.83  ? 99  LEU A C     1 
ATOM   811  O O     . LEU A 1 99  ? -1.698  -2.090  -12.938 1.00 42.47  ? 99  LEU A O     1 
ATOM   812  C CB    . LEU A 1 99  ? 1.324   -1.138  -11.612 1.00 44.70  ? 99  LEU A CB    1 
ATOM   813  C CG    . LEU A 1 99  ? 0.798   -1.315  -10.183 1.00 49.70  ? 99  LEU A CG    1 
ATOM   814  C CD1   . LEU A 1 99  ? -0.259  -2.407  -10.091 1.00 45.72  ? 99  LEU A CD1   1 
ATOM   815  C CD2   . LEU A 1 99  ? 1.952   -1.617  -9.239  1.00 55.80  ? 99  LEU A CD2   1 
ATOM   816  N N     . ASN A 1 100 ? 0.197   -3.138  -13.544 1.00 52.75  ? 100 ASN A N     1 
ATOM   817  C CA    . ASN A 1 100 ? -0.465  -4.407  -13.822 1.00 44.61  ? 100 ASN A CA    1 
ATOM   818  C C     . ASN A 1 100 ? -0.600  -5.234  -12.547 1.00 49.59  ? 100 ASN A C     1 
ATOM   819  O O     . ASN A 1 100 ? 0.339   -5.911  -12.130 1.00 48.66  ? 100 ASN A O     1 
ATOM   820  C CB    . ASN A 1 100 ? 0.294   -5.187  -14.898 1.00 60.24  ? 100 ASN A CB    1 
ATOM   821  C CG    . ASN A 1 100 ? -0.486  -6.382  -15.411 1.00 71.21  ? 100 ASN A CG    1 
ATOM   822  O OD1   . ASN A 1 100 ? -0.227  -7.521  -15.023 1.00 75.95  ? 100 ASN A OD1   1 
ATOM   823  N ND2   . ASN A 1 100 ? -1.451  -6.127  -16.287 1.00 61.30  ? 100 ASN A ND2   1 
ATOM   824  N N     . LEU A 1 101 ? -1.779  -5.169  -11.934 1.00 46.57  ? 101 LEU A N     1 
ATOM   825  C CA    . LEU A 1 101 ? -2.005  -5.791  -10.632 1.00 49.27  ? 101 LEU A CA    1 
ATOM   826  C C     . LEU A 1 101 ? -1.692  -7.292  -10.606 1.00 61.13  ? 101 LEU A C     1 
ATOM   827  O O     . LEU A 1 101 ? -0.931  -7.746  -9.756  1.00 54.72  ? 101 LEU A O     1 
ATOM   828  C CB    . LEU A 1 101 ? -3.430  -5.516  -10.138 1.00 41.54  ? 101 LEU A CB    1 
ATOM   829  C CG    . LEU A 1 101 ? -3.695  -5.772  -8.654  1.00 44.70  ? 101 LEU A CG    1 
ATOM   830  C CD1   . LEU A 1 101 ? -2.594  -5.162  -7.804  1.00 41.51  ? 101 LEU A CD1   1 
ATOM   831  C CD2   . LEU A 1 101 ? -5.056  -5.227  -8.248  1.00 48.99  ? 101 LEU A CD2   1 
ATOM   832  N N     . PRO A 1 102 ? -2.273  -8.064  -11.540 1.00 64.80  ? 102 PRO A N     1 
ATOM   833  C CA    . PRO A 1 102 ? -1.997  -9.506  -11.566 1.00 53.34  ? 102 PRO A CA    1 
ATOM   834  C C     . PRO A 1 102 ? -0.501  -9.820  -11.633 1.00 57.91  ? 102 PRO A C     1 
ATOM   835  O O     . PRO A 1 102 ? -0.067  -10.846 -11.109 1.00 56.99  ? 102 PRO A O     1 
ATOM   836  C CB    . PRO A 1 102 ? -2.686  -9.965  -12.853 1.00 52.32  ? 102 PRO A CB    1 
ATOM   837  C CG    . PRO A 1 102 ? -3.785  -8.982  -13.056 1.00 57.03  ? 102 PRO A CG    1 
ATOM   838  C CD    . PRO A 1 102 ? -3.237  -7.668  -12.581 1.00 61.55  ? 102 PRO A CD    1 
ATOM   839  N N     . GLU A 1 103 ? 0.271   -8.944  -12.266 1.00 54.02  ? 103 GLU A N     1 
ATOM   840  C CA    . GLU A 1 103 ? 1.706   -9.158  -12.429 1.00 52.03  ? 103 GLU A CA    1 
ATOM   841  C C     . GLU A 1 103 ? 2.480   -8.896  -11.141 1.00 57.04  ? 103 GLU A C     1 
ATOM   842  O O     . GLU A 1 103 ? 3.460   -9.582  -10.847 1.00 61.76  ? 103 GLU A O     1 
ATOM   843  C CB    . GLU A 1 103 ? 2.251   -8.277  -13.556 1.00 56.94  ? 103 GLU A CB    1 
ATOM   844  C CG    . GLU A 1 103 ? 3.756   -8.370  -13.756 1.00 62.25  ? 103 GLU A CG    1 
ATOM   845  C CD    . GLU A 1 103 ? 4.253   -7.487  -14.888 1.00 94.20  ? 103 GLU A CD    1 
ATOM   846  O OE1   . GLU A 1 103 ? 5.485   -7.317  -15.012 1.00 102.13 ? 103 GLU A OE1   1 
ATOM   847  O OE2   . GLU A 1 103 ? 3.416   -6.965  -15.654 1.00 75.75  ? 103 GLU A OE2   1 
ATOM   848  N N     . TYR A 1 104 ? 2.038   -7.907  -10.373 1.00 54.69  ? 104 TYR A N     1 
ATOM   849  C CA    . TYR A 1 104 ? 2.777   -7.481  -9.188  1.00 51.44  ? 104 TYR A CA    1 
ATOM   850  C C     . TYR A 1 104 ? 2.068   -7.809  -7.875  1.00 47.78  ? 104 TYR A C     1 
ATOM   851  O O     . TYR A 1 104 ? 2.592   -7.529  -6.797  1.00 55.26  ? 104 TYR A O     1 
ATOM   852  C CB    . TYR A 1 104 ? 3.077   -5.983  -9.260  1.00 48.83  ? 104 TYR A CB    1 
ATOM   853  C CG    . TYR A 1 104 ? 4.024   -5.603  -10.375 1.00 50.18  ? 104 TYR A CG    1 
ATOM   854  C CD1   . TYR A 1 104 ? 3.548   -5.077  -11.568 1.00 53.18  ? 104 TYR A CD1   1 
ATOM   855  C CD2   . TYR A 1 104 ? 5.395   -5.775  -10.235 1.00 42.61  ? 104 TYR A CD2   1 
ATOM   856  C CE1   . TYR A 1 104 ? 4.411   -4.728  -12.591 1.00 52.35  ? 104 TYR A CE1   1 
ATOM   857  C CE2   . TYR A 1 104 ? 6.265   -5.430  -11.250 1.00 57.94  ? 104 TYR A CE2   1 
ATOM   858  C CZ    . TYR A 1 104 ? 5.769   -4.909  -12.426 1.00 61.26  ? 104 TYR A CZ    1 
ATOM   859  O OH    . TYR A 1 104 ? 6.635   -4.565  -13.440 1.00 67.72  ? 104 TYR A OH    1 
ATOM   860  N N     . MET A 1 105 ? 0.885   -8.405  -7.964  1.00 48.09  ? 105 MET A N     1 
ATOM   861  C CA    . MET A 1 105 ? 0.121   -8.742  -6.768  1.00 42.55  ? 105 MET A CA    1 
ATOM   862  C C     . MET A 1 105 ? 0.810   -9.835  -5.957  1.00 47.70  ? 105 MET A C     1 
ATOM   863  O O     . MET A 1 105 ? 1.222   -10.861 -6.500  1.00 64.69  ? 105 MET A O     1 
ATOM   864  C CB    . MET A 1 105 ? -1.301  -9.177  -7.132  1.00 56.45  ? 105 MET A CB    1 
ATOM   865  C CG    . MET A 1 105 ? -2.186  -9.463  -5.929  1.00 53.03  ? 105 MET A CG    1 
ATOM   866  S SD    . MET A 1 105 ? -2.420  -8.015  -4.881  1.00 75.66  ? 105 MET A SD    1 
ATOM   867  C CE    . MET A 1 105 ? -3.113  -8.769  -3.416  1.00 62.81  ? 105 MET A CE    1 
ATOM   868  N N     . TRP A 1 106 ? 0.937   -9.605  -4.654  1.00 54.91  ? 106 TRP A N     1 
ATOM   869  C CA    . TRP A 1 106 ? 1.507   -10.601 -3.757  1.00 60.41  ? 106 TRP A CA    1 
ATOM   870  C C     . TRP A 1 106 ? 0.437   -11.605 -3.358  1.00 72.46  ? 106 TRP A C     1 
ATOM   871  O O     . TRP A 1 106 ? -0.483  -11.278 -2.611  1.00 76.02  ? 106 TRP A O     1 
ATOM   872  C CB    . TRP A 1 106 ? 2.098   -9.936  -2.515  1.00 55.47  ? 106 TRP A CB    1 
ATOM   873  C CG    . TRP A 1 106 ? 2.576   -10.913 -1.484  1.00 63.59  ? 106 TRP A CG    1 
ATOM   874  C CD1   . TRP A 1 106 ? 3.517   -11.887 -1.654  1.00 66.68  ? 106 TRP A CD1   1 
ATOM   875  C CD2   . TRP A 1 106 ? 2.150   -11.003 -0.121  1.00 70.73  ? 106 TRP A CD2   1 
ATOM   876  N NE1   . TRP A 1 106 ? 3.698   -12.582 -0.483  1.00 71.25  ? 106 TRP A NE1   1 
ATOM   877  C CE2   . TRP A 1 106 ? 2.866   -12.056 0.478   1.00 71.33  ? 106 TRP A CE2   1 
ATOM   878  C CE3   . TRP A 1 106 ? 1.224   -10.295 0.657   1.00 86.40  ? 106 TRP A CE3   1 
ATOM   879  C CZ2   . TRP A 1 106 ? 2.695   -12.424 1.808   1.00 75.30  ? 106 TRP A CZ2   1 
ATOM   880  C CZ3   . TRP A 1 106 ? 1.053   -10.660 1.981   1.00 69.67  ? 106 TRP A CZ3   1 
ATOM   881  C CH2   . TRP A 1 106 ? 1.785   -11.713 2.542   1.00 72.62  ? 106 TRP A CH2   1 
ATOM   882  N N     . LYS A 1 107 ? 0.562   -12.827 -3.867  1.00 78.18  ? 107 LYS A N     1 
ATOM   883  C CA    . LYS A 1 107 ? -0.432  -13.868 -3.630  1.00 79.93  ? 107 LYS A CA    1 
ATOM   884  C C     . LYS A 1 107 ? 0.048   -14.909 -2.624  1.00 81.04  ? 107 LYS A C     1 
ATOM   885  O O     . LYS A 1 107 ? 0.780   -15.834 -2.979  1.00 74.57  ? 107 LYS A O     1 
ATOM   886  C CB    . LYS A 1 107 ? -0.813  -14.548 -4.947  1.00 69.61  ? 107 LYS A CB    1 
ATOM   887  C CG    . LYS A 1 107 ? -1.598  -13.655 -5.896  1.00 70.91  ? 107 LYS A CG    1 
ATOM   888  C CD    . LYS A 1 107 ? -1.777  -14.305 -7.260  1.00 76.18  ? 107 LYS A CD    1 
ATOM   889  C CE    . LYS A 1 107 ? -0.481  -14.292 -8.057  1.00 86.60  ? 107 LYS A CE    1 
ATOM   890  N NZ    . LYS A 1 107 ? -0.677  -14.812 -9.440  1.00 68.21  ? 107 LYS A NZ    1 
ATOM   891  N N     . PRO A 1 108 ? -0.365  -14.755 -1.358  1.00 83.64  ? 108 PRO A N     1 
ATOM   892  C CA    . PRO A 1 108 ? -0.028  -15.689 -0.278  1.00 87.03  ? 108 PRO A CA    1 
ATOM   893  C C     . PRO A 1 108 ? -0.789  -17.005 -0.421  1.00 74.60  ? 108 PRO A C     1 
ATOM   894  O O     . PRO A 1 108 ? -0.194  -18.005 -0.820  1.00 65.27  ? 108 PRO A O     1 
ATOM   895  C CB    . PRO A 1 108 ? -0.497  -14.951 0.985   1.00 79.89  ? 108 PRO A CB    1 
ATOM   896  C CG    . PRO A 1 108 ? -0.699  -13.522 0.564   1.00 76.13  ? 108 PRO A CG    1 
ATOM   897  C CD    . PRO A 1 108 ? -1.123  -13.598 -0.861  1.00 68.18  ? 108 PRO A CD    1 
ATOM   898  O "O5'" . DG  B 2 1   ? -23.909 8.579   20.791  1.00 80.81  ? 1   DG  B "O5'" 1 
ATOM   899  C "C5'" . DG  B 2 1   ? -25.279 8.963   20.743  1.00 73.86  ? 1   DG  B "C5'" 1 
ATOM   900  C "C4'" . DG  B 2 1   ? -25.412 10.475  20.702  1.00 78.47  ? 1   DG  B "C4'" 1 
ATOM   901  O "O4'" . DG  B 2 1   ? -24.547 11.050  21.712  1.00 81.41  ? 1   DG  B "O4'" 1 
ATOM   902  C "C3'" . DG  B 2 1   ? -24.996 11.129  19.390  1.00 73.25  ? 1   DG  B "C3'" 1 
ATOM   903  O "O3'" . DG  B 2 1   ? -26.123 11.214  18.525  1.00 84.22  ? 1   DG  B "O3'" 1 
ATOM   904  C "C2'" . DG  B 2 1   ? -24.540 12.513  19.841  1.00 67.95  ? 1   DG  B "C2'" 1 
ATOM   905  C "C1'" . DG  B 2 1   ? -23.995 12.267  21.246  1.00 64.01  ? 1   DG  B "C1'" 1 
ATOM   906  N N9    . DG  B 2 1   ? -22.537 12.186  21.304  1.00 62.97  ? 1   DG  B N9    1 
ATOM   907  C C8    . DG  B 2 1   ? -21.775 11.090  21.632  1.00 60.53  ? 1   DG  B C8    1 
ATOM   908  N N7    . DG  B 2 1   ? -20.490 11.318  21.601  1.00 60.26  ? 1   DG  B N7    1 
ATOM   909  C C5    . DG  B 2 1   ? -20.394 12.652  21.225  1.00 55.94  ? 1   DG  B C5    1 
ATOM   910  C C6    . DG  B 2 1   ? -19.252 13.464  21.024  1.00 60.33  ? 1   DG  B C6    1 
ATOM   911  O O6    . DG  B 2 1   ? -18.058 13.155  21.141  1.00 55.90  ? 1   DG  B O6    1 
ATOM   912  N N1    . DG  B 2 1   ? -19.600 14.759  20.649  1.00 55.72  ? 1   DG  B N1    1 
ATOM   913  C C2    . DG  B 2 1   ? -20.888 15.214  20.488  1.00 55.56  ? 1   DG  B C2    1 
ATOM   914  N N2    . DG  B 2 1   ? -21.032 16.495  20.122  1.00 53.80  ? 1   DG  B N2    1 
ATOM   915  N N3    . DG  B 2 1   ? -21.966 14.464  20.674  1.00 49.66  ? 1   DG  B N3    1 
ATOM   916  C C4    . DG  B 2 1   ? -21.644 13.200  21.040  1.00 52.72  ? 1   DG  B C4    1 
ATOM   917  P P     . DC  B 2 2   ? -25.948 10.989  16.943  1.00 93.90  ? 2   DC  B P     1 
ATOM   918  O OP1   . DC  B 2 2   ? -27.293 10.790  16.358  1.00 68.52  ? 2   DC  B OP1   1 
ATOM   919  O OP2   . DC  B 2 2   ? -24.899 9.964   16.741  1.00 73.40  ? 2   DC  B OP2   1 
ATOM   920  O "O5'" . DC  B 2 2   ? -25.369 12.387  16.428  1.00 78.86  ? 2   DC  B "O5'" 1 
ATOM   921  C "C5'" . DC  B 2 2   ? -26.062 13.594  16.725  1.00 64.35  ? 2   DC  B "C5'" 1 
ATOM   922  C "C4'" . DC  B 2 2   ? -25.173 14.789  16.440  1.00 74.29  ? 2   DC  B "C4'" 1 
ATOM   923  O "O4'" . DC  B 2 2   ? -24.068 14.796  17.376  1.00 69.47  ? 2   DC  B "O4'" 1 
ATOM   924  C "C3'" . DC  B 2 2   ? -24.541 14.779  15.056  1.00 65.15  ? 2   DC  B "C3'" 1 
ATOM   925  O "O3'" . DC  B 2 2   ? -25.361 15.520  14.161  1.00 75.99  ? 2   DC  B "O3'" 1 
ATOM   926  C "C2'" . DC  B 2 2   ? -23.186 15.454  15.261  1.00 64.02  ? 2   DC  B "C2'" 1 
ATOM   927  C "C1'" . DC  B 2 2   ? -22.913 15.330  16.759  1.00 70.84  ? 2   DC  B "C1'" 1 
ATOM   928  N N1    . DC  B 2 2   ? -21.752 14.454  17.100  1.00 65.42  ? 2   DC  B N1    1 
ATOM   929  C C2    . DC  B 2 2   ? -20.448 14.905  16.861  1.00 59.89  ? 2   DC  B C2    1 
ATOM   930  O O2    . DC  B 2 2   ? -20.275 16.023  16.363  1.00 57.07  ? 2   DC  B O2    1 
ATOM   931  N N3    . DC  B 2 2   ? -19.408 14.097  17.181  1.00 54.84  ? 2   DC  B N3    1 
ATOM   932  C C4    . DC  B 2 2   ? -19.632 12.896  17.717  1.00 51.02  ? 2   DC  B C4    1 
ATOM   933  N N4    . DC  B 2 2   ? -18.572 12.137  18.015  1.00 57.48  ? 2   DC  B N4    1 
ATOM   934  C C5    . DC  B 2 2   ? -20.952 12.421  17.969  1.00 59.76  ? 2   DC  B C5    1 
ATOM   935  C C6    . DC  B 2 2   ? -21.971 13.225  17.649  1.00 67.23  ? 2   DC  B C6    1 
ATOM   936  P P     . DC  B 2 3   ? -25.381 15.163  12.594  1.00 92.04  ? 3   DC  B P     1 
ATOM   937  O OP1   . DC  B 2 3   ? -26.505 15.897  11.972  1.00 80.13  ? 3   DC  B OP1   1 
ATOM   938  O OP2   . DC  B 2 3   ? -25.298 13.691  12.462  1.00 65.51  ? 3   DC  B OP2   1 
ATOM   939  O "O5'" . DC  B 2 3   ? -24.003 15.767  12.056  1.00 76.43  ? 3   DC  B "O5'" 1 
ATOM   940  C "C5'" . DC  B 2 3   ? -23.595 17.084  12.404  1.00 73.46  ? 3   DC  B "C5'" 1 
ATOM   941  C "C4'" . DC  B 2 3   ? -22.151 17.262  11.982  1.00 73.17  ? 3   DC  B "C4'" 1 
ATOM   942  O "O4'" . DC  B 2 3   ? -21.276 16.589  12.926  1.00 78.60  ? 3   DC  B "O4'" 1 
ATOM   943  C "C3'" . DC  B 2 3   ? -21.860 16.653  10.614  1.00 71.99  ? 3   DC  B "C3'" 1 
ATOM   944  O "O3'" . DC  B 2 3   ? -21.141 17.556  9.786   1.00 74.00  ? 3   DC  B "O3'" 1 
ATOM   945  C "C2'" . DC  B 2 3   ? -21.020 15.422  10.936  1.00 76.70  ? 3   DC  B "C2'" 1 
ATOM   946  C "C1'" . DC  B 2 3   ? -20.302 15.876  12.196  1.00 73.71  ? 3   DC  B "C1'" 1 
ATOM   947  N N1    . DC  B 2 3   ? -19.814 14.725  12.994  1.00 65.87  ? 3   DC  B N1    1 
ATOM   948  C C2    . DC  B 2 3   ? -18.454 14.623  13.292  1.00 64.45  ? 3   DC  B C2    1 
ATOM   949  O O2    . DC  B 2 3   ? -17.683 15.505  12.895  1.00 58.72  ? 3   DC  B O2    1 
ATOM   950  N N3    . DC  B 2 3   ? -18.021 13.562  14.016  1.00 53.70  ? 3   DC  B N3    1 
ATOM   951  C C4    . DC  B 2 3   ? -18.889 12.635  14.424  1.00 60.01  ? 3   DC  B C4    1 
ATOM   952  N N4    . DC  B 2 3   ? -18.417 11.606  15.134  1.00 52.33  ? 3   DC  B N4    1 
ATOM   953  C C5    . DC  B 2 3   ? -20.279 12.719  14.124  1.00 55.92  ? 3   DC  B C5    1 
ATOM   954  C C6    . DC  B 2 3   ? -20.693 13.770  13.412  1.00 59.29  ? 3   DC  B C6    1 
ATOM   955  P P     . DA  B 2 4   ? -21.015 17.273  8.210   1.00 88.53  ? 4   DA  B P     1 
ATOM   956  O OP1   . DA  B 2 4   ? -22.239 17.786  7.555   1.00 77.54  ? 4   DA  B OP1   1 
ATOM   957  O OP2   . DA  B 2 4   ? -20.626 15.856  8.030   1.00 82.81  ? 4   DA  B OP2   1 
ATOM   958  O "O5'" . DA  B 2 4   ? -19.770 18.170  7.766   1.00 74.18  ? 4   DA  B "O5'" 1 
ATOM   959  C "C5'" . DA  B 2 4   ? -18.980 18.823  8.749   1.00 76.14  ? 4   DA  B "C5'" 1 
ATOM   960  C "C4'" . DA  B 2 4   ? -17.533 18.370  8.668   1.00 82.60  ? 4   DA  B "C4'" 1 
ATOM   961  O "O4'" . DA  B 2 4   ? -17.308 17.272  9.589   1.00 78.21  ? 4   DA  B "O4'" 1 
ATOM   962  C "C3'" . DA  B 2 4   ? -17.079 17.871  7.300   1.00 71.37  ? 4   DA  B "C3'" 1 
ATOM   963  O "O3'" . DA  B 2 4   ? -15.764 18.348  7.061   1.00 78.41  ? 4   DA  B "O3'" 1 
ATOM   964  C "C2'" . DA  B 2 4   ? -17.097 16.355  7.459   1.00 72.20  ? 4   DA  B "C2'" 1 
ATOM   965  C "C1'" . DA  B 2 4   ? -16.645 16.228  8.908   1.00 71.21  ? 4   DA  B "C1'" 1 
ATOM   966  N N9    . DA  B 2 4   ? -17.004 14.969  9.551   1.00 62.01  ? 4   DA  B N9    1 
ATOM   967  C C8    . DA  B 2 4   ? -18.236 14.377  9.583   1.00 58.92  ? 4   DA  B C8    1 
ATOM   968  N N7    . DA  B 2 4   ? -18.262 13.244  10.246  1.00 57.93  ? 4   DA  B N7    1 
ATOM   969  C C5    . DA  B 2 4   ? -16.954 13.086  10.681  1.00 55.69  ? 4   DA  B C5    1 
ATOM   970  C C6    . DA  B 2 4   ? -16.319 12.083  11.440  1.00 49.50  ? 4   DA  B C6    1 
ATOM   971  N N6    . DA  B 2 4   ? -16.951 11.004  11.914  1.00 49.09  ? 4   DA  B N6    1 
ATOM   972  N N1    . DA  B 2 4   ? -15.002 12.234  11.695  1.00 44.74  ? 4   DA  B N1    1 
ATOM   973  C C2    . DA  B 2 4   ? -14.371 13.314  11.221  1.00 54.25  ? 4   DA  B C2    1 
ATOM   974  N N3    . DA  B 2 4   ? -14.860 14.320  10.498  1.00 49.76  ? 4   DA  B N3    1 
ATOM   975  C C4    . DA  B 2 4   ? -16.168 14.143  10.262  1.00 52.47  ? 4   DA  B C4    1 
ATOM   976  P P     . DT  B 2 5   ? -15.086 18.158  5.617   1.00 97.76  ? 5   DT  B P     1 
ATOM   977  O OP1   . DT  B 2 5   ? -14.380 19.413  5.279   1.00 88.95  ? 5   DT  B OP1   1 
ATOM   978  O OP2   . DT  B 2 5   ? -16.115 17.626  4.697   1.00 84.65  ? 5   DT  B OP2   1 
ATOM   979  O "O5'" . DT  B 2 5   ? -13.997 17.012  5.864   1.00 80.98  ? 5   DT  B "O5'" 1 
ATOM   980  C "C5'" . DT  B 2 5   ? -12.947 17.236  6.798   1.00 75.97  ? 5   DT  B "C5'" 1 
ATOM   981  C "C4'" . DT  B 2 5   ? -12.056 16.012  6.915   1.00 69.68  ? 5   DT  B "C4'" 1 
ATOM   982  O "O4'" . DT  B 2 5   ? -12.715 14.988  7.706   1.00 75.92  ? 5   DT  B "O4'" 1 
ATOM   983  C "C3'" . DT  B 2 5   ? -11.684 15.357  5.588   1.00 63.91  ? 5   DT  B "C3'" 1 
ATOM   984  O "O3'" . DT  B 2 5   ? -10.294 15.071  5.594   1.00 70.48  ? 5   DT  B "O3'" 1 
ATOM   985  C "C2'" . DT  B 2 5   ? -12.512 14.075  5.586   1.00 59.48  ? 5   DT  B "C2'" 1 
ATOM   986  C "C1'" . DT  B 2 5   ? -12.499 13.746  7.073   1.00 58.80  ? 5   DT  B "C1'" 1 
ATOM   987  N N1    . DT  B 2 5   ? -13.560 12.799  7.512   1.00 52.54  ? 5   DT  B N1    1 
ATOM   988  C C2    . DT  B 2 5   ? -13.224 11.802  8.399   1.00 50.98  ? 5   DT  B C2    1 
ATOM   989  O O2    . DT  B 2 5   ? -12.098 11.657  8.843   1.00 54.83  ? 5   DT  B O2    1 
ATOM   990  N N3    . DT  B 2 5   ? -14.262 10.978  8.751   1.00 40.61  ? 5   DT  B N3    1 
ATOM   991  C C4    . DT  B 2 5   ? -15.570 11.052  8.311   1.00 52.32  ? 5   DT  B C4    1 
ATOM   992  O O4    . DT  B 2 5   ? -16.434 10.263  8.685   1.00 45.90  ? 5   DT  B O4    1 
ATOM   993  C C5    . DT  B 2 5   ? -15.852 12.120  7.384   1.00 53.06  ? 5   DT  B C5    1 
ATOM   994  C C7    . DT  B 2 5   ? -17.239 12.297  6.841   1.00 37.21  ? 5   DT  B C7    1 
ATOM   995  C C6    . DT  B 2 5   ? -14.846 12.933  7.033   1.00 51.37  ? 5   DT  B C6    1 
ATOM   996  P P     . DG  B 2 6   ? -9.420  15.290  4.264   1.00 89.42  ? 6   DG  B P     1 
ATOM   997  O OP1   . DG  B 2 6   ? -8.399  16.322  4.552   1.00 68.21  ? 6   DG  B OP1   1 
ATOM   998  O OP2   . DG  B 2 6   ? -10.352 15.467  3.127   1.00 51.02  ? 6   DG  B OP2   1 
ATOM   999  O "O5'" . DG  B 2 6   ? -8.685  13.885  4.069   1.00 80.46  ? 6   DG  B "O5'" 1 
ATOM   1000 C "C5'" . DG  B 2 6   ? -8.263  13.145  5.205   1.00 54.28  ? 6   DG  B "C5'" 1 
ATOM   1001 C "C4'" . DG  B 2 6   ? -8.482  11.665  4.951   1.00 54.54  ? 6   DG  B "C4'" 1 
ATOM   1002 O "O4'" . DG  B 2 6   ? -9.751  11.233  5.507   1.00 62.04  ? 6   DG  B "O4'" 1 
ATOM   1003 C "C3'" . DG  B 2 6   ? -8.517  11.275  3.473   1.00 60.11  ? 6   DG  B "C3'" 1 
ATOM   1004 O "O3'" . DG  B 2 6   ? -7.713  10.128  3.255   1.00 43.63  ? 6   DG  B "O3'" 1 
ATOM   1005 C "C2'" . DG  B 2 6   ? -9.988  10.955  3.234   1.00 40.17  ? 6   DG  B "C2'" 1 
ATOM   1006 C "C1'" . DG  B 2 6   ? -10.303 10.325  4.581   1.00 42.49  ? 6   DG  B "C1'" 1 
ATOM   1007 N N9    . DG  B 2 6   ? -11.725 10.131  4.839   1.00 41.85  ? 6   DG  B N9    1 
ATOM   1008 C C8    . DG  B 2 6   ? -12.777 10.853  4.329   1.00 43.89  ? 6   DG  B C8    1 
ATOM   1009 N N7    . DG  B 2 6   ? -13.943 10.434  4.741   1.00 47.47  ? 6   DG  B N7    1 
ATOM   1010 C C5    . DG  B 2 6   ? -13.642 9.364   5.575   1.00 37.84  ? 6   DG  B C5    1 
ATOM   1011 C C6    . DG  B 2 6   ? -14.493 8.510   6.314   1.00 46.12  ? 6   DG  B C6    1 
ATOM   1012 O O6    . DG  B 2 6   ? -15.730 8.525   6.384   1.00 45.90  ? 6   DG  B O6    1 
ATOM   1013 N N1    . DG  B 2 6   ? -13.771 7.555   7.028   1.00 45.45  ? 6   DG  B N1    1 
ATOM   1014 C C2    . DG  B 2 6   ? -12.401 7.439   7.029   1.00 47.41  ? 6   DG  B C2    1 
ATOM   1015 N N2    . DG  B 2 6   ? -11.880 6.456   7.778   1.00 46.85  ? 6   DG  B N2    1 
ATOM   1016 N N3    . DG  B 2 6   ? -11.593 8.232   6.342   1.00 40.70  ? 6   DG  B N3    1 
ATOM   1017 C C4    . DG  B 2 6   ? -12.282 9.166   5.643   1.00 45.81  ? 6   DG  B C4    1 
HETATM 1018 N N1    . 1AP B 2 7   ? 1.044   4.730   2.362   1.00 40.68  ? 7   1AP B N1    1 
HETATM 1019 C C2    . 1AP B 2 7   ? 0.112   4.146   1.541   1.00 33.10  ? 7   1AP B C2    1 
HETATM 1020 C C4    . 1AP B 2 7   ? -1.405  5.989   1.866   1.00 34.88  ? 7   1AP B C4    1 
HETATM 1021 C C5    . 1AP B 2 7   ? -0.487  6.605   2.701   1.00 31.75  ? 7   1AP B C5    1 
HETATM 1022 C C6    . 1AP B 2 7   ? 0.787   5.931   2.945   1.00 30.73  ? 7   1AP B C6    1 
HETATM 1023 C C8    . 1AP B 2 7   ? -2.319  7.893   2.537   1.00 41.83  ? 7   1AP B C8    1 
HETATM 1024 N N2    . 1AP B 2 7   ? 0.401   2.878   0.938   1.00 35.59  ? 7   1AP B N2    1 
HETATM 1025 N N3    . 1AP B 2 7   ? -1.071  4.732   1.290   1.00 25.10  ? 7   1AP B N3    1 
HETATM 1026 N N9    . 1AP B 2 7   ? -2.532  6.817   1.788   1.00 39.06  ? 7   1AP B N9    1 
HETATM 1027 N N7    . 1AP B 2 7   ? -1.067  7.787   3.109   1.00 45.56  ? 7   1AP B N7    1 
HETATM 1028 N N6    . 1AP B 2 7   ? 1.799   6.552   3.828   1.00 40.23  ? 7   1AP B N6    1 
HETATM 1029 P P     . 1AP B 2 7   ? -6.134  10.284  3.005   1.00 58.95  ? 7   1AP B P     1 
HETATM 1030 O OP1   . 1AP B 2 7   ? -6.003  10.044  4.547   1.00 49.72  ? 7   1AP B OP1   1 
HETATM 1031 O OP2   . 1AP B 2 7   ? -5.261  11.516  2.405   1.00 44.17  ? 7   1AP B OP2   1 
HETATM 1032 O "O5'" . 1AP B 2 7   ? -5.756  8.982   2.270   1.00 53.59  ? 7   1AP B "O5'" 1 
HETATM 1033 C "C5'" . 1AP B 2 7   ? -6.150  8.784   0.935   1.00 46.24  ? 7   1AP B "C5'" 1 
HETATM 1034 C "C4'" . 1AP B 2 7   ? -5.609  7.586   0.269   1.00 46.79  ? 7   1AP B "C4'" 1 
HETATM 1035 O "O4'" . 1AP B 2 7   ? -4.191  7.651   0.294   1.00 44.08  ? 7   1AP B "O4'" 1 
HETATM 1036 C "C1'" . 1AP B 2 7   ? -3.721  6.517   0.999   1.00 42.72  ? 7   1AP B "C1'" 1 
HETATM 1037 C "C2'" . 1AP B 2 7   ? -4.856  6.065   1.821   1.00 35.60  ? 7   1AP B "C2'" 1 
HETATM 1038 C "C3'" . 1AP B 2 7   ? -6.006  6.407   1.011   1.00 38.82  ? 7   1AP B "C3'" 1 
HETATM 1039 O "O3'" . 1AP B 2 7   ? -6.252  5.360   0.115   1.00 37.14  ? 7   1AP B "O3'" 1 
ATOM   1040 P P     . DC  B 2 8   ? -7.707  5.180   -0.542  1.00 40.71  ? 8   DC  B P     1 
ATOM   1041 O OP1   . DC  B 2 8   ? -7.572  4.286   -1.712  1.00 37.80  ? 8   DC  B OP1   1 
ATOM   1042 O OP2   . DC  B 2 8   ? -8.300  6.525   -0.715  1.00 45.56  ? 8   DC  B OP2   1 
ATOM   1043 O "O5'" . DC  B 2 8   ? -8.536  4.421   0.594   1.00 40.96  ? 8   DC  B "O5'" 1 
ATOM   1044 C "C5'" . DC  B 2 8   ? -7.932  3.330   1.278   1.00 31.23  ? 8   DC  B "C5'" 1 
ATOM   1045 C "C4'" . DC  B 2 8   ? -8.795  2.085   1.189   1.00 37.84  ? 8   DC  B "C4'" 1 
ATOM   1046 O "O4'" . DC  B 2 8   ? -10.137 2.408   1.634   1.00 37.14  ? 8   DC  B "O4'" 1 
ATOM   1047 C "C3'" . DC  B 2 8   ? -8.937  1.496   -0.210  1.00 35.19  ? 8   DC  B "C3'" 1 
ATOM   1048 O "O3'" . DC  B 2 8   ? -8.932  0.077   -0.136  1.00 42.25  ? 8   DC  B "O3'" 1 
ATOM   1049 C "C2'" . DC  B 2 8   ? -10.285 2.027   -0.686  1.00 29.21  ? 8   DC  B "C2'" 1 
ATOM   1050 C "C1'" . DC  B 2 8   ? -11.071 2.114   0.617   1.00 33.86  ? 8   DC  B "C1'" 1 
ATOM   1051 N N1    . DC  B 2 8   ? -12.103 3.185   0.605   1.00 38.07  ? 8   DC  B N1    1 
ATOM   1052 C C2    . DC  B 2 8   ? -13.443 2.850   0.816   1.00 39.38  ? 8   DC  B C2    1 
ATOM   1053 O O2    . DC  B 2 8   ? -13.742 1.665   1.012   1.00 44.13  ? 8   DC  B O2    1 
ATOM   1054 N N3    . DC  B 2 8   ? -14.374 3.836   0.802   1.00 48.67  ? 8   DC  B N3    1 
ATOM   1055 C C4    . DC  B 2 8   ? -14.005 5.099   0.588   1.00 38.60  ? 8   DC  B C4    1 
ATOM   1056 N N4    . DC  B 2 8   ? -14.963 6.033   0.583   1.00 41.36  ? 8   DC  B N4    1 
ATOM   1057 C C5    . DC  B 2 8   ? -12.643 5.459   0.369   1.00 34.49  ? 8   DC  B C5    1 
ATOM   1058 C C6    . DC  B 2 8   ? -11.734 4.479   0.386   1.00 45.54  ? 8   DC  B C6    1 
ATOM   1059 P P     . DT  B 2 9   ? -9.114  -0.801  -1.468  1.00 32.10  ? 9   DT  B P     1 
ATOM   1060 O OP1   . DT  B 2 9   ? -8.460  -2.106  -1.245  1.00 30.64  ? 9   DT  B OP1   1 
ATOM   1061 O OP2   . DT  B 2 9   ? -8.717  0.034   -2.623  1.00 34.46  ? 9   DT  B OP2   1 
ATOM   1062 O "O5'" . DT  B 2 9   ? -10.694 -1.029  -1.552  1.00 35.54  ? 9   DT  B "O5'" 1 
ATOM   1063 C "C5'" . DT  B 2 9   ? -11.332 -1.868  -0.602  1.00 36.92  ? 9   DT  B "C5'" 1 
ATOM   1064 C "C4'" . DT  B 2 9   ? -12.689 -2.311  -1.119  1.00 49.34  ? 9   DT  B "C4'" 1 
ATOM   1065 O "O4'" . DT  B 2 9   ? -13.638 -1.217  -1.000  1.00 49.21  ? 9   DT  B "O4'" 1 
ATOM   1066 C "C3'" . DT  B 2 9   ? -12.706 -2.722  -2.586  1.00 40.10  ? 9   DT  B "C3'" 1 
ATOM   1067 O "O3'" . DT  B 2 9   ? -13.623 -3.789  -2.761  1.00 47.39  ? 9   DT  B "O3'" 1 
ATOM   1068 C "C2'" . DT  B 2 9   ? -13.204 -1.460  -3.277  1.00 38.98  ? 9   DT  B "C2'" 1 
ATOM   1069 C "C1'" . DT  B 2 9   ? -14.237 -0.995  -2.259  1.00 37.40  ? 9   DT  B "C1'" 1 
ATOM   1070 N N1    . DT  B 2 9   ? -14.594 0.446   -2.365  1.00 35.86  ? 9   DT  B N1    1 
ATOM   1071 C C2    . DT  B 2 9   ? -15.892 0.825   -2.113  1.00 46.93  ? 9   DT  B C2    1 
ATOM   1072 O O2    . DT  B 2 9   ? -16.771 0.038   -1.805  1.00 46.03  ? 9   DT  B O2    1 
ATOM   1073 N N3    . DT  B 2 9   ? -16.127 2.168   -2.234  1.00 48.17  ? 9   DT  B N3    1 
ATOM   1074 C C4    . DT  B 2 9   ? -15.216 3.149   -2.574  1.00 45.64  ? 9   DT  B C4    1 
ATOM   1075 O O4    . DT  B 2 9   ? -15.534 4.332   -2.654  1.00 51.14  ? 9   DT  B O4    1 
ATOM   1076 C C5    . DT  B 2 9   ? -13.874 2.682   -2.825  1.00 38.59  ? 9   DT  B C5    1 
ATOM   1077 C C7    . DT  B 2 9   ? -12.796 3.655   -3.203  1.00 30.39  ? 9   DT  B C7    1 
ATOM   1078 C C6    . DT  B 2 9   ? -13.630 1.370   -2.710  1.00 37.25  ? 9   DT  B C6    1 
ATOM   1079 P P     . DA  B 2 10  ? -13.281 -4.993  -3.768  1.00 68.51  ? 10  DA  B P     1 
ATOM   1080 O OP1   . DA  B 2 10  ? -12.442 -5.972  -3.040  1.00 58.32  ? 10  DA  B OP1   1 
ATOM   1081 O OP2   . DA  B 2 10  ? -12.791 -4.405  -5.035  1.00 42.57  ? 10  DA  B OP2   1 
ATOM   1082 O "O5'" . DA  B 2 10  ? -14.708 -5.647  -4.061  1.00 63.02  ? 10  DA  B "O5'" 1 
ATOM   1083 C "C5'" . DA  B 2 10  ? -15.582 -5.929  -2.976  1.00 55.80  ? 10  DA  B "C5'" 1 
ATOM   1084 C "C4'" . DA  B 2 10  ? -17.015 -5.601  -3.351  1.00 59.23  ? 10  DA  B "C4'" 1 
ATOM   1085 O "O4'" . DA  B 2 10  ? -17.186 -4.160  -3.406  1.00 64.78  ? 10  DA  B "O4'" 1 
ATOM   1086 C "C3'" . DA  B 2 10  ? -17.457 -6.136  -4.708  1.00 72.57  ? 10  DA  B "C3'" 1 
ATOM   1087 O "O3'" . DA  B 2 10  ? -18.783 -6.643  -4.620  1.00 85.12  ? 10  DA  B "O3'" 1 
ATOM   1088 C "C2'" . DA  B 2 10  ? -17.383 -4.906  -5.609  1.00 62.54  ? 10  DA  B "C2'" 1 
ATOM   1089 C "C1'" . DA  B 2 10  ? -17.774 -3.801  -4.637  1.00 66.33  ? 10  DA  B "C1'" 1 
ATOM   1090 N N9    . DA  B 2 10  ? -17.274 -2.482  -5.008  1.00 53.57  ? 10  DA  B N9    1 
ATOM   1091 C C8    . DA  B 2 10  ? -16.050 -2.175  -5.535  1.00 48.90  ? 10  DA  B C8    1 
ATOM   1092 N N7    . DA  B 2 10  ? -15.881 -0.893  -5.764  1.00 41.39  ? 10  DA  B N7    1 
ATOM   1093 C C5    . DA  B 2 10  ? -17.076 -0.321  -5.356  1.00 44.73  ? 10  DA  B C5    1 
ATOM   1094 C C6    . DA  B 2 10  ? -17.538 1.010   -5.336  1.00 46.10  ? 10  DA  B C6    1 
ATOM   1095 N N6    . DA  B 2 10  ? -16.815 2.053   -5.758  1.00 41.89  ? 10  DA  B N6    1 
ATOM   1096 N N1    . DA  B 2 10  ? -18.781 1.230   -4.864  1.00 49.17  ? 10  DA  B N1    1 
ATOM   1097 C C2    . DA  B 2 10  ? -19.509 0.190   -4.443  1.00 50.18  ? 10  DA  B C2    1 
ATOM   1098 N N3    . DA  B 2 10  ? -19.184 -1.101  -4.411  1.00 55.02  ? 10  DA  B N3    1 
ATOM   1099 C C4    . DA  B 2 10  ? -17.943 -1.288  -4.885  1.00 44.49  ? 10  DA  B C4    1 
ATOM   1100 P P     . DG  B 2 11  ? -19.515 -7.219  -5.928  1.00 83.36  ? 11  DG  B P     1 
ATOM   1101 O OP1   . DG  B 2 11  ? -20.391 -8.334  -5.507  1.00 80.54  ? 11  DG  B OP1   1 
ATOM   1102 O OP2   . DG  B 2 11  ? -18.483 -7.445  -6.965  1.00 67.76  ? 11  DG  B OP2   1 
ATOM   1103 O "O5'" . DG  B 2 11  ? -20.428 -5.999  -6.409  1.00 60.91  ? 11  DG  B "O5'" 1 
ATOM   1104 C "C5'" . DG  B 2 11  ? -21.360 -5.432  -5.499  1.00 66.51  ? 11  DG  B "C5'" 1 
ATOM   1105 C "C4'" . DG  B 2 11  ? -22.034 -4.218  -6.109  1.00 73.01  ? 11  DG  B "C4'" 1 
ATOM   1106 O "O4'" . DG  B 2 11  ? -21.083 -3.131  -6.226  1.00 70.70  ? 11  DG  B "O4'" 1 
ATOM   1107 C "C3'" . DG  B 2 11  ? -22.608 -4.449  -7.504  1.00 74.26  ? 11  DG  B "C3'" 1 
ATOM   1108 O "O3'" . DG  B 2 11  ? -24.010 -4.202  -7.492  1.00 86.04  ? 11  DG  B "O3'" 1 
ATOM   1109 C "C2'" . DG  B 2 11  ? -21.861 -3.461  -8.399  1.00 64.88  ? 11  DG  B "C2'" 1 
ATOM   1110 C "C1'" . DG  B 2 11  ? -21.385 -2.412  -7.401  1.00 56.51  ? 11  DG  B "C1'" 1 
ATOM   1111 N N9    . DG  B 2 11  ? -20.196 -1.681  -7.829  1.00 52.38  ? 11  DG  B N9    1 
ATOM   1112 C C8    . DG  B 2 11  ? -18.968 -2.203  -8.155  1.00 50.62  ? 11  DG  B C8    1 
ATOM   1113 N N7    . DG  B 2 11  ? -18.093 -1.301  -8.505  1.00 44.97  ? 11  DG  B N7    1 
ATOM   1114 C C5    . DG  B 2 11  ? -18.786 -0.103  -8.403  1.00 50.66  ? 11  DG  B C5    1 
ATOM   1115 C C6    . DG  B 2 11  ? -18.361 1.223   -8.654  1.00 53.12  ? 11  DG  B C6    1 
ATOM   1116 O O6    . DG  B 2 11  ? -17.248 1.619   -9.030  1.00 51.86  ? 11  DG  B O6    1 
ATOM   1117 N N1    . DG  B 2 11  ? -19.383 2.141   -8.426  1.00 47.89  ? 11  DG  B N1    1 
ATOM   1118 C C2    . DG  B 2 11  ? -20.653 1.823   -8.009  1.00 58.30  ? 11  DG  B C2    1 
ATOM   1119 N N2    . DG  B 2 11  ? -21.505 2.844   -7.842  1.00 47.08  ? 11  DG  B N2    1 
ATOM   1120 N N3    . DG  B 2 11  ? -21.064 0.586   -7.770  1.00 57.23  ? 11  DG  B N3    1 
ATOM   1121 C C4    . DG  B 2 11  ? -20.081 -0.320  -7.987  1.00 53.38  ? 11  DG  B C4    1 
ATOM   1122 P P     . DT  B 2 12  ? -24.900 -4.549  -8.783  1.00 101.98 ? 12  DT  B P     1 
ATOM   1123 O OP1   . DT  B 2 12  ? -26.181 -5.125  -8.315  1.00 76.50  ? 12  DT  B OP1   1 
ATOM   1124 O OP2   . DT  B 2 12  ? -24.053 -5.309  -9.729  1.00 69.81  ? 12  DT  B OP2   1 
ATOM   1125 O "O5'" . DT  B 2 12  ? -25.176 -3.119  -9.439  1.00 86.02  ? 12  DT  B "O5'" 1 
ATOM   1126 C "C5'" . DT  B 2 12  ? -25.614 -2.040  -8.625  1.00 75.48  ? 12  DT  B "C5'" 1 
ATOM   1127 C "C4'" . DT  B 2 12  ? -25.490 -0.737  -9.389  1.00 81.83  ? 12  DT  B "C4'" 1 
ATOM   1128 O "O4'" . DT  B 2 12  ? -24.095 -0.344  -9.474  1.00 84.07  ? 12  DT  B "O4'" 1 
ATOM   1129 C "C3'" . DT  B 2 12  ? -26.003 -0.799  -10.824 1.00 84.24  ? 12  DT  B "C3'" 1 
ATOM   1130 O "O3'" . DT  B 2 12  ? -26.766 0.365   -11.104 1.00 91.42  ? 12  DT  B "O3'" 1 
ATOM   1131 C "C2'" . DT  B 2 12  ? -24.722 -0.833  -11.648 1.00 74.97  ? 12  DT  B "C2'" 1 
ATOM   1132 C "C1'" . DT  B 2 12  ? -23.847 0.076   -10.798 1.00 72.07  ? 12  DT  B "C1'" 1 
ATOM   1133 N N1    . DT  B 2 12  ? -22.389 -0.020  -11.086 1.00 61.42  ? 12  DT  B N1    1 
ATOM   1134 C C2    . DT  B 2 12  ? -21.683 1.147   -11.262 1.00 61.18  ? 12  DT  B C2    1 
ATOM   1135 O O2    . DT  B 2 12  ? -22.189 2.254   -11.190 1.00 59.83  ? 12  DT  B O2    1 
ATOM   1136 N N3    . DT  B 2 12  ? -20.352 0.973   -11.527 1.00 52.35  ? 12  DT  B N3    1 
ATOM   1137 C C4    . DT  B 2 12  ? -19.668 -0.220  -11.632 1.00 54.94  ? 12  DT  B C4    1 
ATOM   1138 O O4    . DT  B 2 12  ? -18.464 -0.255  -11.874 1.00 54.95  ? 12  DT  B O4    1 
ATOM   1139 C C5    . DT  B 2 12  ? -20.468 -1.405  -11.439 1.00 56.83  ? 12  DT  B C5    1 
ATOM   1140 C C7    . DT  B 2 12  ? -19.840 -2.764  -11.529 1.00 55.27  ? 12  DT  B C7    1 
ATOM   1141 C C6    . DT  B 2 12  ? -21.774 -1.250  -11.179 1.00 57.80  ? 12  DT  B C6    1 
ATOM   1142 P P     . DA  B 2 13  ? -27.894 0.334   -12.246 1.00 111.84 ? 13  DA  B P     1 
ATOM   1143 O OP1   . DA  B 2 13  ? -29.203 0.587   -11.602 1.00 82.08  ? 13  DA  B OP1   1 
ATOM   1144 O OP2   . DA  B 2 13  ? -27.694 -0.893  -13.049 1.00 84.80  ? 13  DA  B OP2   1 
ATOM   1145 O "O5'" . DA  B 2 13  ? -27.518 1.580   -13.175 1.00 86.40  ? 13  DA  B "O5'" 1 
ATOM   1146 C "C5'" . DA  B 2 13  ? -27.379 2.872   -12.600 1.00 80.78  ? 13  DA  B "C5'" 1 
ATOM   1147 C "C4'" . DA  B 2 13  ? -26.529 3.762   -13.488 1.00 76.87  ? 13  DA  B "C4'" 1 
ATOM   1148 O "O4'" . DA  B 2 13  ? -25.139 3.353   -13.402 1.00 77.90  ? 13  DA  B "O4'" 1 
ATOM   1149 C "C3'" . DA  B 2 13  ? -26.894 3.719   -14.970 1.00 79.27  ? 13  DA  B "C3'" 1 
ATOM   1150 O "O3'" . DA  B 2 13  ? -26.802 5.026   -15.525 1.00 84.80  ? 13  DA  B "O3'" 1 
ATOM   1151 C "C2'" . DA  B 2 13  ? -25.823 2.799   -15.547 1.00 79.15  ? 13  DA  B "C2'" 1 
ATOM   1152 C "C1'" . DA  B 2 13  ? -24.633 3.257   -14.716 1.00 72.29  ? 13  DA  B "C1'" 1 
ATOM   1153 N N9    . DA  B 2 13  ? -23.486 2.354   -14.738 1.00 67.70  ? 13  DA  B N9    1 
ATOM   1154 C C8    . DA  B 2 13  ? -23.479 0.991   -14.620 1.00 67.70  ? 13  DA  B C8    1 
ATOM   1155 N N7    . DA  B 2 13  ? -22.276 0.464   -14.682 1.00 60.75  ? 13  DA  B N7    1 
ATOM   1156 C C5    . DA  B 2 13  ? -21.441 1.559   -14.848 1.00 60.18  ? 13  DA  B C5    1 
ATOM   1157 C C6    . DA  B 2 13  ? -20.044 1.688   -14.982 1.00 56.04  ? 13  DA  B C6    1 
ATOM   1158 N N6    . DA  B 2 13  ? -19.193 0.657   -14.969 1.00 56.77  ? 13  DA  B N6    1 
ATOM   1159 N N1    . DA  B 2 13  ? -19.545 2.932   -15.133 1.00 53.42  ? 13  DA  B N1    1 
ATOM   1160 C C2    . DA  B 2 13  ? -20.383 3.973   -15.148 1.00 62.85  ? 13  DA  B C2    1 
ATOM   1161 N N3    . DA  B 2 13  ? -21.708 3.977   -15.033 1.00 58.63  ? 13  DA  B N3    1 
ATOM   1162 C C4    . DA  B 2 13  ? -22.175 2.729   -14.884 1.00 58.90  ? 13  DA  B C4    1 
ATOM   1163 O "O5'" . DC  C 3 1   ? -9.943  1.020   -17.571 1.00 74.30  ? 14  DC  C "O5'" 1 
ATOM   1164 C "C5'" . DC  C 3 1   ? -9.416  1.605   -18.755 1.00 62.45  ? 14  DC  C "C5'" 1 
ATOM   1165 C "C4'" . DC  C 3 1   ? -10.360 2.670   -19.280 1.00 59.93  ? 14  DC  C "C4'" 1 
ATOM   1166 O "O4'" . DC  C 3 1   ? -11.468 2.046   -19.974 1.00 65.32  ? 14  DC  C "O4'" 1 
ATOM   1167 C "C3'" . DC  C 3 1   ? -10.981 3.542   -18.202 1.00 71.01  ? 14  DC  C "C3'" 1 
ATOM   1168 O "O3'" . DC  C 3 1   ? -10.143 4.668   -17.981 1.00 79.14  ? 14  DC  C "O3'" 1 
ATOM   1169 C "C2'" . DC  C 3 1   ? -12.316 3.946   -18.818 1.00 63.61  ? 14  DC  C "C2'" 1 
ATOM   1170 C "C1'" . DC  C 3 1   ? -12.664 2.754   -19.709 1.00 51.02  ? 14  DC  C "C1'" 1 
ATOM   1171 N N1    . DC  C 3 1   ? -13.639 1.802   -19.102 1.00 50.82  ? 14  DC  C N1    1 
ATOM   1172 C C2    . DC  C 3 1   ? -14.977 2.178   -18.952 1.00 57.10  ? 14  DC  C C2    1 
ATOM   1173 O O2    . DC  C 3 1   ? -15.328 3.303   -19.326 1.00 54.79  ? 14  DC  C O2    1 
ATOM   1174 N N3    . DC  C 3 1   ? -15.849 1.298   -18.401 1.00 55.39  ? 14  DC  C N3    1 
ATOM   1175 C C4    . DC  C 3 1   ? -15.426 0.092   -18.013 1.00 58.58  ? 14  DC  C C4    1 
ATOM   1176 N N4    . DC  C 3 1   ? -16.322 -0.741  -17.475 1.00 45.89  ? 14  DC  C N4    1 
ATOM   1177 C C5    . DC  C 3 1   ? -14.067 -0.309  -18.159 1.00 48.64  ? 14  DC  C C5    1 
ATOM   1178 C C6    . DC  C 3 1   ? -13.217 0.569   -18.703 1.00 44.29  ? 14  DC  C C6    1 
ATOM   1179 P P     . DT  C 3 2   ? -10.066 5.343   -16.527 1.00 87.62  ? 15  DT  C P     1 
ATOM   1180 O OP1   . DT  C 3 2   ? -8.913  6.270   -16.514 1.00 78.18  ? 15  DT  C OP1   1 
ATOM   1181 O OP2   . DT  C 3 2   ? -10.159 4.264   -15.518 1.00 63.78  ? 15  DT  C OP2   1 
ATOM   1182 O "O5'" . DT  C 3 2   ? -11.415 6.196   -16.442 1.00 58.01  ? 15  DT  C "O5'" 1 
ATOM   1183 C "C5'" . DT  C 3 2   ? -11.750 7.100   -17.487 1.00 55.36  ? 15  DT  C "C5'" 1 
ATOM   1184 C "C4'" . DT  C 3 2   ? -13.103 7.728   -17.215 1.00 64.83  ? 15  DT  C "C4'" 1 
ATOM   1185 O "O4'" . DT  C 3 2   ? -14.133 6.709   -17.292 1.00 71.16  ? 15  DT  C "O4'" 1 
ATOM   1186 C "C3'" . DT  C 3 2   ? -13.228 8.372   -15.839 1.00 72.73  ? 15  DT  C "C3'" 1 
ATOM   1187 O "O3'" . DT  C 3 2   ? -13.861 9.640   -15.954 1.00 76.75  ? 15  DT  C "O3'" 1 
ATOM   1188 C "C2'" . DT  C 3 2   ? -14.072 7.383   -15.039 1.00 74.31  ? 15  DT  C "C2'" 1 
ATOM   1189 C "C1'" . DT  C 3 2   ? -14.923 6.731   -16.122 1.00 63.76  ? 15  DT  C "C1'" 1 
ATOM   1190 N N1    . DT  C 3 2   ? -15.316 5.331   -15.796 1.00 57.28  ? 15  DT  C N1    1 
ATOM   1191 C C2    . DT  C 3 2   ? -16.649 5.036   -15.611 1.00 61.77  ? 15  DT  C C2    1 
ATOM   1192 O O2    . DT  C 3 2   ? -17.537 5.863   -15.705 1.00 66.12  ? 15  DT  C O2    1 
ATOM   1193 N N3    . DT  C 3 2   ? -16.903 3.721   -15.314 1.00 54.96  ? 15  DT  C N3    1 
ATOM   1194 C C4    . DT  C 3 2   ? -15.985 2.697   -15.184 1.00 58.82  ? 15  DT  C C4    1 
ATOM   1195 O O4    . DT  C 3 2   ? -16.322 1.547   -14.913 1.00 59.13  ? 15  DT  C O4    1 
ATOM   1196 C C5    . DT  C 3 2   ? -14.609 3.076   -15.388 1.00 58.96  ? 15  DT  C C5    1 
ATOM   1197 C C7    . DT  C 3 2   ? -13.518 2.052   -15.273 1.00 54.27  ? 15  DT  C C7    1 
ATOM   1198 C C6    . DT  C 3 2   ? -14.346 4.358   -15.679 1.00 58.52  ? 15  DT  C C6    1 
ATOM   1199 P P     . DA  C 3 3   ? -13.936 10.622  -14.686 1.00 99.04  ? 16  DA  C P     1 
ATOM   1200 O OP1   . DA  C 3 3   ? -13.949 12.015  -15.188 1.00 95.81  ? 16  DA  C OP1   1 
ATOM   1201 O OP2   . DA  C 3 3   ? -12.899 10.198  -13.720 1.00 69.27  ? 16  DA  C OP2   1 
ATOM   1202 O "O5'" . DA  C 3 3   ? -15.359 10.291  -14.040 1.00 71.93  ? 16  DA  C "O5'" 1 
ATOM   1203 C "C5'" . DA  C 3 3   ? -16.549 10.467  -14.800 1.00 79.05  ? 16  DA  C "C5'" 1 
ATOM   1204 C "C4'" . DA  C 3 3   ? -17.756 10.198  -13.923 1.00 73.77  ? 16  DA  C "C4'" 1 
ATOM   1205 O "O4'" . DA  C 3 3   ? -17.990 8.767   -13.842 1.00 75.55  ? 16  DA  C "O4'" 1 
ATOM   1206 C "C3'" . DA  C 3 3   ? -17.593 10.680  -12.488 1.00 75.87  ? 16  DA  C "C3'" 1 
ATOM   1207 O "O3'" . DA  C 3 3   ? -18.828 11.155  -11.973 1.00 89.06  ? 16  DA  C "O3'" 1 
ATOM   1208 C "C2'" . DA  C 3 3   ? -17.148 9.414   -11.764 1.00 71.76  ? 16  DA  C "C2'" 1 
ATOM   1209 C "C1'" . DA  C 3 3   ? -18.002 8.380   -12.484 1.00 68.56  ? 16  DA  C "C1'" 1 
ATOM   1210 N N9    . DA  C 3 3   ? -17.490 7.019   -12.391 1.00 60.29  ? 16  DA  C N9    1 
ATOM   1211 C C8    . DA  C 3 3   ? -16.190 6.609   -12.487 1.00 59.65  ? 16  DA  C C8    1 
ATOM   1212 N N7    . DA  C 3 3   ? -16.035 5.311   -12.364 1.00 53.40  ? 16  DA  C N7    1 
ATOM   1213 C C5    . DA  C 3 3   ? -17.326 4.838   -12.178 1.00 55.48  ? 16  DA  C C5    1 
ATOM   1214 C C6    . DA  C 3 3   ? -17.855 3.545   -11.985 1.00 54.71  ? 16  DA  C C6    1 
ATOM   1215 N N6    . DA  C 3 3   ? -17.116 2.430   -11.945 1.00 42.29  ? 16  DA  C N6    1 
ATOM   1216 N N1    . DA  C 3 3   ? -19.189 3.438   -11.833 1.00 57.26  ? 16  DA  C N1    1 
ATOM   1217 C C2    . DA  C 3 3   ? -19.943 4.541   -11.872 1.00 61.20  ? 16  DA  C C2    1 
ATOM   1218 N N3    . DA  C 3 3   ? -19.563 5.804   -12.046 1.00 55.49  ? 16  DA  C N3    1 
ATOM   1219 C C4    . DA  C 3 3   ? -18.232 5.881   -12.194 1.00 52.86  ? 16  DA  C C4    1 
ATOM   1220 P P     . DC  C 3 4   ? -18.848 12.085  -10.664 1.00 102.64 ? 17  DC  C P     1 
ATOM   1221 O OP1   . DC  C 3 4   ? -18.378 13.434  -11.056 1.00 76.04  ? 17  DC  C OP1   1 
ATOM   1222 O OP2   . DC  C 3 4   ? -18.156 11.357  -9.577  1.00 86.19  ? 17  DC  C OP2   1 
ATOM   1223 O "O5'" . DC  C 3 4   ? -20.399 12.172  -10.286 1.00 85.86  ? 17  DC  C "O5'" 1 
ATOM   1224 C "C5'" . DC  C 3 4   ? -21.326 11.244  -10.834 1.00 90.96  ? 17  DC  C "C5'" 1 
ATOM   1225 C "C4'" . DC  C 3 4   ? -21.577 10.062  -9.910  1.00 89.85  ? 17  DC  C "C4'" 1 
ATOM   1226 O "O4'" . DC  C 3 4   ? -20.585 9.024   -10.107 1.00 82.11  ? 17  DC  C "O4'" 1 
ATOM   1227 C "C3'" . DC  C 3 4   ? -21.562 10.356  -8.408  1.00 74.91  ? 17  DC  C "C3'" 1 
ATOM   1228 O "O3'" . DC  C 3 4   ? -22.900 10.323  -7.921  1.00 73.48  ? 17  DC  C "O3'" 1 
ATOM   1229 C "C2'" . DC  C 3 4   ? -20.707 9.234   -7.812  1.00 74.60  ? 17  DC  C "C2'" 1 
ATOM   1230 C "C1'" . DC  C 3 4   ? -20.676 8.224   -8.951  1.00 62.75  ? 17  DC  C "C1'" 1 
ATOM   1231 N N1    . DC  C 3 4   ? -19.549 7.243   -8.904  1.00 59.38  ? 17  DC  C N1    1 
ATOM   1232 C C2    . DC  C 3 4   ? -19.848 5.887   -8.744  1.00 63.59  ? 17  DC  C C2    1 
ATOM   1233 O O2    . DC  C 3 4   ? -21.033 5.547   -8.649  1.00 70.69  ? 17  DC  C O2    1 
ATOM   1234 N N3    . DC  C 3 4   ? -18.834 4.989   -8.699  1.00 51.24  ? 17  DC  C N3    1 
ATOM   1235 C C4    . DC  C 3 4   ? -17.571 5.402   -8.807  1.00 56.41  ? 17  DC  C C4    1 
ATOM   1236 N N4    . DC  C 3 4   ? -16.609 4.474   -8.757  1.00 55.72  ? 17  DC  C N4    1 
ATOM   1237 C C5    . DC  C 3 4   ? -17.246 6.782   -8.969  1.00 62.80  ? 17  DC  C C5    1 
ATOM   1238 C C6    . DC  C 3 4   ? -18.255 7.660   -9.012  1.00 61.42  ? 17  DC  C C6    1 
ATOM   1239 P P     . DT  C 3 5   ? -23.196 10.470  -6.347  1.00 106.85 ? 18  DT  C P     1 
ATOM   1240 O OP1   . DT  C 3 5   ? -24.476 11.196  -6.192  1.00 91.52  ? 18  DT  C OP1   1 
ATOM   1241 O OP2   . DT  C 3 5   ? -21.973 10.994  -5.699  1.00 69.33  ? 18  DT  C OP2   1 
ATOM   1242 O "O5'" . DT  C 3 5   ? -23.406 8.962   -5.862  1.00 92.57  ? 18  DT  C "O5'" 1 
ATOM   1243 C "C5'" . DT  C 3 5   ? -24.460 8.182   -6.417  1.00 85.10  ? 18  DT  C "C5'" 1 
ATOM   1244 C "C4'" . DT  C 3 5   ? -24.573 6.847   -5.705  1.00 81.86  ? 18  DT  C "C4'" 1 
ATOM   1245 O "O4'" . DT  C 3 5   ? -23.417 6.033   -6.014  1.00 76.42  ? 18  DT  C "O4'" 1 
ATOM   1246 C "C3'" . DT  C 3 5   ? -24.658 6.946   -4.186  1.00 83.44  ? 18  DT  C "C3'" 1 
ATOM   1247 O "O3'" . DT  C 3 5   ? -25.927 6.462   -3.758  1.00 83.15  ? 18  DT  C "O3'" 1 
ATOM   1248 C "C2'" . DT  C 3 5   ? -23.507 6.090   -3.656  1.00 81.12  ? 18  DT  C "C2'" 1 
ATOM   1249 C "C1'" . DT  C 3 5   ? -23.014 5.311   -4.873  1.00 74.77  ? 18  DT  C "C1'" 1 
ATOM   1250 N N1    . DT  C 3 5   ? -21.529 5.170   -4.938  1.00 64.90  ? 18  DT  C N1    1 
ATOM   1251 C C2    . DT  C 3 5   ? -20.962 3.916   -4.879  1.00 62.99  ? 18  DT  C C2    1 
ATOM   1252 O O2    . DT  C 3 5   ? -21.608 2.889   -4.769  1.00 63.38  ? 18  DT  C O2    1 
ATOM   1253 N N3    . DT  C 3 5   ? -19.593 3.904   -4.953  1.00 56.89  ? 18  DT  C N3    1 
ATOM   1254 C C4    . DT  C 3 5   ? -18.753 4.993   -5.078  1.00 66.38  ? 18  DT  C C4    1 
ATOM   1255 O O4    . DT  C 3 5   ? -17.532 4.875   -5.137  1.00 63.94  ? 18  DT  C O4    1 
ATOM   1256 C C5    . DT  C 3 5   ? -19.412 6.275   -5.136  1.00 70.41  ? 18  DT  C C5    1 
ATOM   1257 C C7    . DT  C 3 5   ? -18.606 7.534   -5.272  1.00 61.69  ? 18  DT  C C7    1 
ATOM   1258 C C6    . DT  C 3 5   ? -20.748 6.301   -5.066  1.00 58.25  ? 18  DT  C C6    1 
ATOM   1259 P P     . DA  C 3 6   ? -26.449 6.770   -2.269  1.00 98.25  ? 19  DA  C P     1 
ATOM   1260 O OP1   . DA  C 3 6   ? -27.905 7.018   -2.338  1.00 82.50  ? 19  DA  C OP1   1 
ATOM   1261 O OP2   . DA  C 3 6   ? -25.555 7.788   -1.675  1.00 77.13  ? 19  DA  C OP2   1 
ATOM   1262 O "O5'" . DA  C 3 6   ? -26.202 5.394   -1.498  1.00 93.08  ? 19  DA  C "O5'" 1 
ATOM   1263 C "C5'" . DA  C 3 6   ? -26.609 4.179   -2.104  1.00 82.19  ? 19  DA  C "C5'" 1 
ATOM   1264 C "C4'" . DA  C 3 6   ? -25.919 3.003   -1.440  1.00 73.26  ? 19  DA  C "C4'" 1 
ATOM   1265 O "O4'" . DA  C 3 6   ? -24.505 3.011   -1.763  1.00 76.80  ? 19  DA  C "O4'" 1 
ATOM   1266 C "C3'" . DA  C 3 6   ? -26.009 2.987   0.080   1.00 76.78  ? 19  DA  C "C3'" 1 
ATOM   1267 O "O3'" . DA  C 3 6   ? -26.188 1.649   0.504   1.00 60.49  ? 19  DA  C "O3'" 1 
ATOM   1268 C "C2'" . DA  C 3 6   ? -24.657 3.546   0.516   1.00 67.08  ? 19  DA  C "C2'" 1 
ATOM   1269 C "C1'" . DA  C 3 6   ? -23.740 3.009   -0.576  1.00 74.86  ? 19  DA  C "C1'" 1 
ATOM   1270 N N9    . DA  C 3 6   ? -22.549 3.819   -0.811  1.00 73.48  ? 19  DA  C N9    1 
ATOM   1271 C C8    . DA  C 3 6   ? -22.435 5.180   -0.745  1.00 67.85  ? 19  DA  C C8    1 
ATOM   1272 N N7    . DA  C 3 6   ? -21.228 5.623   -1.015  1.00 56.02  ? 19  DA  C N7    1 
ATOM   1273 C C5    . DA  C 3 6   ? -20.502 4.472   -1.278  1.00 53.60  ? 19  DA  C C5    1 
ATOM   1274 C C6    . DA  C 3 6   ? -19.155 4.249   -1.630  1.00 52.04  ? 19  DA  C C6    1 
ATOM   1275 N N6    . DA  C 3 6   ? -18.253 5.224   -1.786  1.00 51.39  ? 19  DA  C N6    1 
ATOM   1276 N N1    . DA  C 3 6   ? -18.764 2.971   -1.818  1.00 52.77  ? 19  DA  C N1    1 
ATOM   1277 C C2    . DA  C 3 6   ? -19.657 1.989   -1.664  1.00 56.24  ? 19  DA  C C2    1 
ATOM   1278 N N3    . DA  C 3 6   ? -20.945 2.075   -1.338  1.00 61.28  ? 19  DA  C N3    1 
ATOM   1279 C C4    . DA  C 3 6   ? -21.304 3.354   -1.157  1.00 60.91  ? 19  DA  C C4    1 
ATOM   1280 P P     . DG  C 3 7   ? -26.719 1.338   1.987   1.00 87.57  ? 20  DG  C P     1 
ATOM   1281 O OP1   . DG  C 3 7   ? -27.770 0.301   1.887   1.00 69.26  ? 20  DG  C OP1   1 
ATOM   1282 O OP2   . DG  C 3 7   ? -27.022 2.630   2.641   1.00 60.07  ? 20  DG  C OP2   1 
ATOM   1283 O "O5'" . DG  C 3 7   ? -25.440 0.708   2.710   1.00 72.12  ? 20  DG  C "O5'" 1 
ATOM   1284 C "C5'" . DG  C 3 7   ? -24.718 -0.321  2.046   1.00 61.61  ? 20  DG  C "C5'" 1 
ATOM   1285 C "C4'" . DG  C 3 7   ? -23.290 -0.395  2.554   1.00 52.55  ? 20  DG  C "C4'" 1 
ATOM   1286 O "O4'" . DG  C 3 7   ? -22.492 0.671   1.983   1.00 61.73  ? 20  DG  C "O4'" 1 
ATOM   1287 C "C3'" . DG  C 3 7   ? -23.144 -0.259  4.069   1.00 48.64  ? 20  DG  C "C3'" 1 
ATOM   1288 O "O3'" . DG  C 3 7   ? -22.677 -1.485  4.614   1.00 44.35  ? 20  DG  C "O3'" 1 
ATOM   1289 C "C2'" . DG  C 3 7   ? -22.132 0.871   4.260   1.00 56.54  ? 20  DG  C "C2'" 1 
ATOM   1290 C "C1'" . DG  C 3 7   ? -21.449 0.911   2.900   1.00 55.01  ? 20  DG  C "C1'" 1 
ATOM   1291 N N9    . DG  C 3 7   ? -20.779 2.173   2.590   1.00 51.40  ? 20  DG  C N9    1 
ATOM   1292 C C8    . DG  C 3 7   ? -21.286 3.447   2.691   1.00 55.50  ? 20  DG  C C8    1 
ATOM   1293 N N7    . DG  C 3 7   ? -20.435 4.375   2.342   1.00 57.36  ? 20  DG  C N7    1 
ATOM   1294 C C5    . DG  C 3 7   ? -19.293 3.668   1.987   1.00 52.58  ? 20  DG  C C5    1 
ATOM   1295 C C6    . DG  C 3 7   ? -18.038 4.129   1.525   1.00 45.45  ? 20  DG  C C6    1 
ATOM   1296 O O6    . DG  C 3 7   ? -17.671 5.295   1.328   1.00 47.99  ? 20  DG  C O6    1 
ATOM   1297 N N1    . DG  C 3 7   ? -17.160 3.075   1.282   1.00 42.67  ? 20  DG  C N1    1 
ATOM   1298 C C2    . DG  C 3 7   ? -17.455 1.746   1.463   1.00 47.55  ? 20  DG  C C2    1 
ATOM   1299 N N2    . DG  C 3 7   ? -16.478 0.874   1.176   1.00 38.98  ? 20  DG  C N2    1 
ATOM   1300 N N3    . DG  C 3 7   ? -18.625 1.300   1.895   1.00 46.59  ? 20  DG  C N3    1 
ATOM   1301 C C4    . DG  C 3 7   ? -19.489 2.314   2.136   1.00 50.01  ? 20  DG  C C4    1 
ATOM   1302 P P     . DC  C 3 8   ? -22.380 -1.608  6.187   1.00 61.16  ? 21  DC  C P     1 
ATOM   1303 O OP1   . DC  C 3 8   ? -22.361 -3.046  6.536   1.00 54.88  ? 21  DC  C OP1   1 
ATOM   1304 O OP2   . DC  C 3 8   ? -23.299 -0.692  6.897   1.00 53.15  ? 21  DC  C OP2   1 
ATOM   1305 O "O5'" . DC  C 3 8   ? -20.899 -1.024  6.332   1.00 60.01  ? 21  DC  C "O5'" 1 
ATOM   1306 C "C5'" . DC  C 3 8   ? -19.841 -1.625  5.596   1.00 49.00  ? 21  DC  C "C5'" 1 
ATOM   1307 C "C4'" . DC  C 3 8   ? -18.550 -0.854  5.790   1.00 46.02  ? 21  DC  C "C4'" 1 
ATOM   1308 O "O4'" . DC  C 3 8   ? -18.583 0.362   5.007   1.00 55.27  ? 21  DC  C "O4'" 1 
ATOM   1309 C "C3'" . DC  C 3 8   ? -18.299 -0.395  7.216   1.00 53.01  ? 21  DC  C "C3'" 1 
ATOM   1310 O "O3'" . DC  C 3 8   ? -17.641 -1.433  7.932   1.00 44.25  ? 21  DC  C "O3'" 1 
ATOM   1311 C "C2'" . DC  C 3 8   ? -17.400 0.823   7.020   1.00 48.80  ? 21  DC  C "C2'" 1 
ATOM   1312 C "C1'" . DC  C 3 8   ? -17.798 1.354   5.640   1.00 48.04  ? 21  DC  C "C1'" 1 
ATOM   1313 N N1    . DC  C 3 8   ? -18.591 2.618   5.688   1.00 48.55  ? 21  DC  C N1    1 
ATOM   1314 C C2    . DC  C 3 8   ? -18.091 3.781   5.092   1.00 46.96  ? 21  DC  C C2    1 
ATOM   1315 O O2    . DC  C 3 8   ? -16.990 3.749   4.528   1.00 53.29  ? 21  DC  C O2    1 
ATOM   1316 N N3    . DC  C 3 8   ? -18.828 4.918   5.148   1.00 51.46  ? 21  DC  C N3    1 
ATOM   1317 C C4    . DC  C 3 8   ? -20.012 4.917   5.763   1.00 58.61  ? 21  DC  C C4    1 
ATOM   1318 N N4    . DC  C 3 8   ? -20.703 6.060   5.795   1.00 46.60  ? 21  DC  C N4    1 
ATOM   1319 C C5    . DC  C 3 8   ? -20.539 3.744   6.377   1.00 47.89  ? 21  DC  C C5    1 
ATOM   1320 C C6    . DC  C 3 8   ? -19.801 2.630   6.314   1.00 50.79  ? 21  DC  C C6    1 
ATOM   1321 P P     . DC  C 3 9   ? -17.818 -1.556  9.524   1.00 48.04  ? 22  DC  C P     1 
ATOM   1322 O OP1   . DC  C 3 9   ? -17.346 -2.898  9.932   1.00 42.20  ? 22  DC  C OP1   1 
ATOM   1323 O OP2   . DC  C 3 9   ? -19.190 -1.119  9.866   1.00 45.61  ? 22  DC  C OP2   1 
ATOM   1324 O "O5'" . DC  C 3 9   ? -16.805 -0.463  10.096  1.00 45.05  ? 22  DC  C "O5'" 1 
ATOM   1325 C "C5'" . DC  C 3 9   ? -15.420 -0.573  9.807   1.00 38.67  ? 22  DC  C "C5'" 1 
ATOM   1326 C "C4'" . DC  C 3 9   ? -14.685 0.637   10.345  1.00 42.55  ? 22  DC  C "C4'" 1 
ATOM   1327 O "O4'" . DC  C 3 9   ? -14.905 1.774   9.470   1.00 37.65  ? 22  DC  C "O4'" 1 
ATOM   1328 C "C3'" . DC  C 3 9   ? -15.137 1.077   11.735  1.00 41.39  ? 22  DC  C "C3'" 1 
ATOM   1329 O "O3'" . DC  C 3 9   ? -14.005 1.403   12.520  1.00 42.30  ? 22  DC  C "O3'" 1 
ATOM   1330 C "C2'" . DC  C 3 9   ? -15.975 2.319   11.448  1.00 40.37  ? 22  DC  C "C2'" 1 
ATOM   1331 C "C1'" . DC  C 3 9   ? -15.185 2.893   10.281  1.00 47.79  ? 22  DC  C "C1'" 1 
ATOM   1332 N N1    . DC  C 3 9   ? -15.927 3.907   9.487   1.00 41.38  ? 22  DC  C N1    1 
ATOM   1333 C C2    . DC  C 3 9   ? -15.208 4.882   8.793   1.00 44.66  ? 22  DC  C C2    1 
ATOM   1334 O O2    . DC  C 3 9   ? -13.973 4.875   8.853   1.00 45.38  ? 22  DC  C O2    1 
ATOM   1335 N N3    . DC  C 3 9   ? -15.884 5.809   8.072   1.00 41.24  ? 22  DC  C N3    1 
ATOM   1336 C C4    . DC  C 3 9   ? -17.216 5.782   8.034   1.00 43.00  ? 22  DC  C C4    1 
ATOM   1337 N N4    . DC  C 3 9   ? -17.838 6.717   7.310   1.00 41.26  ? 22  DC  C N4    1 
ATOM   1338 C C5    . DC  C 3 9   ? -17.970 4.797   8.737   1.00 37.43  ? 22  DC  C C5    1 
ATOM   1339 C C6    . DC  C 3 9   ? -17.291 3.887   9.445   1.00 38.58  ? 22  DC  C C6    1 
ATOM   1340 P P     . DA  C 3 10  ? -14.112 1.439   14.123  1.00 46.25  ? 23  DA  C P     1 
ATOM   1341 O OP1   . DA  C 3 10  ? -14.125 0.044   14.611  1.00 46.76  ? 23  DA  C OP1   1 
ATOM   1342 O OP2   . DA  C 3 10  ? -15.216 2.354   14.485  1.00 48.91  ? 23  DA  C OP2   1 
ATOM   1343 O "O5'" . DA  C 3 10  ? -12.742 2.126   14.567  1.00 48.08  ? 23  DA  C "O5'" 1 
ATOM   1344 C "C5'" . DA  C 3 10  ? -11.536 1.715   13.941  1.00 44.59  ? 23  DA  C "C5'" 1 
ATOM   1345 C "C4'" . DA  C 3 10  ? -10.690 2.921   13.582  1.00 40.28  ? 23  DA  C "C4'" 1 
ATOM   1346 O "O4'" . DA  C 3 10  ? -11.388 3.720   12.594  1.00 48.61  ? 23  DA  C "O4'" 1 
ATOM   1347 C "C3'" . DA  C 3 10  ? -10.390 3.850   14.750  1.00 36.22  ? 23  DA  C "C3'" 1 
ATOM   1348 O "O3'" . DA  C 3 10  ? -9.037  4.263   14.685  1.00 47.76  ? 23  DA  C "O3'" 1 
ATOM   1349 C "C2'" . DA  C 3 10  ? -11.350 5.020   14.549  1.00 42.85  ? 23  DA  C "C2'" 1 
ATOM   1350 C "C1'" . DA  C 3 10  ? -11.496 5.058   13.034  1.00 47.44  ? 23  DA  C "C1'" 1 
ATOM   1351 N N9    . DA  C 3 10  ? -12.786 5.571   12.583  1.00 43.50  ? 23  DA  C N9    1 
ATOM   1352 C C8    . DA  C 3 10  ? -14.022 5.061   12.871  1.00 48.57  ? 23  DA  C C8    1 
ATOM   1353 N N7    . DA  C 3 10  ? -15.011 5.728   12.321  1.00 38.03  ? 23  DA  C N7    1 
ATOM   1354 C C5    . DA  C 3 10  ? -14.376 6.743   11.624  1.00 35.91  ? 23  DA  C C5    1 
ATOM   1355 C C6    . DA  C 3 10  ? -14.866 7.795   10.826  1.00 43.83  ? 23  DA  C C6    1 
ATOM   1356 N N6    . DA  C 3 10  ? -16.167 8.000   10.591  1.00 42.54  ? 23  DA  C N6    1 
ATOM   1357 N N1    . DA  C 3 10  ? -13.964 8.634   10.276  1.00 42.12  ? 23  DA  C N1    1 
ATOM   1358 C C2    . DA  C 3 10  ? -12.663 8.429   10.511  1.00 41.41  ? 23  DA  C C2    1 
ATOM   1359 N N3    . DA  C 3 10  ? -12.084 7.477   11.241  1.00 37.22  ? 23  DA  C N3    1 
ATOM   1360 C C4    . DA  C 3 10  ? -13.005 6.661   11.774  1.00 36.06  ? 23  DA  C C4    1 
ATOM   1361 P P     . DT  C 3 11  ? -8.371  5.043   15.921  1.00 50.72  ? 24  DT  C P     1 
ATOM   1362 O OP1   . DT  C 3 11  ? -6.948  4.653   15.993  1.00 54.69  ? 24  DT  C OP1   1 
ATOM   1363 O OP2   . DT  C 3 11  ? -9.250  4.866   17.098  1.00 43.30  ? 24  DT  C OP2   1 
ATOM   1364 O "O5'" . DT  C 3 11  ? -8.448  6.575   15.476  1.00 43.50  ? 24  DT  C "O5'" 1 
ATOM   1365 C "C5'" . DT  C 3 11  ? -7.959  6.956   14.198  1.00 47.82  ? 24  DT  C "C5'" 1 
ATOM   1366 C "C4'" . DT  C 3 11  ? -8.182  8.441   13.991  1.00 58.40  ? 24  DT  C "C4'" 1 
ATOM   1367 O "O4'" . DT  C 3 11  ? -9.510  8.679   13.462  1.00 59.94  ? 24  DT  C "O4'" 1 
ATOM   1368 C "C3'" . DT  C 3 11  ? -8.073  9.260   15.272  1.00 63.56  ? 24  DT  C "C3'" 1 
ATOM   1369 O "O3'" . DT  C 3 11  ? -7.159  10.332  15.078  1.00 84.61  ? 24  DT  C "O3'" 1 
ATOM   1370 C "C2'" . DT  C 3 11  ? -9.495  9.756   15.527  1.00 63.63  ? 24  DT  C "C2'" 1 
ATOM   1371 C "C1'" . DT  C 3 11  ? -10.068 9.795   14.118  1.00 54.78  ? 24  DT  C "C1'" 1 
ATOM   1372 N N1    . DT  C 3 11  ? -11.549 9.674   14.057  1.00 44.49  ? 24  DT  C N1    1 
ATOM   1373 C C2    . DT  C 3 11  ? -12.253 10.542  13.253  1.00 44.98  ? 24  DT  C C2    1 
ATOM   1374 O O2    . DT  C 3 11  ? -11.719 11.409  12.588  1.00 54.92  ? 24  DT  C O2    1 
ATOM   1375 N N3    . DT  C 3 11  ? -13.613 10.353  13.259  1.00 40.26  ? 24  DT  C N3    1 
ATOM   1376 C C4    . DT  C 3 11  ? -14.319 9.401   13.974  1.00 38.44  ? 24  DT  C C4    1 
ATOM   1377 O O4    . DT  C 3 11  ? -15.541 9.308   13.916  1.00 39.94  ? 24  DT  C O4    1 
ATOM   1378 C C5    . DT  C 3 11  ? -13.518 8.527   14.794  1.00 41.06  ? 24  DT  C C5    1 
ATOM   1379 C C7    . DT  C 3 11  ? -14.176 7.459   15.613  1.00 26.98  ? 24  DT  C C7    1 
ATOM   1380 C C6    . DT  C 3 11  ? -12.189 8.700   14.798  1.00 46.21  ? 24  DT  C C6    1 
ATOM   1381 P P     . DG  C 3 12  ? -6.552  11.114  16.344  1.00 97.87  ? 25  DG  C P     1 
ATOM   1382 O OP1   . DG  C 3 12  ? -5.097  11.266  16.132  1.00 72.30  ? 25  DG  C OP1   1 
ATOM   1383 O OP2   . DG  C 3 12  ? -7.049  10.451  17.570  1.00 64.81  ? 25  DG  C OP2   1 
ATOM   1384 O "O5'" . DG  C 3 12  ? -7.239  12.552  16.256  1.00 76.73  ? 25  DG  C "O5'" 1 
ATOM   1385 C "C5'" . DG  C 3 12  ? -7.242  13.262  15.028  1.00 68.10  ? 25  DG  C "C5'" 1 
ATOM   1386 C "C4'" . DG  C 3 12  ? -8.201  14.432  15.127  1.00 71.89  ? 25  DG  C "C4'" 1 
ATOM   1387 O "O4'" . DG  C 3 12  ? -9.566  13.974  14.928  1.00 70.97  ? 25  DG  C "O4'" 1 
ATOM   1388 C "C3'" . DG  C 3 12  ? -8.188  15.137  16.477  1.00 82.13  ? 25  DG  C "C3'" 1 
ATOM   1389 O "O3'" . DG  C 3 12  ? -8.410  16.523  16.297  1.00 87.82  ? 25  DG  C "O3'" 1 
ATOM   1390 C "C2'" . DG  C 3 12  ? -9.379  14.493  17.174  1.00 51.52  ? 25  DG  C "C2'" 1 
ATOM   1391 C "C1'" . DG  C 3 12  ? -10.346 14.455  16.000  1.00 63.95  ? 25  DG  C "C1'" 1 
ATOM   1392 N N9    . DG  C 3 12  ? -11.492 13.576  16.192  1.00 54.03  ? 25  DG  C N9    1 
ATOM   1393 C C8    . DG  C 3 12  ? -11.553 12.445  16.968  1.00 54.09  ? 25  DG  C C8    1 
ATOM   1394 N N7    . DG  C 3 12  ? -12.722 11.868  16.944  1.00 47.90  ? 25  DG  C N7    1 
ATOM   1395 C C5    . DG  C 3 12  ? -13.481 12.669  16.100  1.00 44.61  ? 25  DG  C C5    1 
ATOM   1396 C C6    . DG  C 3 12  ? -14.829 12.544  15.690  1.00 42.45  ? 25  DG  C C6    1 
ATOM   1397 O O6    . DG  C 3 12  ? -15.645 11.667  16.009  1.00 44.80  ? 25  DG  C O6    1 
ATOM   1398 N N1    . DG  C 3 12  ? -15.204 13.571  14.828  1.00 41.61  ? 25  DG  C N1    1 
ATOM   1399 C C2    . DG  C 3 12  ? -14.380 14.590  14.411  1.00 53.46  ? 25  DG  C C2    1 
ATOM   1400 N N2    . DG  C 3 12  ? -14.919 15.490  13.578  1.00 52.25  ? 25  DG  C N2    1 
ATOM   1401 N N3    . DG  C 3 12  ? -13.115 14.719  14.787  1.00 48.17  ? 25  DG  C N3    1 
ATOM   1402 C C4    . DG  C 3 12  ? -12.737 13.726  15.628  1.00 51.58  ? 25  DG  C C4    1 
ATOM   1403 P P     . DG  C 3 13  ? -8.229  17.530  17.533  1.00 88.07  ? 26  DG  C P     1 
ATOM   1404 O OP1   . DG  C 3 13  ? -6.781  17.671  17.797  1.00 67.38  ? 26  DG  C OP1   1 
ATOM   1405 O OP2   . DG  C 3 13  ? -9.132  17.086  18.618  1.00 64.49  ? 26  DG  C OP2   1 
ATOM   1406 O "O5'" . DG  C 3 13  ? -8.792  18.919  16.973  1.00 79.34  ? 26  DG  C "O5'" 1 
ATOM   1407 C "C5'" . DG  C 3 13  ? -9.528  18.954  15.757  1.00 70.49  ? 26  DG  C "C5'" 1 
ATOM   1408 C "C4'" . DG  C 3 13  ? -10.941 19.453  15.995  1.00 78.12  ? 26  DG  C "C4'" 1 
ATOM   1409 O "O4'" . DG  C 3 13  ? -11.857 18.330  16.056  1.00 67.32  ? 26  DG  C "O4'" 1 
ATOM   1410 C "C3'" . DG  C 3 13  ? -11.135 20.232  17.294  1.00 78.37  ? 26  DG  C "C3'" 1 
ATOM   1411 O "O3'" . DG  C 3 13  ? -11.847 21.436  17.038  1.00 92.50  ? 26  DG  C "O3'" 1 
ATOM   1412 C "C2'" . DG  C 3 13  ? -11.953 19.283  18.165  1.00 70.96  ? 26  DG  C "C2'" 1 
ATOM   1413 C "C1'" . DG  C 3 13  ? -12.776 18.576  17.097  1.00 60.04  ? 26  DG  C "C1'" 1 
ATOM   1414 N N9    . DG  C 3 13  ? -13.360 17.311  17.532  1.00 47.82  ? 26  DG  C N9    1 
ATOM   1415 C C8    . DG  C 3 13  ? -12.741 16.305  18.234  1.00 55.48  ? 26  DG  C C8    1 
ATOM   1416 N N7    . DG  C 3 13  ? -13.519 15.289  18.481  1.00 53.21  ? 26  DG  C N7    1 
ATOM   1417 C C5    . DG  C 3 13  ? -14.733 15.645  17.906  1.00 51.19  ? 26  DG  C C5    1 
ATOM   1418 C C6    . DG  C 3 13  ? -15.958 14.939  17.852  1.00 51.27  ? 26  DG  C C6    1 
ATOM   1419 O O6    . DG  C 3 13  ? -16.226 13.822  18.317  1.00 47.79  ? 26  DG  C O6    1 
ATOM   1420 N N1    . DG  C 3 13  ? -16.936 15.660  17.173  1.00 50.30  ? 26  DG  C N1    1 
ATOM   1421 C C2    . DG  C 3 13  ? -16.757 16.903  16.616  1.00 57.02  ? 26  DG  C C2    1 
ATOM   1422 N N2    . DG  C 3 13  ? -17.821 17.438  16.001  1.00 55.73  ? 26  DG  C N2    1 
ATOM   1423 N N3    . DG  C 3 13  ? -15.614 17.576  16.659  1.00 54.29  ? 26  DG  C N3    1 
ATOM   1424 C C4    . DG  C 3 13  ? -14.651 16.887  17.317  1.00 46.82  ? 26  DG  C C4    1 
HETATM 1425 O O     . HOH D 4 .   ? -10.461 6.622   3.078   1.00 35.07  ? 201 HOH A O     1 
# 
loop_
_pdbx_poly_seq_scheme.asym_id 
_pdbx_poly_seq_scheme.entity_id 
_pdbx_poly_seq_scheme.seq_id 
_pdbx_poly_seq_scheme.mon_id 
_pdbx_poly_seq_scheme.ndb_seq_num 
_pdbx_poly_seq_scheme.pdb_seq_num 
_pdbx_poly_seq_scheme.auth_seq_num 
_pdbx_poly_seq_scheme.pdb_mon_id 
_pdbx_poly_seq_scheme.auth_mon_id 
_pdbx_poly_seq_scheme.pdb_strand_id 
_pdbx_poly_seq_scheme.pdb_ins_code 
_pdbx_poly_seq_scheme.hetero 
A 1 1   MET 1   1   1   MET MET A . n 
A 1 2   ARG 2   2   2   ARG ARG A . n 
A 1 3   MET 3   3   3   MET MET A . n 
A 1 4   ASP 4   4   4   ASP ASP A . n 
A 1 5   GLU 5   5   5   GLU GLU A . n 
A 1 6   PHE 6   6   6   PHE PHE A . n 
A 1 7   TYR 7   7   7   TYR TYR A . n 
A 1 8   THR 8   8   8   THR THR A . n 
A 1 9   LYS 9   9   9   LYS LYS A . n 
A 1 10  VAL 10  10  10  VAL VAL A . n 
A 1 11  TYR 11  11  11  TYR TYR A . n 
A 1 12  ASP 12  12  12  ASP ASP A . n 
A 1 13  ALA 13  13  13  ALA ALA A . n 
A 1 14  VAL 14  14  14  VAL VAL A . n 
A 1 15  CYS 15  15  15  CYS CYS A . n 
A 1 16  GLU 16  16  16  GLU GLU A . n 
A 1 17  ILE 17  17  17  ILE ILE A . n 
A 1 18  PRO 18  18  18  PRO PRO A . n 
A 1 19  TYR 19  19  19  TYR TYR A . n 
A 1 20  GLY 20  20  20  GLY GLY A . n 
A 1 21  LYS 21  21  21  LYS LYS A . n 
A 1 22  VAL 22  22  22  VAL VAL A . n 
A 1 23  SER 23  23  23  SER SER A . n 
A 1 24  THR 24  24  24  THR THR A . n 
A 1 25  TYR 25  25  25  TYR TYR A . n 
A 1 26  GLY 26  26  26  GLY GLY A . n 
A 1 27  GLU 27  27  27  GLU GLU A . n 
A 1 28  ILE 28  28  28  ILE ILE A . n 
A 1 29  ALA 29  29  29  ALA ALA A . n 
A 1 30  ARG 30  30  30  ARG ARG A . n 
A 1 31  TYR 31  31  31  TYR TYR A . n 
A 1 32  VAL 32  32  32  VAL VAL A . n 
A 1 33  GLY 33  33  33  GLY GLY A . n 
A 1 34  MET 34  34  34  MET MET A . n 
A 1 35  PRO 35  35  35  PRO PRO A . n 
A 1 36  SER 36  36  36  SER SER A . n 
A 1 37  TYR 37  37  37  TYR TYR A . n 
A 1 38  ALA 38  38  38  ALA ALA A . n 
A 1 39  ARG 39  39  39  ARG ARG A . n 
A 1 40  GLN 40  40  40  GLN GLN A . n 
A 1 41  VAL 41  41  41  VAL VAL A . n 
A 1 42  GLY 42  42  42  GLY GLY A . n 
A 1 43  GLN 43  43  43  GLN GLN A . n 
A 1 44  ALA 44  44  44  ALA ALA A . n 
A 1 45  MET 45  45  45  MET MET A . n 
A 1 46  LYS 46  46  46  LYS LYS A . n 
A 1 47  HIS 47  47  47  HIS HIS A . n 
A 1 48  LEU 48  48  48  LEU LEU A . n 
A 1 49  HIS 49  49  49  HIS HIS A . n 
A 1 50  PRO 50  50  50  PRO PRO A . n 
A 1 51  GLU 51  51  51  GLU GLU A . n 
A 1 52  THR 52  52  52  THR THR A . n 
A 1 53  HIS 53  53  53  HIS HIS A . n 
A 1 54  VAL 54  54  54  VAL VAL A . n 
A 1 55  PRO 55  55  55  PRO PRO A . n 
A 1 56  TRP 56  56  56  TRP TRP A . n 
A 1 57  HIS 57  57  57  HIS HIS A . n 
A 1 58  ARG 58  58  58  ARG ARG A . n 
A 1 59  VAL 59  59  59  VAL VAL A . n 
A 1 60  ILE 60  60  60  ILE ILE A . n 
A 1 61  ASN 61  61  61  ASN ASN A . n 
A 1 62  SER 62  62  62  SER SER A . n 
A 1 63  ARG 63  63  63  ARG ARG A . n 
A 1 64  GLY 64  64  64  GLY GLY A . n 
A 1 65  THR 65  65  65  THR THR A . n 
A 1 66  ILE 66  66  66  ILE ILE A . n 
A 1 67  SER 67  67  67  SER SER A . n 
A 1 68  LYS 68  68  68  LYS LYS A . n 
A 1 69  ARG 69  69  69  ARG ARG A . n 
A 1 70  ASP 70  70  70  ASP ASP A . n 
A 1 71  ILE 71  71  71  ILE ILE A . n 
A 1 72  SER 72  72  72  SER SER A . n 
A 1 73  ALA 73  73  73  ALA ALA A . n 
A 1 74  GLY 74  74  74  GLY GLY A . n 
A 1 75  GLU 75  75  75  GLU GLU A . n 
A 1 76  GLN 76  76  76  GLN GLN A . n 
A 1 77  ARG 77  77  77  ARG ARG A . n 
A 1 78  GLN 78  78  78  GLN GLN A . n 
A 1 79  LYS 79  79  79  LYS LYS A . n 
A 1 80  ASP 80  80  80  ASP ASP A . n 
A 1 81  ARG 81  81  81  ARG ARG A . n 
A 1 82  LEU 82  82  82  LEU LEU A . n 
A 1 83  GLU 83  83  83  GLU GLU A . n 
A 1 84  GLU 84  84  84  GLU GLU A . n 
A 1 85  GLU 85  85  85  GLU GLU A . n 
A 1 86  GLY 86  86  86  GLY GLY A . n 
A 1 87  VAL 87  87  87  VAL VAL A . n 
A 1 88  GLU 88  88  88  GLU GLU A . n 
A 1 89  ILE 89  89  89  ILE ILE A . n 
A 1 90  TYR 90  90  90  TYR TYR A . n 
A 1 91  GLN 91  91  91  GLN GLN A . n 
A 1 92  THR 92  92  92  THR THR A . n 
A 1 93  SER 93  93  93  SER SER A . n 
A 1 94  LEU 94  94  94  LEU LEU A . n 
A 1 95  GLY 95  95  95  GLY GLY A . n 
A 1 96  GLU 96  96  96  GLU GLU A . n 
A 1 97  TYR 97  97  97  TYR TYR A . n 
A 1 98  LYS 98  98  98  LYS LYS A . n 
A 1 99  LEU 99  99  99  LEU LEU A . n 
A 1 100 ASN 100 100 100 ASN ASN A . n 
A 1 101 LEU 101 101 101 LEU LEU A . n 
A 1 102 PRO 102 102 102 PRO PRO A . n 
A 1 103 GLU 103 103 103 GLU GLU A . n 
A 1 104 TYR 104 104 104 TYR TYR A . n 
A 1 105 MET 105 105 105 MET MET A . n 
A 1 106 TRP 106 106 106 TRP TRP A . n 
A 1 107 LYS 107 107 107 LYS LYS A . n 
A 1 108 PRO 108 108 108 PRO PRO A . n 
A 1 109 GLY 109 109 ?   ?   ?   A . n 
A 1 110 SER 110 110 ?   ?   ?   A . n 
A 1 111 HIS 111 111 ?   ?   ?   A . n 
A 1 112 HIS 112 112 ?   ?   ?   A . n 
A 1 113 HIS 113 113 ?   ?   ?   A . n 
A 1 114 HIS 114 114 ?   ?   ?   A . n 
A 1 115 HIS 115 115 ?   ?   ?   A . n 
A 1 116 HIS 116 116 ?   ?   ?   A . n 
B 2 1   DG  1   1   1   DG  DG  B . n 
B 2 2   DC  2   2   2   DC  DC  B . n 
B 2 3   DC  3   3   3   DC  DC  B . n 
B 2 4   DA  4   4   4   DA  DA  B . n 
B 2 5   DT  5   5   5   DT  DT  B . n 
B 2 6   DG  6   6   6   DG  DG  B . n 
B 2 7   1AP 7   7   7   1AP 1AP B . n 
B 2 8   DC  8   8   8   DC  DC  B . n 
B 2 9   DT  9   9   9   DT  DT  B . n 
B 2 10  DA  10  10  10  DA  DA  B . n 
B 2 11  DG  11  11  11  DG  DG  B . n 
B 2 12  DT  12  12  12  DT  DT  B . n 
B 2 13  DA  13  13  13  DA  DA  B . n 
C 3 1   DC  1   14  14  DC  DC  C . n 
C 3 2   DT  2   15  15  DT  DT  C . n 
C 3 3   DA  3   16  16  DA  DA  C . n 
C 3 4   DC  4   17  17  DC  DC  C . n 
C 3 5   DT  5   18  18  DT  DT  C . n 
C 3 6   DA  6   19  19  DA  DA  C . n 
C 3 7   DG  7   20  20  DG  DG  C . n 
C 3 8   DC  8   21  21  DC  DC  C . n 
C 3 9   DC  9   22  22  DC  DC  C . n 
C 3 10  DA  10  23  23  DA  DA  C . n 
C 3 11  DT  11  24  24  DT  DT  C . n 
C 3 12  DG  12  25  25  DG  DG  C . n 
C 3 13  DG  13  26  26  DG  DG  C . n 
# 
_pdbx_nonpoly_scheme.asym_id         D 
_pdbx_nonpoly_scheme.entity_id       4 
_pdbx_nonpoly_scheme.mon_id          HOH 
_pdbx_nonpoly_scheme.ndb_seq_num     1 
_pdbx_nonpoly_scheme.pdb_seq_num     201 
_pdbx_nonpoly_scheme.auth_seq_num    1 
_pdbx_nonpoly_scheme.pdb_mon_id      HOH 
_pdbx_nonpoly_scheme.auth_mon_id     HOH 
_pdbx_nonpoly_scheme.pdb_strand_id   A 
_pdbx_nonpoly_scheme.pdb_ins_code    . 
# 
_pdbx_struct_mod_residue.id               1 
_pdbx_struct_mod_residue.label_asym_id    B 
_pdbx_struct_mod_residue.label_comp_id    1AP 
_pdbx_struct_mod_residue.label_seq_id     7 
_pdbx_struct_mod_residue.auth_asym_id     B 
_pdbx_struct_mod_residue.auth_comp_id     1AP 
_pdbx_struct_mod_residue.auth_seq_id      7 
_pdbx_struct_mod_residue.PDB_ins_code     ? 
_pdbx_struct_mod_residue.parent_comp_id   DA 
_pdbx_struct_mod_residue.details          '2,6-DIAMINOPURINE NUCLEOTIDE' 
# 
_pdbx_struct_assembly.id                   1 
_pdbx_struct_assembly.details              author_and_software_defined_assembly 
_pdbx_struct_assembly.method_details       PISA 
_pdbx_struct_assembly.oligomeric_details   trimeric 
_pdbx_struct_assembly.oligomeric_count     3 
# 
_pdbx_struct_assembly_gen.assembly_id       1 
_pdbx_struct_assembly_gen.oper_expression   1 
_pdbx_struct_assembly_gen.asym_id_list      A,B,C,D 
# 
loop_
_pdbx_struct_assembly_prop.biol_id 
_pdbx_struct_assembly_prop.type 
_pdbx_struct_assembly_prop.value 
_pdbx_struct_assembly_prop.details 
1 'ABSA (A^2)' 3540 ? 
1 MORE         -10  ? 
1 'SSA (A^2)'  9460 ? 
# 
_pdbx_struct_oper_list.id                   1 
_pdbx_struct_oper_list.type                 'identity operation' 
_pdbx_struct_oper_list.name                 1_555 
_pdbx_struct_oper_list.symmetry_operation   x,y,z 
_pdbx_struct_oper_list.matrix[1][1]         1.0000000000 
_pdbx_struct_oper_list.matrix[1][2]         0.0000000000 
_pdbx_struct_oper_list.matrix[1][3]         0.0000000000 
_pdbx_struct_oper_list.vector[1]            0.0000000000 
_pdbx_struct_oper_list.matrix[2][1]         0.0000000000 
_pdbx_struct_oper_list.matrix[2][2]         1.0000000000 
_pdbx_struct_oper_list.matrix[2][3]         0.0000000000 
_pdbx_struct_oper_list.vector[2]            0.0000000000 
_pdbx_struct_oper_list.matrix[3][1]         0.0000000000 
_pdbx_struct_oper_list.matrix[3][2]         0.0000000000 
_pdbx_struct_oper_list.matrix[3][3]         1.0000000000 
_pdbx_struct_oper_list.vector[3]            0.0000000000 
# 
loop_
_pdbx_audit_revision_history.ordinal 
_pdbx_audit_revision_history.data_content_type 
_pdbx_audit_revision_history.major_revision 
_pdbx_audit_revision_history.minor_revision 
_pdbx_audit_revision_history.revision_date 
1 'Structure model' 1 0 2012-12-26 
2 'Structure model' 1 1 2023-09-20 
# 
_pdbx_audit_revision_details.ordinal             1 
_pdbx_audit_revision_details.revision_ordinal    1 
_pdbx_audit_revision_details.data_content_type   'Structure model' 
_pdbx_audit_revision_details.provider            repository 
_pdbx_audit_revision_details.type                'Initial release' 
_pdbx_audit_revision_details.description         ? 
_pdbx_audit_revision_details.details             ? 
# 
loop_
_pdbx_audit_revision_group.ordinal 
_pdbx_audit_revision_group.revision_ordinal 
_pdbx_audit_revision_group.data_content_type 
_pdbx_audit_revision_group.group 
1 2 'Structure model' 'Data collection'        
2 2 'Structure model' 'Database references'    
3 2 'Structure model' 'Derived calculations'   
4 2 'Structure model' 'Refinement description' 
# 
loop_
_pdbx_audit_revision_category.ordinal 
_pdbx_audit_revision_category.revision_ordinal 
_pdbx_audit_revision_category.data_content_type 
_pdbx_audit_revision_category.category 
1 2 'Structure model' chem_comp_atom                
2 2 'Structure model' chem_comp_bond                
3 2 'Structure model' database_2                    
4 2 'Structure model' pdbx_initial_refinement_model 
5 2 'Structure model' struct_conn                   
6 2 'Structure model' struct_ref_seq_dif            
# 
loop_
_pdbx_audit_revision_item.ordinal 
_pdbx_audit_revision_item.revision_ordinal 
_pdbx_audit_revision_item.data_content_type 
_pdbx_audit_revision_item.item 
1 2 'Structure model' '_database_2.pdbx_DOI'                
2 2 'Structure model' '_database_2.pdbx_database_accession' 
3 2 'Structure model' '_struct_conn.pdbx_leaving_atom_flag' 
4 2 'Structure model' '_struct_ref_seq_dif.details'         
# 
loop_
_software.name 
_software.classification 
_software.version 
_software.citation_id 
_software.pdbx_ordinal 
HKL-2000 'data collection' .                            ? 1 
PHASER   phasing           .                            ? 2 
PHENIX   refinement        '(phenix.refine: 1.6.1_357)' ? 3 
HKL-2000 'data reduction'  .                            ? 4 
HKL-2000 'data scaling'    .                            ? 5 
# 
loop_
_pdbx_validate_rmsd_angle.id 
_pdbx_validate_rmsd_angle.PDB_model_num 
_pdbx_validate_rmsd_angle.auth_atom_id_1 
_pdbx_validate_rmsd_angle.auth_asym_id_1 
_pdbx_validate_rmsd_angle.auth_comp_id_1 
_pdbx_validate_rmsd_angle.auth_seq_id_1 
_pdbx_validate_rmsd_angle.PDB_ins_code_1 
_pdbx_validate_rmsd_angle.label_alt_id_1 
_pdbx_validate_rmsd_angle.auth_atom_id_2 
_pdbx_validate_rmsd_angle.auth_asym_id_2 
_pdbx_validate_rmsd_angle.auth_comp_id_2 
_pdbx_validate_rmsd_angle.auth_seq_id_2 
_pdbx_validate_rmsd_angle.PDB_ins_code_2 
_pdbx_validate_rmsd_angle.label_alt_id_2 
_pdbx_validate_rmsd_angle.auth_atom_id_3 
_pdbx_validate_rmsd_angle.auth_asym_id_3 
_pdbx_validate_rmsd_angle.auth_comp_id_3 
_pdbx_validate_rmsd_angle.auth_seq_id_3 
_pdbx_validate_rmsd_angle.PDB_ins_code_3 
_pdbx_validate_rmsd_angle.label_alt_id_3 
_pdbx_validate_rmsd_angle.angle_value 
_pdbx_validate_rmsd_angle.angle_target_value 
_pdbx_validate_rmsd_angle.angle_deviation 
_pdbx_validate_rmsd_angle.angle_standard_deviation 
_pdbx_validate_rmsd_angle.linker_flag 
1 1 "O4'" B DG 6  ? ? "C1'" B DG  6  ? ? N9  B DG  6  ? ? 110.61 108.30 2.31   0.30 N 
2 1 "O3'" B DG 6  ? ? P     B 1AP 7  ? ? OP2 B 1AP 7  ? ? 131.22 110.50 20.72  1.10 Y 
3 1 "O3'" B DG 6  ? ? P     B 1AP 7  ? ? OP1 B 1AP 7  ? ? 85.10  105.20 -20.10 2.20 Y 
4 1 "O4'" C DC 17 ? ? "C1'" C DC  17 ? ? N1  C DC  17 ? ? 110.50 108.30 2.20   0.30 N 
5 1 "O4'" C DG 20 ? ? "C1'" C DG  20 ? ? N9  C DG  20 ? ? 110.41 108.30 2.11   0.30 N 
# 
loop_
_pdbx_validate_torsion.id 
_pdbx_validate_torsion.PDB_model_num 
_pdbx_validate_torsion.auth_comp_id 
_pdbx_validate_torsion.auth_asym_id 
_pdbx_validate_torsion.auth_seq_id 
_pdbx_validate_torsion.PDB_ins_code 
_pdbx_validate_torsion.label_alt_id 
_pdbx_validate_torsion.phi 
_pdbx_validate_torsion.psi 
1 1 TYR A 37 ? ? -104.78 41.63   
2 1 ILE A 71 ? ? -77.83  -166.76 
# 
loop_
_pdbx_unobs_or_zero_occ_residues.id 
_pdbx_unobs_or_zero_occ_residues.PDB_model_num 
_pdbx_unobs_or_zero_occ_residues.polymer_flag 
_pdbx_unobs_or_zero_occ_residues.occupancy_flag 
_pdbx_unobs_or_zero_occ_residues.auth_asym_id 
_pdbx_unobs_or_zero_occ_residues.auth_comp_id 
_pdbx_unobs_or_zero_occ_residues.auth_seq_id 
_pdbx_unobs_or_zero_occ_residues.PDB_ins_code 
_pdbx_unobs_or_zero_occ_residues.label_asym_id 
_pdbx_unobs_or_zero_occ_residues.label_comp_id 
_pdbx_unobs_or_zero_occ_residues.label_seq_id 
1 1 Y 1 A GLY 109 ? A GLY 109 
2 1 Y 1 A SER 110 ? A SER 110 
3 1 Y 1 A HIS 111 ? A HIS 111 
4 1 Y 1 A HIS 112 ? A HIS 112 
5 1 Y 1 A HIS 113 ? A HIS 113 
6 1 Y 1 A HIS 114 ? A HIS 114 
7 1 Y 1 A HIS 115 ? A HIS 115 
8 1 Y 1 A HIS 116 ? A HIS 116 
# 
loop_
_chem_comp_atom.comp_id 
_chem_comp_atom.atom_id 
_chem_comp_atom.type_symbol 
_chem_comp_atom.pdbx_aromatic_flag 
_chem_comp_atom.pdbx_stereo_config 
_chem_comp_atom.pdbx_ordinal 
1AP N1     N Y N 1   
1AP C2     C Y N 2   
1AP C4     C Y N 3   
1AP C5     C Y N 4   
1AP C6     C Y N 5   
1AP C8     C Y N 6   
1AP N2     N N N 7   
1AP N3     N Y N 8   
1AP N9     N Y N 9   
1AP N7     N Y N 10  
1AP N6     N N N 11  
1AP P      P N N 12  
1AP OP1    O N N 13  
1AP OP2    O N N 14  
1AP "O5'"  O N N 15  
1AP "C5'"  C N N 16  
1AP "C4'"  C N R 17  
1AP "O4'"  O N N 18  
1AP "C1'"  C N R 19  
1AP "C2'"  C N N 20  
1AP "C3'"  C N S 21  
1AP "O3'"  O N N 22  
1AP OP3    O N N 23  
1AP H81    H N N 24  
1AP HN21   H N N 25  
1AP HN22   H N N 26  
1AP HN61   H N N 27  
1AP HN62   H N N 28  
1AP H1P    H N N 29  
1AP H52    H N N 30  
1AP H51    H N N 31  
1AP H4     H N N 32  
1AP H11    H N N 33  
1AP H21    H N N 34  
1AP H22    H N N 35  
1AP H31    H N N 36  
1AP HO31   H N N 37  
1AP H3P    H N N 38  
ALA N      N N N 39  
ALA CA     C N S 40  
ALA C      C N N 41  
ALA O      O N N 42  
ALA CB     C N N 43  
ALA OXT    O N N 44  
ALA H      H N N 45  
ALA H2     H N N 46  
ALA HA     H N N 47  
ALA HB1    H N N 48  
ALA HB2    H N N 49  
ALA HB3    H N N 50  
ALA HXT    H N N 51  
ARG N      N N N 52  
ARG CA     C N S 53  
ARG C      C N N 54  
ARG O      O N N 55  
ARG CB     C N N 56  
ARG CG     C N N 57  
ARG CD     C N N 58  
ARG NE     N N N 59  
ARG CZ     C N N 60  
ARG NH1    N N N 61  
ARG NH2    N N N 62  
ARG OXT    O N N 63  
ARG H      H N N 64  
ARG H2     H N N 65  
ARG HA     H N N 66  
ARG HB2    H N N 67  
ARG HB3    H N N 68  
ARG HG2    H N N 69  
ARG HG3    H N N 70  
ARG HD2    H N N 71  
ARG HD3    H N N 72  
ARG HE     H N N 73  
ARG HH11   H N N 74  
ARG HH12   H N N 75  
ARG HH21   H N N 76  
ARG HH22   H N N 77  
ARG HXT    H N N 78  
ASN N      N N N 79  
ASN CA     C N S 80  
ASN C      C N N 81  
ASN O      O N N 82  
ASN CB     C N N 83  
ASN CG     C N N 84  
ASN OD1    O N N 85  
ASN ND2    N N N 86  
ASN OXT    O N N 87  
ASN H      H N N 88  
ASN H2     H N N 89  
ASN HA     H N N 90  
ASN HB2    H N N 91  
ASN HB3    H N N 92  
ASN HD21   H N N 93  
ASN HD22   H N N 94  
ASN HXT    H N N 95  
ASP N      N N N 96  
ASP CA     C N S 97  
ASP C      C N N 98  
ASP O      O N N 99  
ASP CB     C N N 100 
ASP CG     C N N 101 
ASP OD1    O N N 102 
ASP OD2    O N N 103 
ASP OXT    O N N 104 
ASP H      H N N 105 
ASP H2     H N N 106 
ASP HA     H N N 107 
ASP HB2    H N N 108 
ASP HB3    H N N 109 
ASP HD2    H N N 110 
ASP HXT    H N N 111 
CYS N      N N N 112 
CYS CA     C N R 113 
CYS C      C N N 114 
CYS O      O N N 115 
CYS CB     C N N 116 
CYS SG     S N N 117 
CYS OXT    O N N 118 
CYS H      H N N 119 
CYS H2     H N N 120 
CYS HA     H N N 121 
CYS HB2    H N N 122 
CYS HB3    H N N 123 
CYS HG     H N N 124 
CYS HXT    H N N 125 
DA  OP3    O N N 126 
DA  P      P N N 127 
DA  OP1    O N N 128 
DA  OP2    O N N 129 
DA  "O5'"  O N N 130 
DA  "C5'"  C N N 131 
DA  "C4'"  C N R 132 
DA  "O4'"  O N N 133 
DA  "C3'"  C N S 134 
DA  "O3'"  O N N 135 
DA  "C2'"  C N N 136 
DA  "C1'"  C N R 137 
DA  N9     N Y N 138 
DA  C8     C Y N 139 
DA  N7     N Y N 140 
DA  C5     C Y N 141 
DA  C6     C Y N 142 
DA  N6     N N N 143 
DA  N1     N Y N 144 
DA  C2     C Y N 145 
DA  N3     N Y N 146 
DA  C4     C Y N 147 
DA  HOP3   H N N 148 
DA  HOP2   H N N 149 
DA  "H5'"  H N N 150 
DA  "H5''" H N N 151 
DA  "H4'"  H N N 152 
DA  "H3'"  H N N 153 
DA  "HO3'" H N N 154 
DA  "H2'"  H N N 155 
DA  "H2''" H N N 156 
DA  "H1'"  H N N 157 
DA  H8     H N N 158 
DA  H61    H N N 159 
DA  H62    H N N 160 
DA  H2     H N N 161 
DC  OP3    O N N 162 
DC  P      P N N 163 
DC  OP1    O N N 164 
DC  OP2    O N N 165 
DC  "O5'"  O N N 166 
DC  "C5'"  C N N 167 
DC  "C4'"  C N R 168 
DC  "O4'"  O N N 169 
DC  "C3'"  C N S 170 
DC  "O3'"  O N N 171 
DC  "C2'"  C N N 172 
DC  "C1'"  C N R 173 
DC  N1     N N N 174 
DC  C2     C N N 175 
DC  O2     O N N 176 
DC  N3     N N N 177 
DC  C4     C N N 178 
DC  N4     N N N 179 
DC  C5     C N N 180 
DC  C6     C N N 181 
DC  HOP3   H N N 182 
DC  HOP2   H N N 183 
DC  "H5'"  H N N 184 
DC  "H5''" H N N 185 
DC  "H4'"  H N N 186 
DC  "H3'"  H N N 187 
DC  "HO3'" H N N 188 
DC  "H2'"  H N N 189 
DC  "H2''" H N N 190 
DC  "H1'"  H N N 191 
DC  H41    H N N 192 
DC  H42    H N N 193 
DC  H5     H N N 194 
DC  H6     H N N 195 
DG  OP3    O N N 196 
DG  P      P N N 197 
DG  OP1    O N N 198 
DG  OP2    O N N 199 
DG  "O5'"  O N N 200 
DG  "C5'"  C N N 201 
DG  "C4'"  C N R 202 
DG  "O4'"  O N N 203 
DG  "C3'"  C N S 204 
DG  "O3'"  O N N 205 
DG  "C2'"  C N N 206 
DG  "C1'"  C N R 207 
DG  N9     N Y N 208 
DG  C8     C Y N 209 
DG  N7     N Y N 210 
DG  C5     C Y N 211 
DG  C6     C N N 212 
DG  O6     O N N 213 
DG  N1     N N N 214 
DG  C2     C N N 215 
DG  N2     N N N 216 
DG  N3     N N N 217 
DG  C4     C Y N 218 
DG  HOP3   H N N 219 
DG  HOP2   H N N 220 
DG  "H5'"  H N N 221 
DG  "H5''" H N N 222 
DG  "H4'"  H N N 223 
DG  "H3'"  H N N 224 
DG  "HO3'" H N N 225 
DG  "H2'"  H N N 226 
DG  "H2''" H N N 227 
DG  "H1'"  H N N 228 
DG  H8     H N N 229 
DG  H1     H N N 230 
DG  H21    H N N 231 
DG  H22    H N N 232 
DT  OP3    O N N 233 
DT  P      P N N 234 
DT  OP1    O N N 235 
DT  OP2    O N N 236 
DT  "O5'"  O N N 237 
DT  "C5'"  C N N 238 
DT  "C4'"  C N R 239 
DT  "O4'"  O N N 240 
DT  "C3'"  C N S 241 
DT  "O3'"  O N N 242 
DT  "C2'"  C N N 243 
DT  "C1'"  C N R 244 
DT  N1     N N N 245 
DT  C2     C N N 246 
DT  O2     O N N 247 
DT  N3     N N N 248 
DT  C4     C N N 249 
DT  O4     O N N 250 
DT  C5     C N N 251 
DT  C7     C N N 252 
DT  C6     C N N 253 
DT  HOP3   H N N 254 
DT  HOP2   H N N 255 
DT  "H5'"  H N N 256 
DT  "H5''" H N N 257 
DT  "H4'"  H N N 258 
DT  "H3'"  H N N 259 
DT  "HO3'" H N N 260 
DT  "H2'"  H N N 261 
DT  "H2''" H N N 262 
DT  "H1'"  H N N 263 
DT  H3     H N N 264 
DT  H71    H N N 265 
DT  H72    H N N 266 
DT  H73    H N N 267 
DT  H6     H N N 268 
GLN N      N N N 269 
GLN CA     C N S 270 
GLN C      C N N 271 
GLN O      O N N 272 
GLN CB     C N N 273 
GLN CG     C N N 274 
GLN CD     C N N 275 
GLN OE1    O N N 276 
GLN NE2    N N N 277 
GLN OXT    O N N 278 
GLN H      H N N 279 
GLN H2     H N N 280 
GLN HA     H N N 281 
GLN HB2    H N N 282 
GLN HB3    H N N 283 
GLN HG2    H N N 284 
GLN HG3    H N N 285 
GLN HE21   H N N 286 
GLN HE22   H N N 287 
GLN HXT    H N N 288 
GLU N      N N N 289 
GLU CA     C N S 290 
GLU C      C N N 291 
GLU O      O N N 292 
GLU CB     C N N 293 
GLU CG     C N N 294 
GLU CD     C N N 295 
GLU OE1    O N N 296 
GLU OE2    O N N 297 
GLU OXT    O N N 298 
GLU H      H N N 299 
GLU H2     H N N 300 
GLU HA     H N N 301 
GLU HB2    H N N 302 
GLU HB3    H N N 303 
GLU HG2    H N N 304 
GLU HG3    H N N 305 
GLU HE2    H N N 306 
GLU HXT    H N N 307 
GLY N      N N N 308 
GLY CA     C N N 309 
GLY C      C N N 310 
GLY O      O N N 311 
GLY OXT    O N N 312 
GLY H      H N N 313 
GLY H2     H N N 314 
GLY HA2    H N N 315 
GLY HA3    H N N 316 
GLY HXT    H N N 317 
HIS N      N N N 318 
HIS CA     C N S 319 
HIS C      C N N 320 
HIS O      O N N 321 
HIS CB     C N N 322 
HIS CG     C Y N 323 
HIS ND1    N Y N 324 
HIS CD2    C Y N 325 
HIS CE1    C Y N 326 
HIS NE2    N Y N 327 
HIS OXT    O N N 328 
HIS H      H N N 329 
HIS H2     H N N 330 
HIS HA     H N N 331 
HIS HB2    H N N 332 
HIS HB3    H N N 333 
HIS HD1    H N N 334 
HIS HD2    H N N 335 
HIS HE1    H N N 336 
HIS HE2    H N N 337 
HIS HXT    H N N 338 
HOH O      O N N 339 
HOH H1     H N N 340 
HOH H2     H N N 341 
ILE N      N N N 342 
ILE CA     C N S 343 
ILE C      C N N 344 
ILE O      O N N 345 
ILE CB     C N S 346 
ILE CG1    C N N 347 
ILE CG2    C N N 348 
ILE CD1    C N N 349 
ILE OXT    O N N 350 
ILE H      H N N 351 
ILE H2     H N N 352 
ILE HA     H N N 353 
ILE HB     H N N 354 
ILE HG12   H N N 355 
ILE HG13   H N N 356 
ILE HG21   H N N 357 
ILE HG22   H N N 358 
ILE HG23   H N N 359 
ILE HD11   H N N 360 
ILE HD12   H N N 361 
ILE HD13   H N N 362 
ILE HXT    H N N 363 
LEU N      N N N 364 
LEU CA     C N S 365 
LEU C      C N N 366 
LEU O      O N N 367 
LEU CB     C N N 368 
LEU CG     C N N 369 
LEU CD1    C N N 370 
LEU CD2    C N N 371 
LEU OXT    O N N 372 
LEU H      H N N 373 
LEU H2     H N N 374 
LEU HA     H N N 375 
LEU HB2    H N N 376 
LEU HB3    H N N 377 
LEU HG     H N N 378 
LEU HD11   H N N 379 
LEU HD12   H N N 380 
LEU HD13   H N N 381 
LEU HD21   H N N 382 
LEU HD22   H N N 383 
LEU HD23   H N N 384 
LEU HXT    H N N 385 
LYS N      N N N 386 
LYS CA     C N S 387 
LYS C      C N N 388 
LYS O      O N N 389 
LYS CB     C N N 390 
LYS CG     C N N 391 
LYS CD     C N N 392 
LYS CE     C N N 393 
LYS NZ     N N N 394 
LYS OXT    O N N 395 
LYS H      H N N 396 
LYS H2     H N N 397 
LYS HA     H N N 398 
LYS HB2    H N N 399 
LYS HB3    H N N 400 
LYS HG2    H N N 401 
LYS HG3    H N N 402 
LYS HD2    H N N 403 
LYS HD3    H N N 404 
LYS HE2    H N N 405 
LYS HE3    H N N 406 
LYS HZ1    H N N 407 
LYS HZ2    H N N 408 
LYS HZ3    H N N 409 
LYS HXT    H N N 410 
MET N      N N N 411 
MET CA     C N S 412 
MET C      C N N 413 
MET O      O N N 414 
MET CB     C N N 415 
MET CG     C N N 416 
MET SD     S N N 417 
MET CE     C N N 418 
MET OXT    O N N 419 
MET H      H N N 420 
MET H2     H N N 421 
MET HA     H N N 422 
MET HB2    H N N 423 
MET HB3    H N N 424 
MET HG2    H N N 425 
MET HG3    H N N 426 
MET HE1    H N N 427 
MET HE2    H N N 428 
MET HE3    H N N 429 
MET HXT    H N N 430 
PHE N      N N N 431 
PHE CA     C N S 432 
PHE C      C N N 433 
PHE O      O N N 434 
PHE CB     C N N 435 
PHE CG     C Y N 436 
PHE CD1    C Y N 437 
PHE CD2    C Y N 438 
PHE CE1    C Y N 439 
PHE CE2    C Y N 440 
PHE CZ     C Y N 441 
PHE OXT    O N N 442 
PHE H      H N N 443 
PHE H2     H N N 444 
PHE HA     H N N 445 
PHE HB2    H N N 446 
PHE HB3    H N N 447 
PHE HD1    H N N 448 
PHE HD2    H N N 449 
PHE HE1    H N N 450 
PHE HE2    H N N 451 
PHE HZ     H N N 452 
PHE HXT    H N N 453 
PRO N      N N N 454 
PRO CA     C N S 455 
PRO C      C N N 456 
PRO O      O N N 457 
PRO CB     C N N 458 
PRO CG     C N N 459 
PRO CD     C N N 460 
PRO OXT    O N N 461 
PRO H      H N N 462 
PRO HA     H N N 463 
PRO HB2    H N N 464 
PRO HB3    H N N 465 
PRO HG2    H N N 466 
PRO HG3    H N N 467 
PRO HD2    H N N 468 
PRO HD3    H N N 469 
PRO HXT    H N N 470 
SER N      N N N 471 
SER CA     C N S 472 
SER C      C N N 473 
SER O      O N N 474 
SER CB     C N N 475 
SER OG     O N N 476 
SER OXT    O N N 477 
SER H      H N N 478 
SER H2     H N N 479 
SER HA     H N N 480 
SER HB2    H N N 481 
SER HB3    H N N 482 
SER HG     H N N 483 
SER HXT    H N N 484 
THR N      N N N 485 
THR CA     C N S 486 
THR C      C N N 487 
THR O      O N N 488 
THR CB     C N R 489 
THR OG1    O N N 490 
THR CG2    C N N 491 
THR OXT    O N N 492 
THR H      H N N 493 
THR H2     H N N 494 
THR HA     H N N 495 
THR HB     H N N 496 
THR HG1    H N N 497 
THR HG21   H N N 498 
THR HG22   H N N 499 
THR HG23   H N N 500 
THR HXT    H N N 501 
TRP N      N N N 502 
TRP CA     C N S 503 
TRP C      C N N 504 
TRP O      O N N 505 
TRP CB     C N N 506 
TRP CG     C Y N 507 
TRP CD1    C Y N 508 
TRP CD2    C Y N 509 
TRP NE1    N Y N 510 
TRP CE2    C Y N 511 
TRP CE3    C Y N 512 
TRP CZ2    C Y N 513 
TRP CZ3    C Y N 514 
TRP CH2    C Y N 515 
TRP OXT    O N N 516 
TRP H      H N N 517 
TRP H2     H N N 518 
TRP HA     H N N 519 
TRP HB2    H N N 520 
TRP HB3    H N N 521 
TRP HD1    H N N 522 
TRP HE1    H N N 523 
TRP HE3    H N N 524 
TRP HZ2    H N N 525 
TRP HZ3    H N N 526 
TRP HH2    H N N 527 
TRP HXT    H N N 528 
TYR N      N N N 529 
TYR CA     C N S 530 
TYR C      C N N 531 
TYR O      O N N 532 
TYR CB     C N N 533 
TYR CG     C Y N 534 
TYR CD1    C Y N 535 
TYR CD2    C Y N 536 
TYR CE1    C Y N 537 
TYR CE2    C Y N 538 
TYR CZ     C Y N 539 
TYR OH     O N N 540 
TYR OXT    O N N 541 
TYR H      H N N 542 
TYR H2     H N N 543 
TYR HA     H N N 544 
TYR HB2    H N N 545 
TYR HB3    H N N 546 
TYR HD1    H N N 547 
TYR HD2    H N N 548 
TYR HE1    H N N 549 
TYR HE2    H N N 550 
TYR HH     H N N 551 
TYR HXT    H N N 552 
VAL N      N N N 553 
VAL CA     C N S 554 
VAL C      C N N 555 
VAL O      O N N 556 
VAL CB     C N N 557 
VAL CG1    C N N 558 
VAL CG2    C N N 559 
VAL OXT    O N N 560 
VAL H      H N N 561 
VAL H2     H N N 562 
VAL HA     H N N 563 
VAL HB     H N N 564 
VAL HG11   H N N 565 
VAL HG12   H N N 566 
VAL HG13   H N N 567 
VAL HG21   H N N 568 
VAL HG22   H N N 569 
VAL HG23   H N N 570 
VAL HXT    H N N 571 
# 
loop_
_chem_comp_bond.comp_id 
_chem_comp_bond.atom_id_1 
_chem_comp_bond.atom_id_2 
_chem_comp_bond.value_order 
_chem_comp_bond.pdbx_aromatic_flag 
_chem_comp_bond.pdbx_stereo_config 
_chem_comp_bond.pdbx_ordinal 
1AP N1    C2     sing Y N 1   
1AP N1    C6     doub Y N 2   
1AP C2    N2     sing N N 3   
1AP C2    N3     doub Y N 4   
1AP C4    C5     doub Y N 5   
1AP C4    N3     sing Y N 6   
1AP C4    N9     sing Y N 7   
1AP C5    C6     sing Y N 8   
1AP C5    N7     sing Y N 9   
1AP C6    N6     sing N N 10  
1AP C8    N9     sing Y N 11  
1AP C8    N7     doub Y N 12  
1AP C8    H81    sing N N 13  
1AP N2    HN21   sing N N 14  
1AP N2    HN22   sing N N 15  
1AP N9    "C1'"  sing N N 16  
1AP N6    HN61   sing N N 17  
1AP N6    HN62   sing N N 18  
1AP P     OP1    sing N N 19  
1AP P     OP2    doub N N 20  
1AP P     "O5'"  sing N N 21  
1AP P     OP3    sing N N 22  
1AP OP1   H1P    sing N N 23  
1AP "O5'" "C5'"  sing N N 24  
1AP "C5'" "C4'"  sing N N 25  
1AP "C5'" H52    sing N N 26  
1AP "C5'" H51    sing N N 27  
1AP "C4'" "O4'"  sing N N 28  
1AP "C4'" "C3'"  sing N N 29  
1AP "C4'" H4     sing N N 30  
1AP "O4'" "C1'"  sing N N 31  
1AP "C1'" "C2'"  sing N N 32  
1AP "C1'" H11    sing N N 33  
1AP "C2'" "C3'"  sing N N 34  
1AP "C2'" H21    sing N N 35  
1AP "C2'" H22    sing N N 36  
1AP "C3'" "O3'"  sing N N 37  
1AP "C3'" H31    sing N N 38  
1AP "O3'" HO31   sing N N 39  
1AP OP3   H3P    sing N N 40  
ALA N     CA     sing N N 41  
ALA N     H      sing N N 42  
ALA N     H2     sing N N 43  
ALA CA    C      sing N N 44  
ALA CA    CB     sing N N 45  
ALA CA    HA     sing N N 46  
ALA C     O      doub N N 47  
ALA C     OXT    sing N N 48  
ALA CB    HB1    sing N N 49  
ALA CB    HB2    sing N N 50  
ALA CB    HB3    sing N N 51  
ALA OXT   HXT    sing N N 52  
ARG N     CA     sing N N 53  
ARG N     H      sing N N 54  
ARG N     H2     sing N N 55  
ARG CA    C      sing N N 56  
ARG CA    CB     sing N N 57  
ARG CA    HA     sing N N 58  
ARG C     O      doub N N 59  
ARG C     OXT    sing N N 60  
ARG CB    CG     sing N N 61  
ARG CB    HB2    sing N N 62  
ARG CB    HB3    sing N N 63  
ARG CG    CD     sing N N 64  
ARG CG    HG2    sing N N 65  
ARG CG    HG3    sing N N 66  
ARG CD    NE     sing N N 67  
ARG CD    HD2    sing N N 68  
ARG CD    HD3    sing N N 69  
ARG NE    CZ     sing N N 70  
ARG NE    HE     sing N N 71  
ARG CZ    NH1    sing N N 72  
ARG CZ    NH2    doub N N 73  
ARG NH1   HH11   sing N N 74  
ARG NH1   HH12   sing N N 75  
ARG NH2   HH21   sing N N 76  
ARG NH2   HH22   sing N N 77  
ARG OXT   HXT    sing N N 78  
ASN N     CA     sing N N 79  
ASN N     H      sing N N 80  
ASN N     H2     sing N N 81  
ASN CA    C      sing N N 82  
ASN CA    CB     sing N N 83  
ASN CA    HA     sing N N 84  
ASN C     O      doub N N 85  
ASN C     OXT    sing N N 86  
ASN CB    CG     sing N N 87  
ASN CB    HB2    sing N N 88  
ASN CB    HB3    sing N N 89  
ASN CG    OD1    doub N N 90  
ASN CG    ND2    sing N N 91  
ASN ND2   HD21   sing N N 92  
ASN ND2   HD22   sing N N 93  
ASN OXT   HXT    sing N N 94  
ASP N     CA     sing N N 95  
ASP N     H      sing N N 96  
ASP N     H2     sing N N 97  
ASP CA    C      sing N N 98  
ASP CA    CB     sing N N 99  
ASP CA    HA     sing N N 100 
ASP C     O      doub N N 101 
ASP C     OXT    sing N N 102 
ASP CB    CG     sing N N 103 
ASP CB    HB2    sing N N 104 
ASP CB    HB3    sing N N 105 
ASP CG    OD1    doub N N 106 
ASP CG    OD2    sing N N 107 
ASP OD2   HD2    sing N N 108 
ASP OXT   HXT    sing N N 109 
CYS N     CA     sing N N 110 
CYS N     H      sing N N 111 
CYS N     H2     sing N N 112 
CYS CA    C      sing N N 113 
CYS CA    CB     sing N N 114 
CYS CA    HA     sing N N 115 
CYS C     O      doub N N 116 
CYS C     OXT    sing N N 117 
CYS CB    SG     sing N N 118 
CYS CB    HB2    sing N N 119 
CYS CB    HB3    sing N N 120 
CYS SG    HG     sing N N 121 
CYS OXT   HXT    sing N N 122 
DA  OP3   P      sing N N 123 
DA  OP3   HOP3   sing N N 124 
DA  P     OP1    doub N N 125 
DA  P     OP2    sing N N 126 
DA  P     "O5'"  sing N N 127 
DA  OP2   HOP2   sing N N 128 
DA  "O5'" "C5'"  sing N N 129 
DA  "C5'" "C4'"  sing N N 130 
DA  "C5'" "H5'"  sing N N 131 
DA  "C5'" "H5''" sing N N 132 
DA  "C4'" "O4'"  sing N N 133 
DA  "C4'" "C3'"  sing N N 134 
DA  "C4'" "H4'"  sing N N 135 
DA  "O4'" "C1'"  sing N N 136 
DA  "C3'" "O3'"  sing N N 137 
DA  "C3'" "C2'"  sing N N 138 
DA  "C3'" "H3'"  sing N N 139 
DA  "O3'" "HO3'" sing N N 140 
DA  "C2'" "C1'"  sing N N 141 
DA  "C2'" "H2'"  sing N N 142 
DA  "C2'" "H2''" sing N N 143 
DA  "C1'" N9     sing N N 144 
DA  "C1'" "H1'"  sing N N 145 
DA  N9    C8     sing Y N 146 
DA  N9    C4     sing Y N 147 
DA  C8    N7     doub Y N 148 
DA  C8    H8     sing N N 149 
DA  N7    C5     sing Y N 150 
DA  C5    C6     sing Y N 151 
DA  C5    C4     doub Y N 152 
DA  C6    N6     sing N N 153 
DA  C6    N1     doub Y N 154 
DA  N6    H61    sing N N 155 
DA  N6    H62    sing N N 156 
DA  N1    C2     sing Y N 157 
DA  C2    N3     doub Y N 158 
DA  C2    H2     sing N N 159 
DA  N3    C4     sing Y N 160 
DC  OP3   P      sing N N 161 
DC  OP3   HOP3   sing N N 162 
DC  P     OP1    doub N N 163 
DC  P     OP2    sing N N 164 
DC  P     "O5'"  sing N N 165 
DC  OP2   HOP2   sing N N 166 
DC  "O5'" "C5'"  sing N N 167 
DC  "C5'" "C4'"  sing N N 168 
DC  "C5'" "H5'"  sing N N 169 
DC  "C5'" "H5''" sing N N 170 
DC  "C4'" "O4'"  sing N N 171 
DC  "C4'" "C3'"  sing N N 172 
DC  "C4'" "H4'"  sing N N 173 
DC  "O4'" "C1'"  sing N N 174 
DC  "C3'" "O3'"  sing N N 175 
DC  "C3'" "C2'"  sing N N 176 
DC  "C3'" "H3'"  sing N N 177 
DC  "O3'" "HO3'" sing N N 178 
DC  "C2'" "C1'"  sing N N 179 
DC  "C2'" "H2'"  sing N N 180 
DC  "C2'" "H2''" sing N N 181 
DC  "C1'" N1     sing N N 182 
DC  "C1'" "H1'"  sing N N 183 
DC  N1    C2     sing N N 184 
DC  N1    C6     sing N N 185 
DC  C2    O2     doub N N 186 
DC  C2    N3     sing N N 187 
DC  N3    C4     doub N N 188 
DC  C4    N4     sing N N 189 
DC  C4    C5     sing N N 190 
DC  N4    H41    sing N N 191 
DC  N4    H42    sing N N 192 
DC  C5    C6     doub N N 193 
DC  C5    H5     sing N N 194 
DC  C6    H6     sing N N 195 
DG  OP3   P      sing N N 196 
DG  OP3   HOP3   sing N N 197 
DG  P     OP1    doub N N 198 
DG  P     OP2    sing N N 199 
DG  P     "O5'"  sing N N 200 
DG  OP2   HOP2   sing N N 201 
DG  "O5'" "C5'"  sing N N 202 
DG  "C5'" "C4'"  sing N N 203 
DG  "C5'" "H5'"  sing N N 204 
DG  "C5'" "H5''" sing N N 205 
DG  "C4'" "O4'"  sing N N 206 
DG  "C4'" "C3'"  sing N N 207 
DG  "C4'" "H4'"  sing N N 208 
DG  "O4'" "C1'"  sing N N 209 
DG  "C3'" "O3'"  sing N N 210 
DG  "C3'" "C2'"  sing N N 211 
DG  "C3'" "H3'"  sing N N 212 
DG  "O3'" "HO3'" sing N N 213 
DG  "C2'" "C1'"  sing N N 214 
DG  "C2'" "H2'"  sing N N 215 
DG  "C2'" "H2''" sing N N 216 
DG  "C1'" N9     sing N N 217 
DG  "C1'" "H1'"  sing N N 218 
DG  N9    C8     sing Y N 219 
DG  N9    C4     sing Y N 220 
DG  C8    N7     doub Y N 221 
DG  C8    H8     sing N N 222 
DG  N7    C5     sing Y N 223 
DG  C5    C6     sing N N 224 
DG  C5    C4     doub Y N 225 
DG  C6    O6     doub N N 226 
DG  C6    N1     sing N N 227 
DG  N1    C2     sing N N 228 
DG  N1    H1     sing N N 229 
DG  C2    N2     sing N N 230 
DG  C2    N3     doub N N 231 
DG  N2    H21    sing N N 232 
DG  N2    H22    sing N N 233 
DG  N3    C4     sing N N 234 
DT  OP3   P      sing N N 235 
DT  OP3   HOP3   sing N N 236 
DT  P     OP1    doub N N 237 
DT  P     OP2    sing N N 238 
DT  P     "O5'"  sing N N 239 
DT  OP2   HOP2   sing N N 240 
DT  "O5'" "C5'"  sing N N 241 
DT  "C5'" "C4'"  sing N N 242 
DT  "C5'" "H5'"  sing N N 243 
DT  "C5'" "H5''" sing N N 244 
DT  "C4'" "O4'"  sing N N 245 
DT  "C4'" "C3'"  sing N N 246 
DT  "C4'" "H4'"  sing N N 247 
DT  "O4'" "C1'"  sing N N 248 
DT  "C3'" "O3'"  sing N N 249 
DT  "C3'" "C2'"  sing N N 250 
DT  "C3'" "H3'"  sing N N 251 
DT  "O3'" "HO3'" sing N N 252 
DT  "C2'" "C1'"  sing N N 253 
DT  "C2'" "H2'"  sing N N 254 
DT  "C2'" "H2''" sing N N 255 
DT  "C1'" N1     sing N N 256 
DT  "C1'" "H1'"  sing N N 257 
DT  N1    C2     sing N N 258 
DT  N1    C6     sing N N 259 
DT  C2    O2     doub N N 260 
DT  C2    N3     sing N N 261 
DT  N3    C4     sing N N 262 
DT  N3    H3     sing N N 263 
DT  C4    O4     doub N N 264 
DT  C4    C5     sing N N 265 
DT  C5    C7     sing N N 266 
DT  C5    C6     doub N N 267 
DT  C7    H71    sing N N 268 
DT  C7    H72    sing N N 269 
DT  C7    H73    sing N N 270 
DT  C6    H6     sing N N 271 
GLN N     CA     sing N N 272 
GLN N     H      sing N N 273 
GLN N     H2     sing N N 274 
GLN CA    C      sing N N 275 
GLN CA    CB     sing N N 276 
GLN CA    HA     sing N N 277 
GLN C     O      doub N N 278 
GLN C     OXT    sing N N 279 
GLN CB    CG     sing N N 280 
GLN CB    HB2    sing N N 281 
GLN CB    HB3    sing N N 282 
GLN CG    CD     sing N N 283 
GLN CG    HG2    sing N N 284 
GLN CG    HG3    sing N N 285 
GLN CD    OE1    doub N N 286 
GLN CD    NE2    sing N N 287 
GLN NE2   HE21   sing N N 288 
GLN NE2   HE22   sing N N 289 
GLN OXT   HXT    sing N N 290 
GLU N     CA     sing N N 291 
GLU N     H      sing N N 292 
GLU N     H2     sing N N 293 
GLU CA    C      sing N N 294 
GLU CA    CB     sing N N 295 
GLU CA    HA     sing N N 296 
GLU C     O      doub N N 297 
GLU C     OXT    sing N N 298 
GLU CB    CG     sing N N 299 
GLU CB    HB2    sing N N 300 
GLU CB    HB3    sing N N 301 
GLU CG    CD     sing N N 302 
GLU CG    HG2    sing N N 303 
GLU CG    HG3    sing N N 304 
GLU CD    OE1    doub N N 305 
GLU CD    OE2    sing N N 306 
GLU OE2   HE2    sing N N 307 
GLU OXT   HXT    sing N N 308 
GLY N     CA     sing N N 309 
GLY N     H      sing N N 310 
GLY N     H2     sing N N 311 
GLY CA    C      sing N N 312 
GLY CA    HA2    sing N N 313 
GLY CA    HA3    sing N N 314 
GLY C     O      doub N N 315 
GLY C     OXT    sing N N 316 
GLY OXT   HXT    sing N N 317 
HIS N     CA     sing N N 318 
HIS N     H      sing N N 319 
HIS N     H2     sing N N 320 
HIS CA    C      sing N N 321 
HIS CA    CB     sing N N 322 
HIS CA    HA     sing N N 323 
HIS C     O      doub N N 324 
HIS C     OXT    sing N N 325 
HIS CB    CG     sing N N 326 
HIS CB    HB2    sing N N 327 
HIS CB    HB3    sing N N 328 
HIS CG    ND1    sing Y N 329 
HIS CG    CD2    doub Y N 330 
HIS ND1   CE1    doub Y N 331 
HIS ND1   HD1    sing N N 332 
HIS CD2   NE2    sing Y N 333 
HIS CD2   HD2    sing N N 334 
HIS CE1   NE2    sing Y N 335 
HIS CE1   HE1    sing N N 336 
HIS NE2   HE2    sing N N 337 
HIS OXT   HXT    sing N N 338 
HOH O     H1     sing N N 339 
HOH O     H2     sing N N 340 
ILE N     CA     sing N N 341 
ILE N     H      sing N N 342 
ILE N     H2     sing N N 343 
ILE CA    C      sing N N 344 
ILE CA    CB     sing N N 345 
ILE CA    HA     sing N N 346 
ILE C     O      doub N N 347 
ILE C     OXT    sing N N 348 
ILE CB    CG1    sing N N 349 
ILE CB    CG2    sing N N 350 
ILE CB    HB     sing N N 351 
ILE CG1   CD1    sing N N 352 
ILE CG1   HG12   sing N N 353 
ILE CG1   HG13   sing N N 354 
ILE CG2   HG21   sing N N 355 
ILE CG2   HG22   sing N N 356 
ILE CG2   HG23   sing N N 357 
ILE CD1   HD11   sing N N 358 
ILE CD1   HD12   sing N N 359 
ILE CD1   HD13   sing N N 360 
ILE OXT   HXT    sing N N 361 
LEU N     CA     sing N N 362 
LEU N     H      sing N N 363 
LEU N     H2     sing N N 364 
LEU CA    C      sing N N 365 
LEU CA    CB     sing N N 366 
LEU CA    HA     sing N N 367 
LEU C     O      doub N N 368 
LEU C     OXT    sing N N 369 
LEU CB    CG     sing N N 370 
LEU CB    HB2    sing N N 371 
LEU CB    HB3    sing N N 372 
LEU CG    CD1    sing N N 373 
LEU CG    CD2    sing N N 374 
LEU CG    HG     sing N N 375 
LEU CD1   HD11   sing N N 376 
LEU CD1   HD12   sing N N 377 
LEU CD1   HD13   sing N N 378 
LEU CD2   HD21   sing N N 379 
LEU CD2   HD22   sing N N 380 
LEU CD2   HD23   sing N N 381 
LEU OXT   HXT    sing N N 382 
LYS N     CA     sing N N 383 
LYS N     H      sing N N 384 
LYS N     H2     sing N N 385 
LYS CA    C      sing N N 386 
LYS CA    CB     sing N N 387 
LYS CA    HA     sing N N 388 
LYS C     O      doub N N 389 
LYS C     OXT    sing N N 390 
LYS CB    CG     sing N N 391 
LYS CB    HB2    sing N N 392 
LYS CB    HB3    sing N N 393 
LYS CG    CD     sing N N 394 
LYS CG    HG2    sing N N 395 
LYS CG    HG3    sing N N 396 
LYS CD    CE     sing N N 397 
LYS CD    HD2    sing N N 398 
LYS CD    HD3    sing N N 399 
LYS CE    NZ     sing N N 400 
LYS CE    HE2    sing N N 401 
LYS CE    HE3    sing N N 402 
LYS NZ    HZ1    sing N N 403 
LYS NZ    HZ2    sing N N 404 
LYS NZ    HZ3    sing N N 405 
LYS OXT   HXT    sing N N 406 
MET N     CA     sing N N 407 
MET N     H      sing N N 408 
MET N     H2     sing N N 409 
MET CA    C      sing N N 410 
MET CA    CB     sing N N 411 
MET CA    HA     sing N N 412 
MET C     O      doub N N 413 
MET C     OXT    sing N N 414 
MET CB    CG     sing N N 415 
MET CB    HB2    sing N N 416 
MET CB    HB3    sing N N 417 
MET CG    SD     sing N N 418 
MET CG    HG2    sing N N 419 
MET CG    HG3    sing N N 420 
MET SD    CE     sing N N 421 
MET CE    HE1    sing N N 422 
MET CE    HE2    sing N N 423 
MET CE    HE3    sing N N 424 
MET OXT   HXT    sing N N 425 
PHE N     CA     sing N N 426 
PHE N     H      sing N N 427 
PHE N     H2     sing N N 428 
PHE CA    C      sing N N 429 
PHE CA    CB     sing N N 430 
PHE CA    HA     sing N N 431 
PHE C     O      doub N N 432 
PHE C     OXT    sing N N 433 
PHE CB    CG     sing N N 434 
PHE CB    HB2    sing N N 435 
PHE CB    HB3    sing N N 436 
PHE CG    CD1    doub Y N 437 
PHE CG    CD2    sing Y N 438 
PHE CD1   CE1    sing Y N 439 
PHE CD1   HD1    sing N N 440 
PHE CD2   CE2    doub Y N 441 
PHE CD2   HD2    sing N N 442 
PHE CE1   CZ     doub Y N 443 
PHE CE1   HE1    sing N N 444 
PHE CE2   CZ     sing Y N 445 
PHE CE2   HE2    sing N N 446 
PHE CZ    HZ     sing N N 447 
PHE OXT   HXT    sing N N 448 
PRO N     CA     sing N N 449 
PRO N     CD     sing N N 450 
PRO N     H      sing N N 451 
PRO CA    C      sing N N 452 
PRO CA    CB     sing N N 453 
PRO CA    HA     sing N N 454 
PRO C     O      doub N N 455 
PRO C     OXT    sing N N 456 
PRO CB    CG     sing N N 457 
PRO CB    HB2    sing N N 458 
PRO CB    HB3    sing N N 459 
PRO CG    CD     sing N N 460 
PRO CG    HG2    sing N N 461 
PRO CG    HG3    sing N N 462 
PRO CD    HD2    sing N N 463 
PRO CD    HD3    sing N N 464 
PRO OXT   HXT    sing N N 465 
SER N     CA     sing N N 466 
SER N     H      sing N N 467 
SER N     H2     sing N N 468 
SER CA    C      sing N N 469 
SER CA    CB     sing N N 470 
SER CA    HA     sing N N 471 
SER C     O      doub N N 472 
SER C     OXT    sing N N 473 
SER CB    OG     sing N N 474 
SER CB    HB2    sing N N 475 
SER CB    HB3    sing N N 476 
SER OG    HG     sing N N 477 
SER OXT   HXT    sing N N 478 
THR N     CA     sing N N 479 
THR N     H      sing N N 480 
THR N     H2     sing N N 481 
THR CA    C      sing N N 482 
THR CA    CB     sing N N 483 
THR CA    HA     sing N N 484 
THR C     O      doub N N 485 
THR C     OXT    sing N N 486 
THR CB    OG1    sing N N 487 
THR CB    CG2    sing N N 488 
THR CB    HB     sing N N 489 
THR OG1   HG1    sing N N 490 
THR CG2   HG21   sing N N 491 
THR CG2   HG22   sing N N 492 
THR CG2   HG23   sing N N 493 
THR OXT   HXT    sing N N 494 
TRP N     CA     sing N N 495 
TRP N     H      sing N N 496 
TRP N     H2     sing N N 497 
TRP CA    C      sing N N 498 
TRP CA    CB     sing N N 499 
TRP CA    HA     sing N N 500 
TRP C     O      doub N N 501 
TRP C     OXT    sing N N 502 
TRP CB    CG     sing N N 503 
TRP CB    HB2    sing N N 504 
TRP CB    HB3    sing N N 505 
TRP CG    CD1    doub Y N 506 
TRP CG    CD2    sing Y N 507 
TRP CD1   NE1    sing Y N 508 
TRP CD1   HD1    sing N N 509 
TRP CD2   CE2    doub Y N 510 
TRP CD2   CE3    sing Y N 511 
TRP NE1   CE2    sing Y N 512 
TRP NE1   HE1    sing N N 513 
TRP CE2   CZ2    sing Y N 514 
TRP CE3   CZ3    doub Y N 515 
TRP CE3   HE3    sing N N 516 
TRP CZ2   CH2    doub Y N 517 
TRP CZ2   HZ2    sing N N 518 
TRP CZ3   CH2    sing Y N 519 
TRP CZ3   HZ3    sing N N 520 
TRP CH2   HH2    sing N N 521 
TRP OXT   HXT    sing N N 522 
TYR N     CA     sing N N 523 
TYR N     H      sing N N 524 
TYR N     H2     sing N N 525 
TYR CA    C      sing N N 526 
TYR CA    CB     sing N N 527 
TYR CA    HA     sing N N 528 
TYR C     O      doub N N 529 
TYR C     OXT    sing N N 530 
TYR CB    CG     sing N N 531 
TYR CB    HB2    sing N N 532 
TYR CB    HB3    sing N N 533 
TYR CG    CD1    doub Y N 534 
TYR CG    CD2    sing Y N 535 
TYR CD1   CE1    sing Y N 536 
TYR CD1   HD1    sing N N 537 
TYR CD2   CE2    doub Y N 538 
TYR CD2   HD2    sing N N 539 
TYR CE1   CZ     doub Y N 540 
TYR CE1   HE1    sing N N 541 
TYR CE2   CZ     sing Y N 542 
TYR CE2   HE2    sing N N 543 
TYR CZ    OH     sing N N 544 
TYR OH    HH     sing N N 545 
TYR OXT   HXT    sing N N 546 
VAL N     CA     sing N N 547 
VAL N     H      sing N N 548 
VAL N     H2     sing N N 549 
VAL CA    C      sing N N 550 
VAL CA    CB     sing N N 551 
VAL CA    HA     sing N N 552 
VAL C     O      doub N N 553 
VAL C     OXT    sing N N 554 
VAL CB    CG1    sing N N 555 
VAL CB    CG2    sing N N 556 
VAL CB    HB     sing N N 557 
VAL CG1   HG11   sing N N 558 
VAL CG1   HG12   sing N N 559 
VAL CG1   HG13   sing N N 560 
VAL CG2   HG21   sing N N 561 
VAL CG2   HG22   sing N N 562 
VAL CG2   HG23   sing N N 563 
VAL OXT   HXT    sing N N 564 
# 
loop_
_ndb_struct_conf_na.entry_id 
_ndb_struct_conf_na.feature 
4HDV 'double helix'         
4HDV 'b-form double helix'  
4HDV 'mismatched base pair' 
# 
loop_
_ndb_struct_na_base_pair.model_number 
_ndb_struct_na_base_pair.i_label_asym_id 
_ndb_struct_na_base_pair.i_label_comp_id 
_ndb_struct_na_base_pair.i_label_seq_id 
_ndb_struct_na_base_pair.i_symmetry 
_ndb_struct_na_base_pair.j_label_asym_id 
_ndb_struct_na_base_pair.j_label_comp_id 
_ndb_struct_na_base_pair.j_label_seq_id 
_ndb_struct_na_base_pair.j_symmetry 
_ndb_struct_na_base_pair.shear 
_ndb_struct_na_base_pair.stretch 
_ndb_struct_na_base_pair.stagger 
_ndb_struct_na_base_pair.buckle 
_ndb_struct_na_base_pair.propeller 
_ndb_struct_na_base_pair.opening 
_ndb_struct_na_base_pair.pair_number 
_ndb_struct_na_base_pair.pair_name 
_ndb_struct_na_base_pair.i_auth_asym_id 
_ndb_struct_na_base_pair.i_auth_seq_id 
_ndb_struct_na_base_pair.i_PDB_ins_code 
_ndb_struct_na_base_pair.j_auth_asym_id 
_ndb_struct_na_base_pair.j_auth_seq_id 
_ndb_struct_na_base_pair.j_PDB_ins_code 
_ndb_struct_na_base_pair.hbond_type_28 
_ndb_struct_na_base_pair.hbond_type_12 
1 B DC 2  1_555 C DG 13 1_555 0.498  -0.196 0.642  -17.190 -6.376  -2.124 1  B_DC2:DG26_C  B 2  ? C 26 ? 19 1 
1 B DC 3  1_555 C DG 12 1_555 0.200  -0.103 0.189  -8.921  -1.050  -1.096 2  B_DC3:DG25_C  B 3  ? C 25 ? 19 1 
1 B DA 4  1_555 C DT 11 1_555 -0.071 -0.158 0.037  -2.237  -11.755 0.066  3  B_DA4:DT24_C  B 4  ? C 24 ? 20 1 
1 B DT 5  1_555 C DA 10 1_555 -0.458 -0.131 -0.220 3.594   -9.376  0.859  4  B_DT5:DA23_C  B 5  ? C 23 ? 20 1 
1 B DG 6  1_555 C DC 9  1_555 -0.842 -0.307 -0.240 3.655   3.825   -0.489 5  B_DG6:DC22_C  B 6  ? C 22 ? 19 1 
1 B DC 8  1_555 C DG 7  1_555 0.163  -0.097 -0.015 -11.505 -5.420  -0.242 6  B_DC8:DG20_C  B 8  ? C 20 ? 19 1 
1 B DT 9  1_555 C DA 6  1_555 -0.074 -0.152 -0.017 -5.127  -9.987  2.428  7  B_DT9:DA19_C  B 9  ? C 19 ? 20 1 
1 B DA 10 1_555 C DT 5  1_555 -0.326 -0.240 0.259  7.482   -17.260 -0.454 8  B_DA10:DT18_C B 10 ? C 18 ? 20 1 
1 B DG 11 1_555 C DC 4  1_555 -0.010 -0.103 0.231  -0.192  -14.104 -0.887 9  B_DG11:DC17_C B 11 ? C 17 ? 19 1 
1 B DT 12 1_555 C DA 3  1_555 0.227  -0.222 0.096  0.329   -7.050  4.108  10 B_DT12:DA16_C B 12 ? C 16 ? 20 1 
1 B DA 13 1_555 C DT 2  1_555 0.214  -0.164 0.266  2.369   -6.447  2.898  11 B_DA13:DT15_C B 13 ? C 15 ? 20 1 
# 
loop_
_ndb_struct_na_base_pair_step.model_number 
_ndb_struct_na_base_pair_step.i_label_asym_id_1 
_ndb_struct_na_base_pair_step.i_label_comp_id_1 
_ndb_struct_na_base_pair_step.i_label_seq_id_1 
_ndb_struct_na_base_pair_step.i_symmetry_1 
_ndb_struct_na_base_pair_step.j_label_asym_id_1 
_ndb_struct_na_base_pair_step.j_label_comp_id_1 
_ndb_struct_na_base_pair_step.j_label_seq_id_1 
_ndb_struct_na_base_pair_step.j_symmetry_1 
_ndb_struct_na_base_pair_step.i_label_asym_id_2 
_ndb_struct_na_base_pair_step.i_label_comp_id_2 
_ndb_struct_na_base_pair_step.i_label_seq_id_2 
_ndb_struct_na_base_pair_step.i_symmetry_2 
_ndb_struct_na_base_pair_step.j_label_asym_id_2 
_ndb_struct_na_base_pair_step.j_label_comp_id_2 
_ndb_struct_na_base_pair_step.j_label_seq_id_2 
_ndb_struct_na_base_pair_step.j_symmetry_2 
_ndb_struct_na_base_pair_step.shift 
_ndb_struct_na_base_pair_step.slide 
_ndb_struct_na_base_pair_step.rise 
_ndb_struct_na_base_pair_step.tilt 
_ndb_struct_na_base_pair_step.roll 
_ndb_struct_na_base_pair_step.twist 
_ndb_struct_na_base_pair_step.x_displacement 
_ndb_struct_na_base_pair_step.y_displacement 
_ndb_struct_na_base_pair_step.helical_rise 
_ndb_struct_na_base_pair_step.inclination 
_ndb_struct_na_base_pair_step.tip 
_ndb_struct_na_base_pair_step.helical_twist 
_ndb_struct_na_base_pair_step.step_number 
_ndb_struct_na_base_pair_step.step_name 
_ndb_struct_na_base_pair_step.i_auth_asym_id_1 
_ndb_struct_na_base_pair_step.i_auth_seq_id_1 
_ndb_struct_na_base_pair_step.i_PDB_ins_code_1 
_ndb_struct_na_base_pair_step.j_auth_asym_id_1 
_ndb_struct_na_base_pair_step.j_auth_seq_id_1 
_ndb_struct_na_base_pair_step.j_PDB_ins_code_1 
_ndb_struct_na_base_pair_step.i_auth_asym_id_2 
_ndb_struct_na_base_pair_step.i_auth_seq_id_2 
_ndb_struct_na_base_pair_step.i_PDB_ins_code_2 
_ndb_struct_na_base_pair_step.j_auth_asym_id_2 
_ndb_struct_na_base_pair_step.j_auth_seq_id_2 
_ndb_struct_na_base_pair_step.j_PDB_ins_code_2 
1 B DC 2  1_555 C DG 13 1_555 B DC 3  1_555 C DG 12 1_555 0.222  -0.751 3.022 5.810  7.729  29.719 -2.721 0.584  2.738 14.590 
-10.967 31.218 1  BB_DC2DC3:DG25DG26_CC   B 2  ? C 26 ? B 3  ? C 25 ? 
1 B DC 3  1_555 C DG 12 1_555 B DA 4  1_555 C DT 11 1_555 -0.413 0.134  3.181 -2.008 3.915  31.889 -0.443 0.394  3.194 7.084  
3.633   32.183 2  BB_DC3DA4:DT24DG25_CC   B 3  ? C 25 ? B 4  ? C 24 ? 
1 B DA 4  1_555 C DT 11 1_555 B DT 5  1_555 C DA 10 1_555 0.054  -0.926 3.136 1.390  1.549  30.862 -2.021 0.155  3.086 2.907  
-2.609  30.930 3  BB_DA4DT5:DA23DT24_CC   B 4  ? C 24 ? B 5  ? C 23 ? 
1 B DT 5  1_555 C DA 10 1_555 B DG 6  1_555 C DC 9  1_555 0.817  0.597  3.372 1.566  8.313  30.553 -0.534 -1.191 3.448 15.408 
-2.903  31.676 4  BB_DT5DG6:DC22DA23_CC   B 5  ? C 23 ? B 6  ? C 22 ? 
1 B DG 6  1_555 C DC 9  1_555 B DC 8  1_555 C DG 7  1_555 -0.398 -1.355 6.991 -9.306 32.939 56.734 -4.098 -0.436 5.566 31.705 
8.957   65.517 5  BB_DG6DC8:DG20DC22_CC   B 6  ? C 22 ? B 8  ? C 20 ? 
1 B DC 8  1_555 C DG 7  1_555 B DT 9  1_555 C DA 6  1_555 -0.403 -0.655 3.282 0.956  3.612  27.499 -2.227 1.069  3.156 7.553  
-2.000  27.747 6  BB_DC8DT9:DA19DG20_CC   B 8  ? C 20 ? B 9  ? C 19 ? 
1 B DT 9  1_555 C DA 6  1_555 B DA 10 1_555 C DT 5  1_555 -0.574 1.161  3.084 -3.286 -2.188 36.832 2.104  0.489  3.050 -3.450 
5.182   37.036 7  BB_DT9DA10:DT18DA19_CC  B 9  ? C 19 ? B 10 ? C 18 ? 
1 B DA 10 1_555 C DT 5  1_555 B DG 11 1_555 C DC 4  1_555 0.569  -0.896 3.515 -0.671 2.460  36.255 -1.802 -1.012 3.438 3.947  
1.076   36.342 8  BB_DA10DG11:DC17DT18_CC B 10 ? C 18 ? B 11 ? C 17 ? 
1 B DG 11 1_555 C DC 4  1_555 B DT 12 1_555 C DA 3  1_555 0.289  -0.352 3.240 2.103  0.478  32.042 -0.722 -0.148 3.246 0.865  
-3.804  32.112 9  BB_DG11DT12:DA16DC17_CC B 11 ? C 17 ? B 12 ? C 16 ? 
1 B DT 12 1_555 C DA 3  1_555 B DA 13 1_555 C DT 2  1_555 -0.059 -0.337 3.164 0.268  5.791  34.672 -1.388 0.136  3.069 9.634  
-0.445  35.139 10 BB_DT12DA13:DT15DA16_CC B 12 ? C 16 ? B 13 ? C 15 ? 
# 
_pdbx_entity_nonpoly.entity_id   4 
_pdbx_entity_nonpoly.name        water 
_pdbx_entity_nonpoly.comp_id     HOH 
# 
_pdbx_initial_refinement_model.id               1 
_pdbx_initial_refinement_model.entity_id_list   ? 
_pdbx_initial_refinement_model.type             'experimental model' 
_pdbx_initial_refinement_model.source_name      PDB 
_pdbx_initial_refinement_model.accession_code   3GVA 
_pdbx_initial_refinement_model.details          'PDB ENTRY 3GVA' 
# 
